data_1HGG
#
_entry.id   1HGG
#
_cell.length_a   162.700
_cell.length_b   162.700
_cell.length_c   177.500
_cell.angle_alpha   90.00
_cell.angle_beta   90.00
_cell.angle_gamma   90.00
#
_symmetry.space_group_name_H-M   'P 41'
#
loop_
_entity.id
_entity.type
_entity.pdbx_description
1 polymer 'HEMAGGLUTININ, CHAIN HA1'
2 polymer 'HEMAGGLUTININ, CHAIN HA2'
3 branched beta-D-mannopyranose-(1-4)-2-acetamido-2-deoxy-beta-D-glucopyranose-(1-4)-2-acetamido-2-deoxy-beta-D-glucopyranose
4 branched 'N-acetyl-alpha-neuraminic acid-(2-3)-beta-D-galactopyranose-(1-4)-beta-D-glucopyranose'
5 non-polymer 2-acetamido-2-deoxy-beta-D-glucopyranose
6 water water
#
loop_
_entity_poly.entity_id
_entity_poly.type
_entity_poly.pdbx_seq_one_letter_code
_entity_poly.pdbx_strand_id
1 'polypeptide(L)'
;QDLPGNDNSTATLCLGHHAVPNGTLVKTITDDQIEVTNATELVQSSSTGKICNNPHRILDGIDCTLIDALLGDPHCDVFQ
NETWDLFVERSKAFSNCYPYDVPDYASLRSLVASSGTLEFITEGFTWTGVTQNGGSNACKRGPGSGFFSRLNWLTKSGST
YPVLNVTMPNNDNFDKLYIWGIHHPSTNQEQTSLYVQASGRVTVSTRRSQQTIIPNIGSRPWVRGLSSRISIYWTIVKPG
DVLVINSNGNLIAPRGYFKMRTGKSSIMRSDAPIDTCISECITPNGSIPNDKPFQNVNKITYGACPKYVKQNTLKLATGM
RNVPEKQT
;
A,C,E
2 'polypeptide(L)'
;GLFGAIAGFIENGWEGMIDGWYGFRHQNSEGTGQAADLKSTQAAIDQINGKLNRVIEKTNEKFHQIEKEFSEVEGRIQDL
EKYVEDTKIDLWSYNAELLVALENQHTIDLTDSEMNKLFEKTRRQLRENAEEMGNGCFKIYHKCDNACIESIRNGTYDHD
VYRDEALNNRFQIKG
;
B,D,F
#
# COMPACT_ATOMS: atom_id res chain seq x y z
N GLN A 1 -1.40 -72.86 -13.92
CA GLN A 1 -1.97 -71.71 -13.27
C GLN A 1 -2.93 -72.59 -12.47
N ASP A 2 -4.23 -72.40 -12.53
CA ASP A 2 -5.19 -73.39 -12.08
C ASP A 2 -5.27 -74.41 -13.23
N LEU A 3 -6.43 -74.92 -13.60
CA LEU A 3 -6.62 -75.77 -14.76
C LEU A 3 -7.62 -74.92 -15.58
N PRO A 4 -8.68 -75.39 -16.28
CA PRO A 4 -9.60 -74.47 -16.96
C PRO A 4 -10.37 -73.53 -16.04
N GLY A 5 -9.74 -72.41 -15.66
CA GLY A 5 -10.36 -71.37 -14.86
C GLY A 5 -11.47 -70.77 -15.71
N ASN A 6 -12.68 -71.26 -15.51
CA ASN A 6 -13.81 -70.92 -16.36
C ASN A 6 -14.83 -69.91 -15.86
N ASP A 7 -14.82 -69.49 -14.58
CA ASP A 7 -15.93 -68.66 -14.10
C ASP A 7 -15.91 -67.24 -14.63
N ASN A 8 -16.51 -67.15 -15.80
CA ASN A 8 -16.64 -65.96 -16.60
C ASN A 8 -17.59 -64.94 -15.95
N SER A 9 -17.31 -64.40 -14.76
CA SER A 9 -18.16 -63.29 -14.36
C SER A 9 -17.34 -62.02 -14.39
N THR A 10 -17.97 -60.89 -14.07
CA THR A 10 -17.32 -59.61 -14.05
C THR A 10 -17.62 -58.90 -12.73
N ALA A 11 -17.01 -57.76 -12.45
CA ALA A 11 -17.28 -56.97 -11.26
C ALA A 11 -17.33 -55.52 -11.70
N THR A 12 -17.84 -54.63 -10.89
CA THR A 12 -17.77 -53.22 -11.21
C THR A 12 -17.19 -52.54 -10.00
N LEU A 13 -16.25 -51.63 -10.21
CA LEU A 13 -15.69 -50.87 -9.13
C LEU A 13 -15.89 -49.42 -9.55
N CYS A 14 -16.48 -48.55 -8.75
CA CYS A 14 -16.66 -47.17 -9.14
C CYS A 14 -15.96 -46.26 -8.17
N LEU A 15 -15.23 -45.26 -8.62
CA LEU A 15 -14.63 -44.34 -7.67
C LEU A 15 -15.53 -43.12 -7.54
N GLY A 16 -15.52 -42.47 -6.40
CA GLY A 16 -16.35 -41.30 -6.22
C GLY A 16 -15.83 -40.46 -5.08
N HIS A 17 -16.55 -39.40 -4.77
CA HIS A 17 -16.13 -38.51 -3.71
C HIS A 17 -17.34 -38.15 -2.87
N HIS A 18 -17.18 -37.67 -1.66
CA HIS A 18 -18.34 -37.32 -0.84
C HIS A 18 -19.09 -36.09 -1.33
N ALA A 19 -20.21 -35.77 -0.71
CA ALA A 19 -20.98 -34.57 -1.01
C ALA A 19 -21.76 -34.33 0.26
N VAL A 20 -22.10 -33.09 0.61
CA VAL A 20 -22.86 -32.83 1.81
C VAL A 20 -24.17 -32.24 1.37
N PRO A 21 -25.26 -32.37 2.12
CA PRO A 21 -26.54 -31.82 1.71
C PRO A 21 -26.51 -30.30 1.71
N ASN A 22 -25.90 -29.74 2.77
CA ASN A 22 -25.79 -28.31 3.02
C ASN A 22 -24.75 -27.60 2.14
N GLY A 23 -23.42 -27.58 2.39
CA GLY A 23 -22.55 -26.89 1.43
C GLY A 23 -22.48 -25.39 1.68
N THR A 24 -21.47 -24.67 1.17
CA THR A 24 -21.31 -23.24 1.41
C THR A 24 -20.84 -22.60 0.16
N LEU A 25 -21.32 -21.42 -0.17
CA LEU A 25 -20.90 -20.79 -1.40
C LEU A 25 -19.61 -20.03 -1.15
N VAL A 26 -18.60 -20.08 -2.02
CA VAL A 26 -17.37 -19.31 -1.88
C VAL A 26 -17.03 -18.57 -3.20
N LYS A 27 -16.16 -17.55 -3.19
CA LYS A 27 -15.83 -16.80 -4.37
C LYS A 27 -14.65 -17.49 -5.01
N THR A 28 -14.40 -17.32 -6.28
CA THR A 28 -13.34 -17.98 -7.01
C THR A 28 -12.77 -16.98 -7.99
N ILE A 29 -11.73 -17.34 -8.74
CA ILE A 29 -11.15 -16.50 -9.77
C ILE A 29 -12.17 -16.43 -10.88
N THR A 30 -12.78 -17.55 -11.26
CA THR A 30 -13.73 -17.59 -12.36
C THR A 30 -15.18 -17.53 -11.99
N ASP A 31 -15.63 -17.73 -10.76
CA ASP A 31 -17.07 -17.66 -10.40
C ASP A 31 -17.10 -16.96 -9.07
N ASP A 32 -18.19 -16.36 -8.63
CA ASP A 32 -18.16 -15.74 -7.32
C ASP A 32 -19.14 -16.36 -6.34
N GLN A 33 -19.91 -17.32 -6.79
CA GLN A 33 -20.57 -18.20 -5.86
C GLN A 33 -20.41 -19.59 -6.41
N ILE A 34 -19.55 -20.40 -5.87
CA ILE A 34 -19.44 -21.77 -6.28
C ILE A 34 -19.64 -22.49 -4.97
N GLU A 35 -20.34 -23.62 -4.91
CA GLU A 35 -20.66 -24.23 -3.62
C GLU A 35 -19.63 -25.29 -3.29
N VAL A 36 -19.09 -25.29 -2.10
CA VAL A 36 -18.11 -26.27 -1.70
C VAL A 36 -18.63 -27.00 -0.48
N THR A 37 -18.04 -28.17 -0.22
CA THR A 37 -18.28 -29.00 0.92
C THR A 37 -18.17 -28.23 2.19
N ASN A 38 -17.24 -27.31 2.35
CA ASN A 38 -17.02 -26.66 3.64
C ASN A 38 -16.16 -25.43 3.47
N ALA A 39 -16.24 -24.41 4.29
CA ALA A 39 -15.43 -23.22 4.13
C ALA A 39 -15.11 -22.70 5.53
N THR A 40 -14.26 -21.70 5.72
CA THR A 40 -13.99 -21.14 7.03
C THR A 40 -13.95 -19.62 6.89
N GLU A 41 -14.34 -18.88 7.91
CA GLU A 41 -14.47 -17.44 7.82
C GLU A 41 -13.17 -16.76 8.19
N LEU A 42 -12.75 -15.80 7.37
CA LEU A 42 -11.48 -15.17 7.64
C LEU A 42 -11.63 -13.77 8.17
N VAL A 43 -12.86 -13.21 8.24
CA VAL A 43 -13.05 -11.86 8.73
C VAL A 43 -13.70 -11.88 10.12
N GLN A 44 -13.00 -11.45 11.16
CA GLN A 44 -13.56 -11.36 12.50
C GLN A 44 -14.46 -10.14 12.51
N SER A 45 -15.73 -10.28 12.82
CA SER A 45 -16.65 -9.16 12.63
C SER A 45 -17.49 -8.79 13.83
N SER A 46 -17.03 -9.09 15.04
CA SER A 46 -17.84 -8.86 16.20
C SER A 46 -16.96 -8.79 17.41
N SER A 47 -17.19 -7.80 18.27
CA SER A 47 -16.41 -7.64 19.46
C SER A 47 -17.14 -8.26 20.64
N THR A 48 -16.41 -8.52 21.71
CA THR A 48 -17.03 -8.98 22.94
C THR A 48 -17.74 -7.78 23.58
N GLY A 49 -17.37 -6.55 23.21
CA GLY A 49 -17.98 -5.38 23.77
C GLY A 49 -17.32 -4.94 25.06
N LYS A 50 -16.26 -5.60 25.48
CA LYS A 50 -15.57 -5.24 26.69
C LYS A 50 -14.09 -5.25 26.45
N ILE A 51 -13.34 -4.36 27.05
CA ILE A 51 -11.90 -4.30 26.87
C ILE A 51 -11.34 -5.17 27.97
N CYS A 52 -10.70 -6.26 27.58
CA CYS A 52 -10.09 -7.15 28.55
C CYS A 52 -8.89 -6.51 29.19
N ASN A 53 -8.76 -6.61 30.51
CA ASN A 53 -7.68 -5.94 31.23
C ASN A 53 -6.39 -6.75 31.32
N ASN A 54 -6.17 -7.63 30.34
CA ASN A 54 -5.01 -8.50 30.34
C ASN A 54 -4.79 -8.94 28.91
N PRO A 55 -3.59 -9.09 28.34
CA PRO A 55 -2.32 -8.87 28.97
C PRO A 55 -1.79 -7.44 29.03
N HIS A 56 -2.42 -6.41 28.46
CA HIS A 56 -1.78 -5.11 28.50
C HIS A 56 -2.20 -4.33 29.73
N ARG A 57 -1.52 -3.27 30.13
CA ARG A 57 -1.91 -2.52 31.29
C ARG A 57 -2.91 -1.48 30.86
N ILE A 58 -4.20 -1.67 31.04
CA ILE A 58 -5.15 -0.68 30.59
C ILE A 58 -5.38 0.32 31.72
N LEU A 59 -5.27 1.63 31.50
CA LEU A 59 -5.48 2.59 32.55
C LEU A 59 -6.77 3.28 32.22
N ASP A 60 -7.84 3.15 33.01
CA ASP A 60 -9.10 3.79 32.65
C ASP A 60 -9.00 5.23 33.11
N GLY A 61 -9.22 6.16 32.21
CA GLY A 61 -9.07 7.56 32.53
C GLY A 61 -10.24 8.13 33.34
N ILE A 62 -11.30 7.35 33.50
CA ILE A 62 -12.53 7.75 34.13
C ILE A 62 -12.96 9.12 33.59
N ASP A 63 -13.10 10.19 34.38
CA ASP A 63 -13.54 11.46 33.84
C ASP A 63 -12.41 12.46 33.69
N CYS A 64 -11.20 11.95 33.48
CA CYS A 64 -10.04 12.76 33.14
C CYS A 64 -9.53 12.46 31.74
N THR A 65 -9.15 13.46 30.95
CA THR A 65 -8.45 13.17 29.72
C THR A 65 -6.97 13.04 30.10
N LEU A 66 -6.10 12.50 29.26
CA LEU A 66 -4.71 12.37 29.64
C LEU A 66 -4.06 13.74 29.89
N ILE A 67 -4.28 14.79 29.09
CA ILE A 67 -3.65 16.11 29.34
C ILE A 67 -4.06 16.66 30.72
N ASP A 68 -5.34 16.58 31.15
CA ASP A 68 -5.74 17.01 32.48
C ASP A 68 -5.06 16.18 33.53
N ALA A 69 -4.87 14.87 33.29
CA ALA A 69 -4.15 14.05 34.23
C ALA A 69 -2.68 14.51 34.36
N LEU A 70 -2.10 14.91 33.23
CA LEU A 70 -0.74 15.38 33.16
C LEU A 70 -0.60 16.68 33.94
N LEU A 71 -1.44 17.68 33.60
CA LEU A 71 -1.37 19.01 34.22
C LEU A 71 -1.71 18.93 35.70
N GLY A 72 -2.61 18.05 36.07
CA GLY A 72 -2.92 17.88 37.47
C GLY A 72 -4.13 18.68 37.89
N ASP A 73 -5.16 18.63 37.03
CA ASP A 73 -6.47 19.15 37.38
C ASP A 73 -6.82 18.46 38.71
N PRO A 74 -7.29 19.14 39.78
CA PRO A 74 -7.63 18.56 41.07
C PRO A 74 -8.33 17.22 40.95
N HIS A 75 -9.36 17.15 40.12
CA HIS A 75 -10.17 15.94 40.08
C HIS A 75 -9.43 14.80 39.42
N CYS A 76 -8.28 15.03 38.80
CA CYS A 76 -7.50 13.98 38.21
C CYS A 76 -6.30 13.64 39.06
N ASP A 77 -6.24 14.10 40.32
CA ASP A 77 -5.06 13.84 41.16
C ASP A 77 -4.78 12.37 41.42
N VAL A 78 -5.80 11.56 41.15
CA VAL A 78 -5.73 10.10 41.23
C VAL A 78 -4.59 9.56 40.38
N PHE A 79 -4.35 10.17 39.21
CA PHE A 79 -3.41 9.64 38.23
C PHE A 79 -1.94 9.97 38.44
N GLN A 80 -1.51 10.60 39.53
CA GLN A 80 -0.12 11.08 39.60
C GLN A 80 0.83 9.91 39.56
N ASN A 81 1.89 10.02 38.78
CA ASN A 81 2.88 8.96 38.64
C ASN A 81 2.31 7.64 38.12
N GLU A 82 1.12 7.64 37.51
CA GLU A 82 0.57 6.41 37.03
C GLU A 82 1.21 6.02 35.69
N THR A 83 1.02 4.80 35.22
CA THR A 83 1.63 4.28 33.99
C THR A 83 0.64 3.41 33.23
N TRP A 84 0.88 3.08 31.96
CA TRP A 84 -0.09 2.36 31.18
C TRP A 84 0.49 1.80 29.89
N ASP A 85 -0.14 0.77 29.39
CA ASP A 85 0.12 0.31 28.05
C ASP A 85 -0.89 0.96 27.16
N LEU A 86 -2.07 1.27 27.66
CA LEU A 86 -3.10 1.87 26.88
C LEU A 86 -3.94 2.71 27.80
N PHE A 87 -3.92 4.03 27.64
CA PHE A 87 -4.74 4.90 28.47
C PHE A 87 -6.08 4.95 27.76
N VAL A 88 -7.21 4.64 28.36
CA VAL A 88 -8.49 4.72 27.67
C VAL A 88 -9.13 6.04 28.03
N GLU A 89 -9.49 6.91 27.10
CA GLU A 89 -10.11 8.18 27.40
C GLU A 89 -11.62 8.09 27.20
N ARG A 90 -12.43 8.59 28.14
CA ARG A 90 -13.87 8.37 28.04
C ARG A 90 -14.62 9.54 27.47
N SER A 91 -15.76 9.36 26.82
CA SER A 91 -16.47 10.48 26.25
C SER A 91 -16.94 11.47 27.31
N LYS A 92 -17.09 10.97 28.53
CA LYS A 92 -17.60 11.72 29.66
C LYS A 92 -16.60 12.59 30.39
N ALA A 93 -15.30 12.50 30.04
CA ALA A 93 -14.27 13.20 30.76
C ALA A 93 -14.52 14.67 30.73
N PHE A 94 -14.17 15.41 31.77
CA PHE A 94 -14.45 16.82 31.79
C PHE A 94 -13.29 17.51 32.45
N SER A 95 -13.06 18.76 32.13
CA SER A 95 -12.02 19.51 32.80
C SER A 95 -12.73 20.39 33.81
N ASN A 96 -12.03 20.72 34.87
CA ASN A 96 -12.66 21.45 35.91
C ASN A 96 -11.65 22.23 36.73
N CYS A 97 -10.77 22.96 36.05
CA CYS A 97 -9.81 23.82 36.73
C CYS A 97 -9.66 25.08 35.90
N TYR A 98 -8.57 25.83 36.01
CA TYR A 98 -8.39 27.08 35.28
C TYR A 98 -8.51 26.86 33.77
N PRO A 99 -9.27 27.64 33.00
CA PRO A 99 -9.40 27.47 31.56
C PRO A 99 -8.05 27.54 30.84
N TYR A 100 -7.66 26.49 30.12
CA TYR A 100 -6.40 26.46 29.41
C TYR A 100 -6.60 26.02 27.97
N ASP A 101 -5.64 26.26 27.11
CA ASP A 101 -5.67 25.71 25.77
C ASP A 101 -4.26 25.23 25.53
N VAL A 102 -4.08 24.31 24.62
CA VAL A 102 -2.76 23.80 24.36
C VAL A 102 -2.60 23.98 22.88
N PRO A 103 -1.69 24.84 22.41
CA PRO A 103 -1.43 25.05 21.01
C PRO A 103 -1.29 23.76 20.23
N ASP A 104 -0.38 22.80 20.48
CA ASP A 104 -0.47 21.61 19.68
C ASP A 104 -0.91 20.48 20.56
N TYR A 105 -2.15 20.58 21.01
CA TYR A 105 -2.75 19.59 21.91
C TYR A 105 -2.50 18.19 21.37
N ALA A 106 -2.76 18.05 20.08
CA ALA A 106 -2.60 16.80 19.40
C ALA A 106 -1.22 16.21 19.55
N SER A 107 -0.15 16.98 19.48
CA SER A 107 1.13 16.38 19.67
C SER A 107 1.41 16.13 21.14
N LEU A 108 1.01 17.03 22.06
CA LEU A 108 1.30 16.81 23.46
C LEU A 108 0.59 15.55 23.92
N ARG A 109 -0.68 15.37 23.58
CA ARG A 109 -1.39 14.16 23.90
C ARG A 109 -0.62 12.98 23.33
N SER A 110 -0.14 13.00 22.09
CA SER A 110 0.58 11.87 21.50
C SER A 110 1.84 11.50 22.27
N LEU A 111 2.64 12.54 22.47
CA LEU A 111 3.92 12.53 23.13
C LEU A 111 3.87 11.82 24.47
N VAL A 112 2.94 12.29 25.33
CA VAL A 112 2.74 11.70 26.63
C VAL A 112 2.18 10.29 26.45
N ALA A 113 1.18 10.13 25.58
CA ALA A 113 0.49 8.87 25.40
C ALA A 113 1.42 7.72 25.14
N SER A 114 2.39 7.90 24.26
CA SER A 114 3.29 6.82 23.98
C SER A 114 4.49 6.75 24.91
N SER A 115 4.78 7.80 25.69
CA SER A 115 5.81 7.67 26.71
C SER A 115 5.29 6.66 27.70
N GLY A 116 4.01 6.74 28.04
CA GLY A 116 3.42 5.76 28.92
C GLY A 116 3.62 5.99 30.41
N THR A 117 4.12 7.15 30.85
CA THR A 117 4.27 7.39 32.25
C THR A 117 4.00 8.84 32.59
N LEU A 118 3.42 9.05 33.76
CA LEU A 118 3.21 10.38 34.28
C LEU A 118 4.09 10.65 35.51
N GLU A 119 5.14 9.81 35.69
CA GLU A 119 6.10 9.95 36.80
C GLU A 119 6.67 11.34 36.81
N PHE A 120 6.45 12.06 37.91
CA PHE A 120 6.92 13.42 38.03
C PHE A 120 7.96 13.51 39.08
N ILE A 121 8.99 14.27 38.80
CA ILE A 121 10.05 14.54 39.76
C ILE A 121 9.95 16.01 40.06
N THR A 122 10.02 16.44 41.31
CA THR A 122 9.91 17.86 41.61
C THR A 122 11.31 18.38 41.67
N GLU A 123 11.61 19.53 41.09
CA GLU A 123 12.95 20.04 41.21
C GLU A 123 12.93 21.37 41.94
N GLY A 124 14.05 21.77 42.53
CA GLY A 124 14.09 22.94 43.37
C GLY A 124 14.22 24.25 42.62
N PHE A 125 13.22 24.67 41.86
CA PHE A 125 13.30 25.96 41.20
C PHE A 125 13.22 27.03 42.26
N THR A 126 14.03 28.08 42.18
CA THR A 126 13.94 29.13 43.15
C THR A 126 13.45 30.41 42.49
N TRP A 127 12.24 30.83 42.76
CA TRP A 127 11.76 32.03 42.12
C TRP A 127 11.98 33.18 43.09
N THR A 128 12.97 34.07 42.89
CA THR A 128 13.15 35.15 43.86
C THR A 128 12.48 36.44 43.42
N GLY A 129 11.61 36.99 44.28
CA GLY A 129 11.04 38.29 43.98
C GLY A 129 9.59 38.23 43.53
N VAL A 130 9.01 37.03 43.46
CA VAL A 130 7.63 36.88 43.04
C VAL A 130 6.88 36.06 44.06
N THR A 131 5.56 36.08 44.00
CA THR A 131 4.71 35.27 44.88
C THR A 131 4.42 33.95 44.18
N GLN A 132 4.55 32.82 44.89
CA GLN A 132 4.33 31.48 44.29
C GLN A 132 2.99 30.86 44.63
N ASN A 133 2.68 29.72 44.05
CA ASN A 133 1.52 28.91 44.38
C ASN A 133 0.19 29.58 44.17
N GLY A 134 0.12 30.52 43.24
CA GLY A 134 -1.16 31.18 42.94
C GLY A 134 -2.20 30.14 42.50
N GLY A 135 -3.47 30.38 42.77
CA GLY A 135 -4.49 29.45 42.39
C GLY A 135 -5.72 30.25 42.07
N SER A 136 -6.84 29.61 41.85
CA SER A 136 -8.03 30.30 41.47
C SER A 136 -9.20 29.50 41.92
N ASN A 137 -10.30 30.21 42.04
CA ASN A 137 -11.53 29.61 42.45
C ASN A 137 -12.11 28.75 41.38
N ALA A 138 -11.61 28.85 40.13
CA ALA A 138 -12.09 27.98 39.07
C ALA A 138 -11.45 26.62 39.11
N CYS A 139 -10.41 26.46 39.93
CA CYS A 139 -9.68 25.20 40.07
C CYS A 139 -9.68 24.88 41.55
N LYS A 140 -10.88 24.63 42.06
CA LYS A 140 -11.06 24.45 43.49
C LYS A 140 -10.28 23.25 44.00
N ARG A 141 -9.37 23.42 44.93
CA ARG A 141 -8.78 22.22 45.49
C ARG A 141 -9.35 22.18 46.89
N GLY A 142 -10.27 21.24 47.02
CA GLY A 142 -11.05 21.09 48.24
C GLY A 142 -11.94 22.32 48.48
N PRO A 143 -11.91 22.92 49.67
CA PRO A 143 -12.69 24.11 49.95
C PRO A 143 -12.10 25.32 49.21
N GLY A 144 -10.76 25.33 49.06
CA GLY A 144 -10.02 26.47 48.58
C GLY A 144 -9.88 26.61 47.09
N SER A 145 -9.31 27.75 46.77
CA SER A 145 -8.92 28.03 45.43
C SER A 145 -7.70 27.16 45.21
N GLY A 146 -7.41 26.73 43.99
CA GLY A 146 -6.23 25.90 43.71
C GLY A 146 -5.83 26.05 42.26
N PHE A 147 -4.92 25.20 41.79
CA PHE A 147 -4.44 25.30 40.44
C PHE A 147 -3.97 23.90 40.07
N PHE A 148 -3.41 23.70 38.88
CA PHE A 148 -2.89 22.41 38.47
C PHE A 148 -1.77 21.97 39.41
N SER A 149 -1.75 20.73 39.89
CA SER A 149 -0.71 20.32 40.81
C SER A 149 0.70 20.40 40.23
N ARG A 150 0.86 20.20 38.91
CA ARG A 150 2.18 20.22 38.37
C ARG A 150 2.68 21.56 37.82
N LEU A 151 1.95 22.66 37.99
CA LEU A 151 2.38 23.95 37.47
C LEU A 151 2.46 24.96 38.62
N ASN A 152 3.16 26.09 38.53
CA ASN A 152 3.31 27.01 39.66
C ASN A 152 3.11 28.47 39.21
N TRP A 153 1.95 29.07 39.50
CA TRP A 153 1.55 30.40 39.01
C TRP A 153 2.25 31.49 39.79
N LEU A 154 3.11 32.25 39.15
CA LEU A 154 3.82 33.26 39.88
C LEU A 154 3.15 34.58 39.58
N THR A 155 3.10 35.40 40.63
CA THR A 155 2.56 36.75 40.58
C THR A 155 3.56 37.69 41.24
N LYS A 156 3.35 39.00 41.23
CA LYS A 156 4.30 39.94 41.81
C LYS A 156 4.43 39.83 43.32
N SER A 157 5.58 40.28 43.86
CA SER A 157 5.69 40.40 45.28
C SER A 157 5.79 41.89 45.60
N GLY A 158 4.80 42.33 46.38
CA GLY A 158 4.68 43.74 46.74
C GLY A 158 4.41 44.58 45.49
N SER A 159 5.45 45.17 44.95
CA SER A 159 5.24 46.08 43.86
C SER A 159 6.10 45.76 42.64
N THR A 160 6.66 44.55 42.63
CA THR A 160 7.56 44.22 41.56
C THR A 160 7.52 42.77 41.16
N TYR A 161 7.72 42.56 39.86
CA TYR A 161 7.91 41.23 39.33
C TYR A 161 9.25 41.41 38.64
N PRO A 162 10.33 40.86 39.17
CA PRO A 162 11.67 40.98 38.62
C PRO A 162 11.82 40.18 37.33
N VAL A 163 12.96 40.26 36.66
CA VAL A 163 13.11 39.41 35.51
C VAL A 163 13.63 38.08 35.99
N LEU A 164 12.79 37.07 35.96
CA LEU A 164 13.19 35.76 36.36
C LEU A 164 14.14 35.18 35.32
N ASN A 165 15.20 34.53 35.79
CA ASN A 165 16.18 33.93 34.90
C ASN A 165 16.70 32.72 35.64
N VAL A 166 16.08 31.54 35.52
CA VAL A 166 16.52 30.37 36.27
C VAL A 166 17.08 29.32 35.36
N THR A 167 17.83 28.35 35.88
CA THR A 167 18.36 27.29 35.04
C THR A 167 18.26 25.96 35.74
N MET A 168 18.06 24.90 34.98
CA MET A 168 17.95 23.57 35.53
C MET A 168 18.67 22.62 34.57
N PRO A 169 19.83 22.11 34.92
CA PRO A 169 20.65 21.21 34.13
C PRO A 169 20.14 19.80 34.02
N ASN A 170 20.18 19.23 32.84
CA ASN A 170 19.81 17.85 32.76
C ASN A 170 21.10 17.09 32.96
N ASN A 171 21.28 16.60 34.17
CA ASN A 171 22.47 15.85 34.47
C ASN A 171 22.29 14.37 34.44
N ASP A 172 21.06 13.89 34.40
CA ASP A 172 20.76 12.48 34.40
C ASP A 172 20.99 11.99 32.99
N ASN A 173 20.79 10.72 32.81
CA ASN A 173 21.06 10.10 31.54
C ASN A 173 19.78 9.85 30.77
N PHE A 174 18.74 10.65 31.00
CA PHE A 174 17.51 10.45 30.25
C PHE A 174 16.93 11.79 29.86
N ASP A 175 15.96 11.79 28.95
CA ASP A 175 15.28 13.00 28.57
C ASP A 175 14.30 13.42 29.65
N LYS A 176 14.14 14.73 29.81
CA LYS A 176 13.24 15.30 30.80
C LYS A 176 12.20 16.10 30.07
N LEU A 177 10.91 15.85 30.23
CA LEU A 177 9.86 16.61 29.59
C LEU A 177 9.40 17.69 30.56
N TYR A 178 9.42 18.98 30.22
CA TYR A 178 8.92 20.03 31.09
C TYR A 178 7.64 20.63 30.54
N ILE A 179 6.55 20.72 31.31
CA ILE A 179 5.30 21.34 30.89
C ILE A 179 5.20 22.71 31.58
N TRP A 180 5.18 23.82 30.84
CA TRP A 180 5.09 25.16 31.42
C TRP A 180 3.98 25.89 30.69
N GLY A 181 3.74 27.18 30.96
CA GLY A 181 2.66 27.88 30.28
C GLY A 181 2.78 29.36 30.49
N ILE A 182 1.79 30.09 29.99
CA ILE A 182 1.77 31.53 30.05
C ILE A 182 0.33 31.90 30.35
N HIS A 183 0.09 32.98 31.09
CA HIS A 183 -1.26 33.43 31.46
C HIS A 183 -1.61 34.63 30.62
N HIS A 184 -2.76 34.58 29.93
CA HIS A 184 -3.23 35.68 29.13
C HIS A 184 -4.28 36.38 29.97
N PRO A 185 -4.06 37.60 30.45
CA PRO A 185 -5.00 38.35 31.27
C PRO A 185 -6.20 38.85 30.48
N SER A 186 -7.32 39.13 31.12
CA SER A 186 -8.46 39.67 30.39
C SER A 186 -8.35 41.15 30.11
N THR A 187 -7.76 41.92 31.02
CA THR A 187 -7.70 43.36 30.91
C THR A 187 -6.28 43.87 31.16
N ASN A 188 -5.94 45.04 30.64
CA ASN A 188 -4.63 45.62 30.90
C ASN A 188 -4.47 45.85 32.39
N GLN A 189 -5.58 46.22 33.04
CA GLN A 189 -5.62 46.39 34.48
C GLN A 189 -5.20 45.08 35.16
N GLU A 190 -5.77 43.94 34.77
CA GLU A 190 -5.39 42.64 35.30
C GLU A 190 -3.89 42.35 35.09
N GLN A 191 -3.38 42.66 33.89
CA GLN A 191 -1.98 42.43 33.57
C GLN A 191 -1.11 43.14 34.58
N THR A 192 -1.43 44.39 34.87
CA THR A 192 -0.59 45.15 35.77
C THR A 192 -0.83 44.76 37.22
N SER A 193 -2.06 44.45 37.60
CA SER A 193 -2.33 44.01 38.96
C SER A 193 -1.50 42.80 39.32
N LEU A 194 -1.37 41.85 38.39
CA LEU A 194 -0.64 40.64 38.70
C LEU A 194 0.83 40.71 38.35
N TYR A 195 1.22 41.21 37.19
CA TYR A 195 2.62 41.13 36.78
C TYR A 195 3.36 42.47 36.66
N VAL A 196 2.71 43.58 37.03
CA VAL A 196 3.27 44.94 37.03
C VAL A 196 3.63 45.42 35.64
N GLN A 197 4.61 44.81 34.95
CA GLN A 197 4.94 45.17 33.58
C GLN A 197 3.69 45.11 32.70
N ALA A 198 3.47 46.03 31.77
CA ALA A 198 2.26 45.94 30.96
C ALA A 198 2.31 44.95 29.81
N SER A 199 3.40 44.21 29.72
CA SER A 199 3.55 43.22 28.67
C SER A 199 4.51 42.16 29.19
N GLY A 200 3.99 40.96 29.40
CA GLY A 200 4.82 39.87 29.84
C GLY A 200 5.60 39.28 28.69
N ARG A 201 6.33 38.22 28.97
CA ARG A 201 7.17 37.57 27.99
C ARG A 201 7.71 36.34 28.69
N VAL A 202 7.67 35.17 28.07
CA VAL A 202 8.25 33.97 28.62
C VAL A 202 9.19 33.43 27.55
N THR A 203 10.44 33.18 27.86
CA THR A 203 11.36 32.58 26.91
C THR A 203 11.92 31.34 27.61
N VAL A 204 11.70 30.15 27.06
CA VAL A 204 12.22 28.91 27.65
C VAL A 204 13.16 28.37 26.57
N SER A 205 14.34 27.93 26.94
CA SER A 205 15.31 27.51 25.96
C SER A 205 16.27 26.48 26.49
N THR A 206 16.96 25.84 25.55
CA THR A 206 18.01 24.89 25.85
C THR A 206 19.20 25.26 24.98
N ARG A 207 20.20 24.43 24.83
CA ARG A 207 21.24 24.77 23.89
C ARG A 207 20.74 24.60 22.48
N ARG A 208 19.81 23.67 22.28
CA ARG A 208 19.29 23.37 20.96
C ARG A 208 18.09 24.18 20.47
N SER A 209 17.38 24.91 21.32
CA SER A 209 16.14 25.54 20.88
C SER A 209 15.74 26.68 21.81
N GLN A 210 14.64 27.38 21.47
CA GLN A 210 14.10 28.44 22.30
C GLN A 210 12.66 28.68 21.90
N GLN A 211 11.81 29.11 22.83
CA GLN A 211 10.44 29.52 22.54
C GLN A 211 10.27 30.79 23.31
N THR A 212 9.75 31.82 22.69
CA THR A 212 9.35 33.01 23.43
C THR A 212 7.89 33.20 23.12
N ILE A 213 7.07 33.28 24.15
CA ILE A 213 5.67 33.51 23.95
C ILE A 213 5.40 34.83 24.65
N ILE A 214 4.56 35.67 24.05
CA ILE A 214 4.16 36.89 24.71
C ILE A 214 2.65 36.71 24.91
N PRO A 215 2.08 37.08 26.08
CA PRO A 215 0.67 36.93 26.39
C PRO A 215 -0.25 37.71 25.47
N ASN A 216 -1.55 37.56 25.59
CA ASN A 216 -2.46 38.28 24.72
C ASN A 216 -3.64 38.69 25.56
N ILE A 217 -3.76 39.97 25.83
CA ILE A 217 -4.77 40.49 26.70
C ILE A 217 -6.08 40.69 25.95
N GLY A 218 -7.20 40.35 26.56
CA GLY A 218 -8.47 40.54 25.89
C GLY A 218 -9.49 39.59 26.48
N SER A 219 -10.76 39.84 26.31
CA SER A 219 -11.73 38.97 26.93
C SER A 219 -12.03 37.77 26.07
N ARG A 220 -12.07 36.61 26.71
CA ARG A 220 -12.56 35.43 26.04
C ARG A 220 -13.88 35.02 26.69
N PRO A 221 -14.56 33.94 26.27
CA PRO A 221 -15.80 33.53 26.88
C PRO A 221 -15.58 33.09 28.29
N TRP A 222 -16.51 33.48 29.14
CA TRP A 222 -16.57 33.07 30.52
C TRP A 222 -16.56 31.54 30.57
N VAL A 223 -15.54 31.00 31.21
CA VAL A 223 -15.41 29.58 31.46
C VAL A 223 -15.01 29.55 32.91
N ARG A 224 -15.87 28.96 33.74
CA ARG A 224 -15.73 28.89 35.18
C ARG A 224 -15.38 30.23 35.85
N GLY A 225 -16.19 31.22 35.49
CA GLY A 225 -16.04 32.54 36.05
C GLY A 225 -14.94 33.34 35.40
N LEU A 226 -14.18 32.79 34.45
CA LEU A 226 -13.07 33.54 33.94
C LEU A 226 -13.08 33.85 32.46
N SER A 227 -12.55 35.00 32.09
CA SER A 227 -12.32 35.34 30.71
C SER A 227 -10.86 35.23 30.34
N SER A 228 -9.99 34.93 31.30
CA SER A 228 -8.60 34.78 30.99
C SER A 228 -8.34 33.34 30.59
N ARG A 229 -7.14 33.00 30.17
CA ARG A 229 -6.80 31.66 29.72
C ARG A 229 -5.34 31.45 30.06
N ILE A 230 -4.90 30.21 30.17
CA ILE A 230 -3.47 30.00 30.16
C ILE A 230 -3.21 29.05 29.00
N SER A 231 -2.12 29.16 28.27
CA SER A 231 -1.83 28.22 27.20
C SER A 231 -0.65 27.39 27.68
N ILE A 232 -0.68 26.08 27.40
CA ILE A 232 0.32 25.11 27.84
C ILE A 232 1.35 24.89 26.75
N TYR A 233 2.63 24.74 27.09
CA TYR A 233 3.71 24.48 26.16
C TYR A 233 4.57 23.38 26.75
N TRP A 234 5.51 22.80 26.02
CA TRP A 234 6.32 21.74 26.58
C TRP A 234 7.73 21.91 26.05
N THR A 235 8.75 21.44 26.75
CA THR A 235 10.14 21.53 26.30
C THR A 235 10.77 20.22 26.70
N ILE A 236 11.48 19.52 25.82
CA ILE A 236 12.16 18.33 26.29
C ILE A 236 13.60 18.74 26.47
N VAL A 237 14.26 18.37 27.56
CA VAL A 237 15.67 18.69 27.77
C VAL A 237 16.41 17.38 27.75
N LYS A 238 17.39 17.27 26.87
CA LYS A 238 18.13 16.03 26.65
C LYS A 238 19.25 15.91 27.65
N PRO A 239 19.85 14.74 27.92
CA PRO A 239 20.93 14.59 28.87
C PRO A 239 22.06 15.51 28.46
N GLY A 240 22.63 16.16 29.44
CA GLY A 240 23.72 17.07 29.21
C GLY A 240 23.27 18.46 28.79
N ASP A 241 21.98 18.68 28.50
CA ASP A 241 21.56 20.01 28.09
C ASP A 241 21.15 20.80 29.30
N VAL A 242 20.55 21.96 29.17
CA VAL A 242 20.22 22.78 30.32
C VAL A 242 19.00 23.58 29.98
N LEU A 243 18.06 23.69 30.90
CA LEU A 243 16.86 24.50 30.67
C LEU A 243 17.12 25.89 31.24
N VAL A 244 16.75 26.96 30.52
CA VAL A 244 16.83 28.30 31.10
C VAL A 244 15.46 28.92 30.92
N ILE A 245 14.80 29.30 32.01
CA ILE A 245 13.47 29.89 31.93
C ILE A 245 13.69 31.33 32.26
N ASN A 246 13.25 32.21 31.39
CA ASN A 246 13.47 33.63 31.58
C ASN A 246 12.16 34.33 31.32
N SER A 247 11.69 35.09 32.29
CA SER A 247 10.43 35.74 32.09
C SER A 247 10.42 37.00 32.89
N ASN A 248 9.51 37.82 32.43
CA ASN A 248 9.35 39.16 32.93
C ASN A 248 7.87 39.40 33.23
N GLY A 249 7.09 38.31 33.31
CA GLY A 249 5.67 38.40 33.61
C GLY A 249 4.87 37.33 32.90
N ASN A 250 3.75 36.98 33.52
CA ASN A 250 2.76 36.04 32.99
C ASN A 250 3.18 34.58 32.93
N LEU A 251 4.33 34.21 33.50
CA LEU A 251 4.79 32.82 33.47
C LEU A 251 4.04 31.95 34.46
N ILE A 252 3.64 30.77 33.97
CA ILE A 252 3.12 29.68 34.78
C ILE A 252 4.32 28.73 34.82
N ALA A 253 5.02 28.64 35.93
CA ALA A 253 6.30 27.94 36.00
C ALA A 253 6.18 26.43 36.16
N PRO A 254 7.11 25.59 35.71
CA PRO A 254 7.05 24.14 35.88
C PRO A 254 7.42 23.78 37.30
N ARG A 255 6.99 22.65 37.89
CA ARG A 255 7.50 22.30 39.25
C ARG A 255 8.58 21.22 39.22
N GLY A 256 8.99 20.79 38.03
CA GLY A 256 9.97 19.74 37.88
C GLY A 256 9.74 19.10 36.52
N TYR A 257 10.08 17.83 36.37
CA TYR A 257 9.97 17.20 35.09
C TYR A 257 9.23 15.92 35.10
N PHE A 258 8.53 15.60 34.02
CA PHE A 258 7.95 14.29 33.81
C PHE A 258 9.04 13.51 33.18
N LYS A 259 9.23 12.25 33.51
CA LYS A 259 10.28 11.57 32.79
C LYS A 259 9.71 10.82 31.63
N MET A 260 10.40 10.84 30.52
CA MET A 260 9.91 10.22 29.32
C MET A 260 10.43 8.84 29.13
N ARG A 261 9.63 7.91 28.63
CA ARG A 261 10.21 6.65 28.20
C ARG A 261 9.78 6.25 26.81
N THR A 262 10.22 5.08 26.37
CA THR A 262 10.01 4.58 25.03
C THR A 262 9.41 3.21 25.15
N GLY A 263 8.20 2.99 24.65
CA GLY A 263 7.58 1.70 24.87
C GLY A 263 6.45 1.46 23.92
N LYS A 264 5.50 0.64 24.30
CA LYS A 264 4.42 0.30 23.41
C LYS A 264 3.14 0.97 23.81
N SER A 265 3.24 2.03 24.58
CA SER A 265 2.06 2.63 25.16
C SER A 265 1.42 3.55 24.17
N SER A 266 0.12 3.67 24.28
CA SER A 266 -0.63 4.52 23.40
C SER A 266 -1.93 4.89 24.14
N ILE A 267 -2.81 5.65 23.51
CA ILE A 267 -4.02 6.10 24.14
C ILE A 267 -5.18 5.67 23.26
N MET A 268 -6.41 5.50 23.75
CA MET A 268 -7.51 5.07 22.90
C MET A 268 -8.78 5.68 23.43
N ARG A 269 -9.64 6.22 22.58
CA ARG A 269 -10.85 6.80 23.10
C ARG A 269 -11.89 5.73 22.94
N SER A 270 -12.55 5.32 24.01
CA SER A 270 -13.51 4.24 24.00
C SER A 270 -14.38 4.35 25.24
N ASP A 271 -15.66 4.04 25.11
CA ASP A 271 -16.53 3.96 26.28
C ASP A 271 -16.84 2.51 26.60
N ALA A 272 -16.10 1.56 26.02
CA ALA A 272 -16.32 0.19 26.34
C ALA A 272 -15.86 -0.11 27.76
N PRO A 273 -16.54 -1.00 28.46
CA PRO A 273 -16.28 -1.46 29.81
C PRO A 273 -14.99 -2.17 29.87
N ILE A 274 -14.21 -2.02 30.94
CA ILE A 274 -13.04 -2.89 31.06
C ILE A 274 -13.50 -4.09 31.88
N ASP A 275 -12.94 -5.24 31.57
CA ASP A 275 -13.39 -6.48 32.16
C ASP A 275 -12.19 -7.35 32.41
N THR A 276 -12.34 -8.42 33.16
CA THR A 276 -11.19 -9.21 33.47
C THR A 276 -11.23 -10.41 32.58
N CYS A 277 -10.40 -10.42 31.56
CA CYS A 277 -10.27 -11.52 30.61
C CYS A 277 -9.01 -11.26 29.86
N ILE A 278 -8.43 -12.25 29.18
CA ILE A 278 -7.14 -11.96 28.57
C ILE A 278 -7.42 -11.92 27.09
N SER A 279 -6.91 -10.90 26.39
CA SER A 279 -7.12 -10.70 24.97
C SER A 279 -6.03 -9.79 24.44
N GLU A 280 -5.27 -10.17 23.42
CA GLU A 280 -4.23 -9.31 22.88
C GLU A 280 -4.68 -8.13 22.05
N CYS A 281 -5.79 -8.23 21.33
CA CYS A 281 -6.22 -7.21 20.41
C CYS A 281 -7.30 -6.34 21.04
N ILE A 282 -7.13 -5.02 21.05
CA ILE A 282 -8.14 -4.11 21.59
C ILE A 282 -8.57 -3.16 20.49
N THR A 283 -9.87 -2.94 20.45
CA THR A 283 -10.56 -2.14 19.48
C THR A 283 -11.39 -1.20 20.33
N PRO A 284 -11.71 0.02 19.98
CA PRO A 284 -12.52 0.87 20.85
C PRO A 284 -13.90 0.26 21.07
N ASN A 285 -14.32 -0.70 20.24
CA ASN A 285 -15.56 -1.47 20.48
C ASN A 285 -15.39 -2.62 21.45
N GLY A 286 -14.21 -2.86 22.04
CA GLY A 286 -14.02 -4.00 22.90
C GLY A 286 -12.97 -4.91 22.31
N SER A 287 -12.50 -5.89 23.02
CA SER A 287 -11.49 -6.77 22.51
C SER A 287 -12.08 -7.74 21.51
N ILE A 288 -11.26 -8.16 20.55
CA ILE A 288 -11.68 -9.09 19.51
C ILE A 288 -10.61 -10.17 19.37
N PRO A 289 -10.98 -11.41 19.03
CA PRO A 289 -10.03 -12.50 18.88
C PRO A 289 -9.24 -12.45 17.59
N ASN A 290 -7.94 -12.62 17.74
CA ASN A 290 -7.04 -12.52 16.59
C ASN A 290 -6.72 -13.87 15.99
N ASP A 291 -7.68 -14.77 16.09
CA ASP A 291 -7.56 -16.09 15.53
C ASP A 291 -7.74 -15.94 14.01
N LYS A 292 -8.62 -15.06 13.51
CA LYS A 292 -8.79 -14.90 12.07
C LYS A 292 -7.77 -13.93 11.49
N PRO A 293 -7.44 -13.90 10.20
CA PRO A 293 -6.46 -12.97 9.64
C PRO A 293 -6.93 -11.55 9.39
N PHE A 294 -8.22 -11.30 9.21
CA PHE A 294 -8.68 -9.96 8.89
C PHE A 294 -9.83 -9.60 9.81
N GLN A 295 -10.11 -8.33 10.08
CA GLN A 295 -11.25 -8.02 10.90
C GLN A 295 -12.00 -6.86 10.30
N ASN A 296 -13.26 -6.74 10.68
CA ASN A 296 -14.10 -5.68 10.20
C ASN A 296 -14.70 -4.91 11.40
N VAL A 297 -14.17 -5.12 12.61
CA VAL A 297 -14.78 -4.46 13.75
C VAL A 297 -14.43 -2.99 13.76
N ASN A 298 -13.16 -2.59 13.69
CA ASN A 298 -12.80 -1.17 13.73
C ASN A 298 -11.37 -0.96 13.24
N LYS A 299 -11.12 0.14 12.49
CA LYS A 299 -9.82 0.46 11.93
C LYS A 299 -8.85 0.93 13.00
N ILE A 300 -9.34 1.27 14.17
CA ILE A 300 -8.52 1.70 15.28
C ILE A 300 -8.22 0.47 16.11
N THR A 301 -6.98 0.07 16.28
CA THR A 301 -6.73 -1.12 17.07
C THR A 301 -5.45 -0.94 17.87
N TYR A 302 -5.22 -1.71 18.95
CA TYR A 302 -3.99 -1.70 19.71
C TYR A 302 -3.67 -3.14 20.05
N GLY A 303 -2.44 -3.63 19.84
CA GLY A 303 -2.10 -4.99 20.19
C GLY A 303 -1.99 -5.92 18.99
N ALA A 304 -1.90 -7.27 19.17
CA ALA A 304 -1.83 -8.22 18.04
C ALA A 304 -3.19 -8.43 17.39
N CYS A 305 -3.52 -7.63 16.38
CA CYS A 305 -4.86 -7.63 15.82
C CYS A 305 -4.94 -8.04 14.36
N PRO A 306 -6.09 -8.53 13.88
CA PRO A 306 -6.22 -8.89 12.50
C PRO A 306 -6.16 -7.61 11.67
N LYS A 307 -5.85 -7.69 10.37
CA LYS A 307 -5.78 -6.51 9.52
C LYS A 307 -7.20 -6.10 9.19
N TYR A 308 -7.52 -4.83 9.42
CA TYR A 308 -8.86 -4.31 9.13
C TYR A 308 -9.10 -4.32 7.64
N VAL A 309 -10.29 -4.66 7.26
CA VAL A 309 -10.63 -4.86 5.87
C VAL A 309 -12.01 -4.27 5.70
N LYS A 310 -12.36 -3.86 4.51
CA LYS A 310 -13.67 -3.28 4.25
C LYS A 310 -14.68 -4.39 4.27
N GLN A 311 -14.38 -5.58 3.78
CA GLN A 311 -15.34 -6.67 3.70
C GLN A 311 -15.84 -7.21 5.03
N ASN A 312 -17.10 -7.56 5.14
CA ASN A 312 -17.48 -8.17 6.40
C ASN A 312 -17.44 -9.67 6.35
N THR A 313 -17.44 -10.32 5.17
CA THR A 313 -17.21 -11.75 5.16
C THR A 313 -16.31 -12.21 4.03
N LEU A 314 -15.32 -13.09 4.31
CA LEU A 314 -14.48 -13.70 3.29
C LEU A 314 -14.24 -15.15 3.69
N LYS A 315 -14.88 -16.06 2.95
CA LYS A 315 -14.82 -17.46 3.26
C LYS A 315 -13.79 -18.20 2.48
N LEU A 316 -12.91 -18.91 3.17
CA LEU A 316 -11.91 -19.70 2.49
C LEU A 316 -12.41 -21.12 2.38
N ALA A 317 -12.63 -21.65 1.18
CA ALA A 317 -13.04 -23.05 1.01
C ALA A 317 -11.99 -23.93 1.63
N THR A 318 -12.49 -24.90 2.38
CA THR A 318 -11.66 -25.93 2.97
C THR A 318 -12.14 -27.28 2.50
N GLY A 319 -12.79 -27.42 1.35
CA GLY A 319 -13.27 -28.71 0.90
C GLY A 319 -13.55 -28.65 -0.57
N MET A 320 -13.81 -29.79 -1.17
CA MET A 320 -14.00 -29.90 -2.60
C MET A 320 -15.29 -29.27 -3.07
N ARG A 321 -15.56 -29.29 -4.37
CA ARG A 321 -16.84 -28.81 -4.85
C ARG A 321 -17.96 -29.71 -4.32
N ASN A 322 -19.12 -29.18 -4.05
CA ASN A 322 -20.21 -29.98 -3.54
C ASN A 322 -21.11 -30.36 -4.70
N VAL A 323 -21.12 -31.61 -5.15
CA VAL A 323 -21.98 -32.03 -6.26
C VAL A 323 -22.94 -33.06 -5.67
N PRO A 324 -24.01 -32.70 -4.94
CA PRO A 324 -24.91 -33.65 -4.29
C PRO A 324 -25.69 -34.60 -5.17
N GLU A 325 -25.95 -35.71 -4.44
CA GLU A 325 -26.47 -37.04 -4.76
C GLU A 325 -27.99 -37.06 -4.58
N LYS A 326 -28.58 -35.85 -4.60
CA LYS A 326 -29.96 -35.42 -4.32
C LYS A 326 -29.61 -34.13 -3.57
N GLN A 327 -30.07 -33.90 -2.33
CA GLN A 327 -29.54 -32.93 -1.39
C GLN A 327 -30.44 -33.08 -0.17
N THR A 328 -30.14 -34.10 0.64
CA THR A 328 -30.90 -34.41 1.86
C THR A 328 -29.96 -35.08 2.86
N GLY B 1 -12.99 -29.20 -12.06
CA GLY B 1 -12.05 -28.09 -12.21
C GLY B 1 -11.08 -28.44 -13.32
N LEU B 2 -9.78 -28.22 -13.14
CA LEU B 2 -8.86 -28.45 -14.23
C LEU B 2 -8.84 -29.88 -14.72
N PHE B 3 -9.13 -30.87 -13.90
CA PHE B 3 -8.93 -32.22 -14.38
C PHE B 3 -10.19 -32.87 -14.89
N GLY B 4 -11.32 -32.29 -14.53
CA GLY B 4 -12.58 -32.77 -15.06
C GLY B 4 -13.07 -34.07 -14.43
N ALA B 5 -12.61 -34.44 -13.23
CA ALA B 5 -13.15 -35.62 -12.60
C ALA B 5 -14.34 -35.16 -11.77
N ILE B 6 -14.13 -34.41 -10.67
CA ILE B 6 -15.20 -33.89 -9.82
C ILE B 6 -16.02 -32.94 -10.66
N ALA B 7 -17.32 -33.13 -10.58
CA ALA B 7 -18.31 -32.40 -11.34
C ALA B 7 -17.93 -32.44 -12.80
N GLY B 8 -17.43 -33.61 -13.22
CA GLY B 8 -16.93 -33.81 -14.54
C GLY B 8 -17.29 -35.22 -14.89
N PHE B 9 -16.30 -36.08 -15.14
CA PHE B 9 -16.63 -37.43 -15.57
C PHE B 9 -17.26 -38.26 -14.48
N ILE B 10 -17.10 -37.84 -13.23
CA ILE B 10 -17.76 -38.49 -12.11
C ILE B 10 -18.95 -37.59 -11.94
N GLU B 11 -20.13 -38.09 -12.25
CA GLU B 11 -21.31 -37.24 -12.32
C GLU B 11 -21.67 -36.45 -11.09
N ASN B 12 -21.45 -37.02 -9.93
CA ASN B 12 -21.81 -36.36 -8.67
C ASN B 12 -21.21 -37.10 -7.51
N GLY B 13 -21.28 -36.47 -6.37
CA GLY B 13 -20.72 -37.01 -5.14
C GLY B 13 -21.70 -37.93 -4.47
N TRP B 14 -21.24 -38.57 -3.42
CA TRP B 14 -22.06 -39.50 -2.69
C TRP B 14 -22.23 -38.93 -1.33
N GLU B 15 -23.44 -38.47 -1.00
CA GLU B 15 -23.71 -37.94 0.35
C GLU B 15 -23.62 -39.09 1.33
N GLY B 16 -23.85 -40.28 0.80
CA GLY B 16 -23.75 -41.48 1.59
C GLY B 16 -22.34 -41.73 2.15
N MET B 17 -21.29 -41.23 1.52
CA MET B 17 -19.98 -41.62 2.01
C MET B 17 -19.62 -40.71 3.17
N ILE B 18 -19.50 -41.26 4.38
CA ILE B 18 -19.27 -40.40 5.54
C ILE B 18 -17.97 -40.70 6.22
N ASP B 19 -17.24 -41.67 5.71
CA ASP B 19 -16.01 -42.11 6.35
C ASP B 19 -14.75 -41.60 5.67
N GLY B 20 -14.84 -40.71 4.67
CA GLY B 20 -13.66 -40.18 4.02
C GLY B 20 -14.08 -39.29 2.88
N TRP B 21 -13.14 -38.74 2.10
CA TRP B 21 -13.53 -37.83 1.04
C TRP B 21 -13.60 -38.48 -0.32
N TYR B 22 -12.80 -39.51 -0.55
CA TYR B 22 -12.82 -40.16 -1.84
C TYR B 22 -12.97 -41.64 -1.51
N GLY B 23 -13.45 -42.47 -2.42
CA GLY B 23 -13.61 -43.86 -2.07
C GLY B 23 -14.23 -44.68 -3.18
N PHE B 24 -14.48 -45.93 -2.83
CA PHE B 24 -14.96 -46.93 -3.76
C PHE B 24 -16.35 -47.48 -3.45
N ARG B 25 -17.18 -47.78 -4.45
CA ARG B 25 -18.40 -48.56 -4.28
C ARG B 25 -18.25 -49.75 -5.23
N HIS B 26 -18.48 -51.01 -4.86
CA HIS B 26 -18.35 -52.13 -5.79
C HIS B 26 -19.65 -52.89 -5.91
N GLN B 27 -19.69 -53.83 -6.83
CA GLN B 27 -20.79 -54.77 -6.91
C GLN B 27 -20.16 -56.07 -7.40
N ASN B 28 -20.12 -57.09 -6.56
CA ASN B 28 -19.42 -58.30 -6.84
C ASN B 28 -20.24 -59.51 -6.39
N SER B 29 -19.57 -60.67 -6.33
CA SER B 29 -20.16 -61.96 -5.95
C SER B 29 -20.94 -61.88 -4.62
N GLU B 30 -20.41 -61.25 -3.57
CA GLU B 30 -21.16 -61.15 -2.34
C GLU B 30 -22.07 -59.92 -2.27
N GLY B 31 -22.30 -59.18 -3.37
CA GLY B 31 -23.21 -58.05 -3.30
C GLY B 31 -22.59 -56.69 -3.58
N THR B 32 -22.99 -55.65 -2.86
CA THR B 32 -22.57 -54.29 -3.16
C THR B 32 -21.95 -53.73 -1.91
N GLY B 33 -20.99 -52.82 -1.98
CA GLY B 33 -20.36 -52.27 -0.81
C GLY B 33 -19.60 -50.98 -1.10
N GLN B 34 -19.37 -50.17 -0.09
CA GLN B 34 -18.72 -48.87 -0.22
C GLN B 34 -17.57 -48.84 0.75
N ALA B 35 -16.57 -47.97 0.57
CA ALA B 35 -15.41 -47.90 1.45
C ALA B 35 -14.62 -46.63 1.13
N ALA B 36 -14.32 -45.76 2.10
CA ALA B 36 -13.55 -44.55 1.81
C ALA B 36 -12.12 -44.89 1.58
N ASP B 37 -11.42 -44.16 0.71
CA ASP B 37 -9.99 -44.37 0.48
C ASP B 37 -9.31 -43.41 1.44
N LEU B 38 -8.51 -43.86 2.38
CA LEU B 38 -7.94 -42.91 3.34
C LEU B 38 -6.67 -42.25 2.90
N LYS B 39 -5.94 -42.77 1.92
CA LYS B 39 -4.72 -42.11 1.47
C LYS B 39 -5.02 -40.85 0.69
N SER B 40 -5.97 -40.87 -0.25
CA SER B 40 -6.28 -39.68 -0.98
C SER B 40 -7.03 -38.73 -0.06
N THR B 41 -7.92 -39.22 0.79
CA THR B 41 -8.55 -38.33 1.75
C THR B 41 -7.54 -37.55 2.60
N GLN B 42 -6.51 -38.24 3.11
CA GLN B 42 -5.48 -37.57 3.88
C GLN B 42 -4.70 -36.60 3.01
N ALA B 43 -4.29 -36.96 1.80
CA ALA B 43 -3.59 -36.08 0.92
C ALA B 43 -4.34 -34.78 0.69
N ALA B 44 -5.64 -34.87 0.37
CA ALA B 44 -6.42 -33.66 0.19
C ALA B 44 -6.47 -32.88 1.48
N ILE B 45 -6.70 -33.53 2.63
CA ILE B 45 -6.83 -32.82 3.90
C ILE B 45 -5.55 -32.12 4.35
N ASP B 46 -4.42 -32.80 4.25
CA ASP B 46 -3.16 -32.23 4.60
C ASP B 46 -2.84 -31.00 3.80
N GLN B 47 -3.08 -30.99 2.49
CA GLN B 47 -2.81 -29.81 1.66
C GLN B 47 -3.69 -28.66 2.07
N ILE B 48 -5.01 -28.87 2.15
CA ILE B 48 -5.92 -27.82 2.59
C ILE B 48 -5.53 -27.32 3.97
N ASN B 49 -5.07 -28.14 4.89
CA ASN B 49 -4.63 -27.61 6.18
C ASN B 49 -3.36 -26.84 6.10
N GLY B 50 -2.46 -27.19 5.18
CA GLY B 50 -1.20 -26.49 5.04
C GLY B 50 -1.51 -25.10 4.60
N LYS B 51 -2.35 -25.04 3.58
CA LYS B 51 -2.85 -23.80 3.01
C LYS B 51 -3.49 -22.98 4.10
N LEU B 52 -4.31 -23.62 4.92
CA LEU B 52 -5.03 -22.97 5.98
C LEU B 52 -4.11 -22.39 7.04
N ASN B 53 -3.06 -23.10 7.44
CA ASN B 53 -2.21 -22.58 8.50
C ASN B 53 -1.40 -21.40 8.03
N ARG B 54 -0.97 -21.39 6.78
CA ARG B 54 -0.14 -20.33 6.27
C ARG B 54 -0.95 -19.03 6.34
N VAL B 55 -2.26 -19.10 6.10
CA VAL B 55 -3.12 -17.93 6.15
C VAL B 55 -3.37 -17.47 7.57
N ILE B 56 -3.21 -18.31 8.56
CA ILE B 56 -3.44 -17.88 9.94
C ILE B 56 -2.13 -17.53 10.70
N GLU B 57 -0.98 -17.61 9.96
CA GLU B 57 0.38 -17.28 10.38
C GLU B 57 0.40 -15.78 10.78
N LYS B 58 0.81 -15.60 12.04
CA LYS B 58 0.96 -14.33 12.79
C LYS B 58 0.32 -13.01 12.34
N THR B 59 -0.61 -12.57 13.19
CA THR B 59 -1.11 -11.22 13.11
C THR B 59 0.07 -10.35 13.55
N ASN B 60 0.44 -9.33 12.83
CA ASN B 60 1.52 -8.48 13.28
C ASN B 60 0.91 -7.52 14.31
N GLU B 61 1.65 -7.11 15.33
CA GLU B 61 1.06 -6.26 16.32
C GLU B 61 1.46 -4.83 16.16
N LYS B 62 0.57 -3.91 16.46
CA LYS B 62 0.86 -2.51 16.28
C LYS B 62 0.43 -1.80 17.54
N PHE B 63 1.24 -0.83 17.97
CA PHE B 63 0.94 -0.09 19.18
C PHE B 63 0.55 1.33 18.81
N HIS B 64 1.29 2.36 19.21
CA HIS B 64 0.91 3.76 18.93
C HIS B 64 0.86 3.99 17.45
N GLN B 65 -0.19 4.55 16.87
CA GLN B 65 -0.25 4.68 15.40
C GLN B 65 -0.64 6.08 14.99
N ILE B 66 -1.53 6.38 14.05
CA ILE B 66 -1.96 7.75 13.86
C ILE B 66 -3.39 7.79 14.35
N GLU B 67 -3.96 8.98 14.54
CA GLU B 67 -5.36 9.14 14.87
C GLU B 67 -6.21 8.84 13.69
N LYS B 68 -7.35 8.23 13.86
CA LYS B 68 -8.16 7.87 12.71
C LYS B 68 -9.60 8.33 12.80
N GLU B 69 -9.85 9.25 13.72
CA GLU B 69 -11.15 9.80 13.99
C GLU B 69 -10.84 11.21 14.51
N PHE B 70 -11.63 12.22 14.12
CA PHE B 70 -11.39 13.61 14.44
C PHE B 70 -12.71 14.30 14.68
N SER B 71 -12.84 15.21 15.63
CA SER B 71 -14.07 15.95 15.81
C SER B 71 -14.07 17.37 15.25
N GLU B 72 -12.92 18.01 14.99
CA GLU B 72 -12.99 19.36 14.46
C GLU B 72 -12.52 19.32 13.01
N VAL B 73 -12.58 20.40 12.25
CA VAL B 73 -12.17 20.39 10.85
C VAL B 73 -10.85 21.11 10.72
N GLU B 74 -9.81 20.43 10.28
CA GLU B 74 -8.53 21.08 10.33
C GLU B 74 -7.90 21.40 9.01
N GLY B 75 -8.27 20.74 7.91
CA GLY B 75 -7.64 21.03 6.63
C GLY B 75 -6.47 20.12 6.24
N ARG B 76 -5.41 20.72 5.72
CA ARG B 76 -4.32 19.99 5.11
C ARG B 76 -3.76 18.78 5.84
N ILE B 77 -3.27 18.93 7.08
CA ILE B 77 -2.70 17.77 7.75
C ILE B 77 -3.77 16.68 8.04
N GLN B 78 -4.99 17.07 8.41
CA GLN B 78 -5.98 16.07 8.74
C GLN B 78 -6.46 15.38 7.46
N ASP B 79 -6.41 16.08 6.33
CA ASP B 79 -6.79 15.48 5.05
C ASP B 79 -5.82 14.38 4.68
N LEU B 80 -4.55 14.54 5.04
CA LEU B 80 -3.52 13.55 4.76
C LEU B 80 -3.64 12.37 5.72
N GLU B 81 -3.92 12.61 6.99
CA GLU B 81 -4.09 11.50 7.92
C GLU B 81 -5.21 10.59 7.47
N LYS B 82 -6.32 11.19 7.05
CA LYS B 82 -7.42 10.41 6.56
C LYS B 82 -7.04 9.68 5.30
N TYR B 83 -6.36 10.32 4.35
CA TYR B 83 -5.96 9.68 3.09
C TYR B 83 -4.95 8.51 3.24
N VAL B 84 -3.97 8.63 4.15
CA VAL B 84 -3.07 7.54 4.36
C VAL B 84 -3.87 6.32 4.82
N GLU B 85 -4.76 6.48 5.78
CA GLU B 85 -5.50 5.34 6.27
C GLU B 85 -6.44 4.78 5.22
N ASP B 86 -7.13 5.63 4.45
CA ASP B 86 -8.08 5.09 3.49
C ASP B 86 -7.35 4.37 2.38
N THR B 87 -6.20 4.90 1.93
CA THR B 87 -5.54 4.14 0.90
C THR B 87 -4.90 2.89 1.53
N LYS B 88 -4.63 2.85 2.86
CA LYS B 88 -4.13 1.61 3.45
C LYS B 88 -5.24 0.58 3.48
N ILE B 89 -6.44 0.96 3.90
CA ILE B 89 -7.54 0.02 3.99
C ILE B 89 -7.90 -0.55 2.64
N ASP B 90 -7.94 0.27 1.60
CA ASP B 90 -8.28 -0.25 0.31
C ASP B 90 -7.25 -1.26 -0.21
N LEU B 91 -5.97 -1.03 0.11
CA LEU B 91 -4.93 -1.95 -0.34
C LEU B 91 -5.03 -3.24 0.41
N TRP B 92 -5.24 -3.19 1.75
CA TRP B 92 -5.41 -4.46 2.44
C TRP B 92 -6.69 -5.18 2.04
N SER B 93 -7.77 -4.47 1.69
CA SER B 93 -9.02 -5.12 1.32
C SER B 93 -8.90 -5.84 0.00
N TYR B 94 -8.12 -5.23 -0.91
CA TYR B 94 -7.82 -5.82 -2.20
C TYR B 94 -7.07 -7.10 -1.98
N ASN B 95 -6.03 -7.04 -1.16
CA ASN B 95 -5.26 -8.23 -0.89
C ASN B 95 -6.13 -9.33 -0.31
N ALA B 96 -7.05 -9.04 0.61
CA ALA B 96 -7.84 -10.13 1.18
C ALA B 96 -8.72 -10.77 0.11
N GLU B 97 -9.39 -9.92 -0.67
CA GLU B 97 -10.29 -10.36 -1.73
C GLU B 97 -9.60 -11.19 -2.82
N LEU B 98 -8.37 -10.84 -3.22
CA LEU B 98 -7.66 -11.65 -4.20
C LEU B 98 -7.11 -12.91 -3.54
N LEU B 99 -6.66 -12.84 -2.29
CA LEU B 99 -6.10 -13.98 -1.62
C LEU B 99 -7.15 -15.05 -1.56
N VAL B 100 -8.38 -14.83 -1.01
CA VAL B 100 -9.33 -15.95 -0.97
C VAL B 100 -9.75 -16.40 -2.38
N ALA B 101 -9.83 -15.50 -3.36
CA ALA B 101 -10.16 -15.91 -4.70
C ALA B 101 -9.13 -16.88 -5.30
N LEU B 102 -7.81 -16.62 -5.16
CA LEU B 102 -6.79 -17.51 -5.68
C LEU B 102 -6.87 -18.81 -4.94
N GLU B 103 -6.78 -18.73 -3.61
CA GLU B 103 -6.85 -19.90 -2.76
C GLU B 103 -8.01 -20.84 -3.12
N ASN B 104 -9.22 -20.27 -3.32
CA ASN B 104 -10.40 -21.05 -3.52
C ASN B 104 -10.35 -21.78 -4.83
N GLN B 105 -9.88 -21.08 -5.82
CA GLN B 105 -9.75 -21.65 -7.15
C GLN B 105 -8.79 -22.84 -7.07
N HIS B 106 -7.68 -22.64 -6.37
CA HIS B 106 -6.69 -23.68 -6.22
C HIS B 106 -7.24 -24.86 -5.43
N THR B 107 -8.06 -24.64 -4.40
CA THR B 107 -8.57 -25.75 -3.62
C THR B 107 -9.48 -26.57 -4.48
N ILE B 108 -10.37 -25.96 -5.27
CA ILE B 108 -11.21 -26.77 -6.13
C ILE B 108 -10.36 -27.54 -7.14
N ASP B 109 -9.25 -26.98 -7.67
CA ASP B 109 -8.48 -27.76 -8.62
C ASP B 109 -7.68 -28.85 -7.95
N LEU B 110 -7.12 -28.58 -6.78
CA LEU B 110 -6.35 -29.53 -5.98
C LEU B 110 -7.19 -30.75 -5.63
N THR B 111 -8.43 -30.57 -5.19
CA THR B 111 -9.27 -31.71 -4.85
C THR B 111 -9.72 -32.47 -6.12
N ASP B 112 -9.94 -31.75 -7.22
CA ASP B 112 -10.25 -32.37 -8.50
C ASP B 112 -9.07 -33.26 -8.93
N SER B 113 -7.85 -32.75 -8.67
CA SER B 113 -6.61 -33.44 -8.92
C SER B 113 -6.57 -34.75 -8.17
N GLU B 114 -6.71 -34.72 -6.83
CA GLU B 114 -6.66 -35.93 -6.03
C GLU B 114 -7.66 -36.99 -6.48
N MET B 115 -8.88 -36.59 -6.87
CA MET B 115 -9.87 -37.54 -7.34
C MET B 115 -9.32 -38.22 -8.56
N ASN B 116 -8.94 -37.41 -9.53
CA ASN B 116 -8.41 -37.92 -10.76
C ASN B 116 -7.17 -38.76 -10.51
N LYS B 117 -6.28 -38.40 -9.59
CA LYS B 117 -5.11 -39.22 -9.31
C LYS B 117 -5.51 -40.59 -8.77
N LEU B 118 -6.54 -40.70 -7.93
CA LEU B 118 -6.97 -41.98 -7.39
C LEU B 118 -7.50 -42.81 -8.53
N PHE B 119 -8.24 -42.17 -9.43
CA PHE B 119 -8.76 -42.88 -10.57
C PHE B 119 -7.59 -43.46 -11.35
N GLU B 120 -6.60 -42.67 -11.71
CA GLU B 120 -5.45 -43.11 -12.47
C GLU B 120 -4.68 -44.20 -11.82
N LYS B 121 -4.58 -44.11 -10.52
CA LYS B 121 -3.85 -45.09 -9.74
C LYS B 121 -4.59 -46.41 -9.85
N THR B 122 -5.92 -46.43 -9.66
CA THR B 122 -6.66 -47.68 -9.79
C THR B 122 -6.58 -48.20 -11.22
N ARG B 123 -6.65 -47.34 -12.25
CA ARG B 123 -6.54 -47.75 -13.63
C ARG B 123 -5.25 -48.54 -13.84
N ARG B 124 -4.14 -47.91 -13.47
CA ARG B 124 -2.83 -48.49 -13.63
C ARG B 124 -2.68 -49.86 -13.01
N GLN B 125 -3.31 -50.05 -11.86
CA GLN B 125 -3.26 -51.28 -11.10
C GLN B 125 -3.99 -52.41 -11.78
N LEU B 126 -5.20 -52.11 -12.29
CA LEU B 126 -6.01 -53.12 -12.95
C LEU B 126 -5.44 -53.59 -14.27
N ARG B 127 -4.50 -52.87 -14.89
CA ARG B 127 -3.87 -53.34 -16.12
C ARG B 127 -4.82 -53.81 -17.23
N GLU B 128 -4.59 -54.93 -17.91
CA GLU B 128 -5.43 -55.37 -19.00
C GLU B 128 -6.71 -56.02 -18.55
N ASN B 129 -7.02 -56.04 -17.26
CA ASN B 129 -8.14 -56.82 -16.76
C ASN B 129 -9.42 -56.02 -16.59
N ALA B 130 -9.40 -54.72 -16.83
CA ALA B 130 -10.62 -53.97 -16.68
C ALA B 130 -10.70 -52.91 -17.75
N GLU B 131 -11.90 -52.41 -17.96
CA GLU B 131 -12.11 -51.35 -18.90
C GLU B 131 -12.83 -50.19 -18.24
N GLU B 132 -12.45 -49.00 -18.63
CA GLU B 132 -13.07 -47.82 -18.06
C GLU B 132 -14.40 -47.56 -18.70
N MET B 133 -15.49 -47.70 -17.95
CA MET B 133 -16.80 -47.37 -18.45
C MET B 133 -17.00 -45.86 -18.64
N GLY B 134 -15.99 -45.02 -18.40
CA GLY B 134 -16.12 -43.60 -18.70
C GLY B 134 -16.93 -42.74 -17.73
N ASN B 135 -17.35 -43.28 -16.61
CA ASN B 135 -18.06 -42.47 -15.63
C ASN B 135 -17.38 -42.73 -14.32
N GLY B 136 -16.06 -42.97 -14.34
CA GLY B 136 -15.38 -43.27 -13.09
C GLY B 136 -15.62 -44.70 -12.58
N CYS B 137 -16.27 -45.60 -13.33
CA CYS B 137 -16.36 -46.99 -12.92
C CYS B 137 -15.60 -47.92 -13.84
N PHE B 138 -14.82 -48.81 -13.28
CA PHE B 138 -14.18 -49.82 -14.09
C PHE B 138 -15.04 -51.06 -14.13
N LYS B 139 -15.18 -51.63 -15.32
CA LYS B 139 -15.78 -52.93 -15.49
C LYS B 139 -14.63 -53.91 -15.32
N ILE B 140 -14.59 -54.70 -14.26
CA ILE B 140 -13.53 -55.69 -14.08
C ILE B 140 -13.95 -56.98 -14.81
N TYR B 141 -13.14 -57.56 -15.70
CA TYR B 141 -13.56 -58.71 -16.49
C TYR B 141 -13.09 -60.06 -15.98
N HIS B 142 -13.38 -60.38 -14.73
CA HIS B 142 -12.98 -61.68 -14.18
C HIS B 142 -13.67 -61.82 -12.85
N LYS B 143 -13.76 -63.02 -12.26
CA LYS B 143 -14.49 -63.15 -11.00
C LYS B 143 -13.76 -62.38 -9.91
N CYS B 144 -14.38 -61.41 -9.30
CA CYS B 144 -13.66 -60.68 -8.27
C CYS B 144 -14.46 -60.61 -7.00
N ASP B 145 -14.16 -61.54 -6.08
CA ASP B 145 -14.84 -61.60 -4.80
C ASP B 145 -14.40 -60.43 -3.93
N ASN B 146 -14.93 -60.38 -2.72
CA ASN B 146 -14.65 -59.27 -1.83
C ASN B 146 -13.19 -59.14 -1.47
N ALA B 147 -12.41 -60.21 -1.43
CA ALA B 147 -11.01 -60.05 -1.08
C ALA B 147 -10.28 -59.49 -2.28
N CYS B 148 -10.77 -59.84 -3.47
CA CYS B 148 -10.22 -59.27 -4.69
C CYS B 148 -10.47 -57.78 -4.64
N ILE B 149 -11.72 -57.33 -4.48
CA ILE B 149 -12.00 -55.90 -4.36
C ILE B 149 -11.12 -55.26 -3.29
N GLU B 150 -10.95 -55.88 -2.12
CA GLU B 150 -10.09 -55.31 -1.10
C GLU B 150 -8.65 -55.25 -1.56
N SER B 151 -8.12 -56.18 -2.35
CA SER B 151 -6.73 -56.03 -2.78
C SER B 151 -6.55 -54.85 -3.74
N ILE B 152 -7.58 -54.49 -4.54
CA ILE B 152 -7.50 -53.34 -5.44
C ILE B 152 -7.45 -52.11 -4.57
N ARG B 153 -8.33 -52.07 -3.58
CA ARG B 153 -8.41 -50.94 -2.67
C ARG B 153 -7.13 -50.75 -1.89
N ASN B 154 -6.61 -51.77 -1.23
CA ASN B 154 -5.38 -51.61 -0.47
C ASN B 154 -4.13 -51.76 -1.32
N GLY B 155 -4.26 -51.80 -2.64
CA GLY B 155 -3.11 -51.72 -3.52
C GLY B 155 -2.22 -52.93 -3.65
N THR B 156 -2.74 -54.11 -3.38
CA THR B 156 -1.92 -55.30 -3.53
C THR B 156 -2.44 -56.18 -4.68
N TYR B 157 -3.37 -55.69 -5.51
CA TYR B 157 -3.97 -56.53 -6.53
C TYR B 157 -2.94 -57.03 -7.54
N ASP B 158 -2.81 -58.35 -7.72
CA ASP B 158 -1.88 -58.85 -8.73
C ASP B 158 -2.60 -59.14 -10.01
N HIS B 159 -2.36 -58.32 -11.03
CA HIS B 159 -3.10 -58.45 -12.25
C HIS B 159 -2.81 -59.76 -12.92
N ASP B 160 -1.61 -60.28 -12.75
CA ASP B 160 -1.23 -61.49 -13.46
C ASP B 160 -2.12 -62.66 -13.14
N VAL B 161 -2.42 -62.76 -11.84
CA VAL B 161 -3.31 -63.78 -11.30
C VAL B 161 -4.58 -63.87 -12.11
N TYR B 162 -5.05 -62.80 -12.75
CA TYR B 162 -6.31 -62.89 -13.49
C TYR B 162 -6.17 -62.51 -14.96
N ARG B 163 -4.96 -62.33 -15.46
CA ARG B 163 -4.83 -61.81 -16.79
C ARG B 163 -5.48 -62.70 -17.86
N ASP B 164 -5.30 -64.02 -17.81
CA ASP B 164 -5.84 -64.88 -18.86
C ASP B 164 -7.34 -64.96 -18.77
N GLU B 165 -7.88 -65.02 -17.56
CA GLU B 165 -9.33 -65.04 -17.40
C GLU B 165 -9.91 -63.76 -17.94
N ALA B 166 -9.36 -62.62 -17.52
CA ALA B 166 -9.78 -61.33 -18.00
C ALA B 166 -9.64 -61.20 -19.51
N LEU B 167 -8.48 -61.51 -20.13
CA LEU B 167 -8.30 -61.31 -21.55
C LEU B 167 -9.26 -62.16 -22.37
N ASN B 168 -9.63 -63.32 -21.87
CA ASN B 168 -10.57 -64.16 -22.56
C ASN B 168 -11.97 -63.55 -22.60
N ASN B 169 -12.43 -63.18 -21.40
CA ASN B 169 -13.72 -62.50 -21.16
C ASN B 169 -13.87 -61.20 -21.95
N ARG B 170 -12.75 -60.49 -22.06
CA ARG B 170 -12.73 -59.17 -22.61
C ARG B 170 -12.66 -59.17 -24.11
N PHE B 171 -11.74 -59.93 -24.68
CA PHE B 171 -11.59 -59.91 -26.10
C PHE B 171 -12.32 -61.07 -26.74
N GLN B 172 -11.75 -62.27 -26.70
CA GLN B 172 -12.25 -63.44 -27.42
C GLN B 172 -13.71 -63.43 -27.88
N ILE B 173 -14.65 -63.32 -26.93
CA ILE B 173 -16.10 -63.34 -27.17
C ILE B 173 -16.57 -63.84 -28.53
N LYS B 174 -16.68 -63.02 -29.58
CA LYS B 174 -17.17 -63.51 -30.86
C LYS B 174 -16.81 -62.53 -31.97
N GLY B 175 -15.76 -61.76 -31.73
CA GLY B 175 -15.31 -60.77 -32.68
C GLY B 175 -13.94 -60.32 -32.22
N GLN C 1 -25.49 -61.19 -34.02
CA GLN C 1 -26.15 -59.93 -33.81
C GLN C 1 -26.31 -59.61 -35.28
N ASP C 2 -25.77 -58.54 -35.84
CA ASP C 2 -25.83 -58.32 -37.27
C ASP C 2 -25.09 -59.40 -38.04
N LEU C 3 -25.40 -59.41 -39.32
CA LEU C 3 -24.89 -60.39 -40.27
C LEU C 3 -23.57 -59.92 -40.87
N PRO C 4 -22.89 -60.67 -41.76
CA PRO C 4 -21.62 -60.29 -42.37
C PRO C 4 -21.47 -58.88 -42.95
N GLY C 5 -20.75 -58.07 -42.18
CA GLY C 5 -20.27 -56.79 -42.65
C GLY C 5 -19.12 -57.14 -43.59
N ASN C 6 -19.48 -57.36 -44.87
CA ASN C 6 -18.56 -57.71 -45.96
C ASN C 6 -17.35 -56.79 -45.98
N ASP C 7 -17.61 -55.49 -45.97
CA ASP C 7 -16.56 -54.52 -45.90
C ASP C 7 -16.40 -54.16 -44.43
N ASN C 8 -15.15 -53.94 -44.06
CA ASN C 8 -14.73 -53.62 -42.71
C ASN C 8 -13.59 -52.64 -42.92
N SER C 9 -14.01 -51.41 -42.77
CA SER C 9 -13.23 -50.22 -43.03
C SER C 9 -12.95 -49.52 -41.70
N THR C 10 -12.32 -48.36 -41.74
CA THR C 10 -12.00 -47.60 -40.57
C THR C 10 -12.44 -46.16 -40.78
N ALA C 11 -12.34 -45.31 -39.77
CA ALA C 11 -12.65 -43.89 -39.88
C ALA C 11 -11.59 -43.14 -39.12
N THR C 12 -11.46 -41.85 -39.27
CA THR C 12 -10.54 -41.09 -38.47
C THR C 12 -11.34 -39.95 -37.92
N LEU C 13 -11.17 -39.63 -36.65
CA LEU C 13 -11.81 -38.51 -36.05
C LEU C 13 -10.68 -37.72 -35.42
N CYS C 14 -10.54 -36.44 -35.64
CA CYS C 14 -9.46 -35.68 -35.05
C CYS C 14 -10.02 -34.55 -34.24
N LEU C 15 -9.54 -34.29 -33.05
CA LEU C 15 -10.04 -33.15 -32.30
C LEU C 15 -9.08 -32.00 -32.50
N GLY C 16 -9.57 -30.77 -32.42
CA GLY C 16 -8.68 -29.64 -32.57
C GLY C 16 -9.30 -28.40 -31.99
N HIS C 17 -8.64 -27.27 -32.14
CA HIS C 17 -9.14 -26.03 -31.59
C HIS C 17 -8.97 -24.95 -32.62
N HIS C 18 -9.66 -23.82 -32.53
CA HIS C 18 -9.51 -22.77 -33.52
C HIS C 18 -8.18 -22.05 -33.47
N ALA C 19 -7.91 -21.17 -34.39
CA ALA C 19 -6.73 -20.32 -34.40
C ALA C 19 -7.13 -19.12 -35.24
N VAL C 20 -6.57 -17.95 -35.01
CA VAL C 20 -6.94 -16.77 -35.76
C VAL C 20 -5.69 -16.34 -36.47
N PRO C 21 -5.76 -15.68 -37.59
CA PRO C 21 -4.57 -15.26 -38.31
C PRO C 21 -3.82 -14.18 -37.56
N ASN C 22 -4.57 -13.23 -37.00
CA ASN C 22 -4.06 -12.09 -36.26
C ASN C 22 -3.59 -12.40 -34.84
N GLY C 23 -4.38 -12.55 -33.78
CA GLY C 23 -3.78 -12.89 -32.48
C GLY C 23 -3.22 -11.68 -31.73
N THR C 24 -2.97 -11.74 -30.43
CA THR C 24 -2.51 -10.59 -29.67
C THR C 24 -1.50 -11.09 -28.69
N LEU C 25 -0.44 -10.36 -28.43
CA LEU C 25 0.54 -10.83 -27.47
C LEU C 25 0.11 -10.43 -26.07
N VAL C 26 0.22 -11.28 -25.04
CA VAL C 26 -0.07 -10.93 -23.66
C VAL C 26 1.06 -11.35 -22.75
N LYS C 27 1.15 -10.82 -21.52
CA LYS C 27 2.22 -11.17 -20.58
C LYS C 27 1.75 -12.35 -19.77
N THR C 28 2.64 -13.14 -19.21
CA THR C 28 2.28 -14.34 -18.47
C THR C 28 3.21 -14.41 -17.26
N ILE C 29 3.04 -15.44 -16.41
CA ILE C 29 3.94 -15.67 -15.28
C ILE C 29 5.26 -16.13 -15.85
N THR C 30 5.25 -17.02 -16.83
CA THR C 30 6.47 -17.54 -17.40
C THR C 30 6.95 -16.91 -18.69
N ASP C 31 6.18 -16.13 -19.44
CA ASP C 31 6.65 -15.52 -20.69
C ASP C 31 6.09 -14.13 -20.67
N ASP C 32 6.63 -13.16 -21.40
CA ASP C 32 5.99 -11.85 -21.36
C ASP C 32 5.45 -11.41 -22.72
N GLN C 33 5.67 -12.19 -23.75
CA GLN C 33 4.88 -12.04 -24.93
C GLN C 33 4.46 -13.44 -25.36
N ILE C 34 3.25 -13.86 -25.13
CA ILE C 34 2.80 -15.13 -25.63
C ILE C 34 1.60 -14.72 -26.46
N GLU C 35 1.34 -15.33 -27.62
CA GLU C 35 0.26 -14.84 -28.47
C GLU C 35 -1.03 -15.59 -28.18
N VAL C 36 -2.15 -14.92 -28.01
CA VAL C 36 -3.39 -15.57 -27.74
C VAL C 36 -4.37 -15.15 -28.82
N THR C 37 -5.42 -15.93 -28.99
CA THR C 37 -6.56 -15.71 -29.82
C THR C 37 -7.11 -14.34 -29.63
N ASN C 38 -7.21 -13.79 -28.43
CA ASN C 38 -7.90 -12.53 -28.23
C ASN C 38 -7.57 -11.97 -26.86
N ALA C 39 -7.58 -10.67 -26.63
CA ALA C 39 -7.29 -10.14 -25.32
C ALA C 39 -8.17 -8.90 -25.11
N THR C 40 -8.21 -8.26 -23.94
CA THR C 40 -9.00 -7.08 -23.72
C THR C 40 -8.15 -6.11 -22.91
N GLU C 41 -8.29 -4.81 -23.12
CA GLU C 41 -7.43 -3.81 -22.48
C GLU C 41 -7.97 -3.40 -21.14
N LEU C 42 -7.11 -3.36 -20.13
CA LEU C 42 -7.59 -3.03 -18.83
C LEU C 42 -7.19 -1.65 -18.39
N VAL C 43 -6.38 -0.92 -19.16
CA VAL C 43 -5.94 0.42 -18.76
C VAL C 43 -6.63 1.46 -19.62
N GLN C 44 -7.48 2.29 -19.05
CA GLN C 44 -8.12 3.38 -19.81
C GLN C 44 -7.07 4.48 -19.96
N SER C 45 -6.75 4.87 -21.19
CA SER C 45 -5.60 5.75 -21.38
C SER C 45 -5.84 7.01 -22.19
N SER C 46 -7.06 7.50 -22.19
CA SER C 46 -7.38 8.63 -23.01
C SER C 46 -8.64 9.28 -22.52
N SER C 47 -8.63 10.61 -22.43
CA SER C 47 -9.78 11.33 -21.96
C SER C 47 -10.58 11.86 -23.12
N THR C 48 -11.83 12.22 -22.87
CA THR C 48 -12.63 12.85 -23.89
C THR C 48 -12.13 14.29 -24.07
N GLY C 49 -11.43 14.83 -23.08
CA GLY C 49 -10.93 16.17 -23.16
C GLY C 49 -11.94 17.18 -22.66
N LYS C 50 -13.10 16.74 -22.17
CA LYS C 50 -14.10 17.66 -21.68
C LYS C 50 -14.67 17.14 -20.39
N ILE C 51 -14.98 18.01 -19.47
CA ILE C 51 -15.53 17.62 -18.18
C ILE C 51 -17.03 17.57 -18.39
N CYS C 52 -17.63 16.40 -18.31
CA CYS C 52 -19.06 16.28 -18.44
C CYS C 52 -19.76 16.89 -17.25
N ASN C 53 -20.81 17.65 -17.50
CA ASN C 53 -21.54 18.34 -16.44
C ASN C 53 -22.62 17.52 -15.74
N ASN C 54 -22.48 16.21 -15.76
CA ASN C 54 -23.47 15.32 -15.20
C ASN C 54 -22.78 14.00 -14.91
N PRO C 55 -23.04 13.24 -13.85
CA PRO C 55 -24.00 13.52 -12.80
C PRO C 55 -23.57 14.44 -11.67
N HIS C 56 -22.32 14.94 -11.60
CA HIS C 56 -21.99 15.74 -10.42
C HIS C 56 -22.27 17.21 -10.68
N ARG C 57 -22.36 18.07 -9.65
CA ARG C 57 -22.62 19.46 -9.88
C ARG C 57 -21.30 20.15 -10.11
N ILE C 58 -20.93 20.44 -11.35
CA ILE C 58 -19.64 21.07 -11.57
C ILE C 58 -19.81 22.58 -11.52
N LEU C 59 -19.04 23.32 -10.73
CA LEU C 59 -19.18 24.76 -10.66
C LEU C 59 -17.96 25.35 -11.33
N ASP C 60 -18.07 26.00 -12.49
CA ASP C 60 -16.89 26.52 -13.17
C ASP C 60 -16.50 27.82 -12.50
N GLY C 61 -15.29 27.93 -12.01
CA GLY C 61 -14.89 29.11 -11.26
C GLY C 61 -14.63 30.31 -12.15
N ILE C 62 -14.63 30.11 -13.47
CA ILE C 62 -14.26 31.11 -14.45
C ILE C 62 -12.96 31.82 -14.02
N ASP C 63 -12.89 33.14 -13.80
CA ASP C 63 -11.66 33.77 -13.42
C ASP C 63 -11.57 34.12 -11.94
N CYS C 64 -12.28 33.33 -11.11
CA CYS C 64 -12.19 33.43 -9.66
C CYS C 64 -11.59 32.16 -9.08
N THR C 65 -10.73 32.25 -8.09
CA THR C 65 -10.33 31.07 -7.36
C THR C 65 -11.40 30.89 -6.27
N LEU C 66 -11.53 29.73 -5.62
CA LEU C 66 -12.53 29.57 -4.58
C LEU C 66 -12.30 30.53 -3.42
N ILE C 67 -11.09 30.81 -2.92
CA ILE C 67 -10.91 31.76 -1.79
C ILE C 67 -11.41 33.16 -2.18
N ASP C 68 -11.13 33.67 -3.40
CA ASP C 68 -11.66 34.97 -3.81
C ASP C 68 -13.17 34.93 -3.87
N ALA C 69 -13.76 33.84 -4.33
CA ALA C 69 -15.19 33.71 -4.34
C ALA C 69 -15.74 33.77 -2.91
N LEU C 70 -15.03 33.15 -1.96
CA LEU C 70 -15.41 33.11 -0.55
C LEU C 70 -15.33 34.51 0.04
N LEU C 71 -14.18 35.19 -0.11
CA LEU C 71 -13.99 36.53 0.45
C LEU C 71 -14.92 37.55 -0.19
N GLY C 72 -15.19 37.40 -1.48
CA GLY C 72 -16.11 38.27 -2.14
C GLY C 72 -15.42 39.40 -2.85
N ASP C 73 -14.36 39.04 -3.56
CA ASP C 73 -13.70 39.94 -4.49
C ASP C 73 -14.81 40.42 -5.42
N PRO C 74 -14.99 41.72 -5.73
CA PRO C 74 -16.03 42.24 -6.59
C PRO C 74 -16.29 41.38 -7.80
N HIS C 75 -15.24 41.03 -8.53
CA HIS C 75 -15.45 40.32 -9.79
C HIS C 75 -15.94 38.90 -9.58
N CYS C 76 -15.95 38.38 -8.36
CA CYS C 76 -16.42 37.07 -8.07
C CYS C 76 -17.77 37.14 -7.40
N ASP C 77 -18.47 38.28 -7.44
CA ASP C 77 -19.75 38.37 -6.74
C ASP C 77 -20.82 37.43 -7.30
N VAL C 78 -20.57 36.92 -8.51
CA VAL C 78 -21.40 35.93 -9.16
C VAL C 78 -21.63 34.72 -8.27
N PHE C 79 -20.61 34.31 -7.52
CA PHE C 79 -20.65 33.06 -6.76
C PHE C 79 -21.33 33.10 -5.40
N GLN C 80 -21.99 34.18 -4.97
CA GLN C 80 -22.46 34.21 -3.60
C GLN C 80 -23.48 33.13 -3.36
N ASN C 81 -23.38 32.44 -2.23
CA ASN C 81 -24.31 31.37 -1.88
C ASN C 81 -24.35 30.23 -2.91
N GLU C 82 -23.32 30.12 -3.76
CA GLU C 82 -23.27 29.04 -4.72
C GLU C 82 -22.90 27.71 -4.06
N THR C 83 -23.10 26.58 -4.74
CA THR C 83 -22.80 25.25 -4.19
C THR C 83 -22.21 24.36 -5.27
N TRP C 84 -21.60 23.22 -4.94
CA TRP C 84 -20.95 22.41 -5.94
C TRP C 84 -20.61 21.04 -5.43
N ASP C 85 -20.45 20.12 -6.36
CA ASP C 85 -19.87 18.85 -6.06
C ASP C 85 -18.39 18.93 -6.39
N LEU C 86 -18.06 19.76 -7.37
CA LEU C 86 -16.69 19.90 -7.78
C LEU C 86 -16.50 21.33 -8.26
N PHE C 87 -15.71 22.15 -7.58
CA PHE C 87 -15.48 23.49 -8.02
C PHE C 87 -14.29 23.37 -8.95
N VAL C 88 -14.34 23.82 -10.19
CA VAL C 88 -13.18 23.73 -11.08
C VAL C 88 -12.46 25.06 -11.06
N GLU C 89 -11.17 25.13 -10.71
CA GLU C 89 -10.41 26.38 -10.67
C GLU C 89 -9.58 26.52 -11.94
N ARG C 90 -9.61 27.69 -12.59
CA ARG C 90 -8.96 27.80 -13.89
C ARG C 90 -7.59 28.43 -13.84
N SER C 91 -6.67 28.14 -14.75
CA SER C 91 -5.36 28.71 -14.66
C SER C 91 -5.38 30.22 -14.80
N LYS C 92 -6.44 30.69 -15.44
CA LYS C 92 -6.63 32.10 -15.76
C LYS C 92 -7.17 32.98 -14.66
N ALA C 93 -7.57 32.39 -13.53
CA ALA C 93 -8.22 33.13 -12.48
C ALA C 93 -7.33 34.20 -11.96
N PHE C 94 -7.87 35.33 -11.55
CA PHE C 94 -7.02 36.41 -11.08
C PHE C 94 -7.71 37.06 -9.92
N SER C 95 -6.96 37.68 -9.04
CA SER C 95 -7.55 38.42 -7.96
C SER C 95 -7.47 39.89 -8.34
N ASN C 96 -8.38 40.68 -7.82
CA ASN C 96 -8.46 42.04 -8.25
C ASN C 96 -9.14 42.90 -7.21
N CYS C 97 -8.73 42.76 -5.96
CA CYS C 97 -9.23 43.58 -4.88
C CYS C 97 -8.05 43.88 -3.95
N TYR C 98 -8.29 44.22 -2.67
CA TYR C 98 -7.22 44.60 -1.75
C TYR C 98 -6.23 43.46 -1.63
N PRO C 99 -4.90 43.68 -1.70
CA PRO C 99 -3.88 42.63 -1.57
C PRO C 99 -3.98 41.88 -0.23
N TYR C 100 -4.18 40.57 -0.25
CA TYR C 100 -4.32 39.78 0.95
C TYR C 100 -3.43 38.55 0.88
N ASP C 101 -3.18 37.93 2.01
CA ASP C 101 -2.48 36.66 2.01
C ASP C 101 -3.24 35.83 3.02
N VAL C 102 -3.14 34.53 2.91
CA VAL C 102 -3.87 33.69 3.84
C VAL C 102 -2.81 32.79 4.40
N PRO C 103 -2.50 32.86 5.71
CA PRO C 103 -1.51 32.02 6.33
C PRO C 103 -1.68 30.54 5.98
N ASP C 104 -2.79 29.84 6.20
CA ASP C 104 -2.77 28.47 5.74
C ASP C 104 -3.77 28.35 4.62
N TYR C 105 -3.43 29.04 3.52
CA TYR C 105 -4.29 29.06 2.33
C TYR C 105 -4.74 27.66 1.97
N ALA C 106 -3.79 26.75 1.95
CA ALA C 106 -4.00 25.37 1.64
C ALA C 106 -5.08 24.74 2.49
N SER C 107 -5.17 25.00 3.79
CA SER C 107 -6.23 24.37 4.52
C SER C 107 -7.50 25.11 4.30
N LEU C 108 -7.51 26.44 4.20
CA LEU C 108 -8.76 27.19 4.03
C LEU C 108 -9.38 26.80 2.70
N ARG C 109 -8.60 26.73 1.62
CA ARG C 109 -9.12 26.23 0.37
C ARG C 109 -9.69 24.82 0.54
N SER C 110 -9.03 23.89 1.25
CA SER C 110 -9.55 22.53 1.43
C SER C 110 -10.89 22.51 2.15
N LEU C 111 -10.90 23.20 3.29
CA LEU C 111 -11.99 23.32 4.23
C LEU C 111 -13.28 23.72 3.55
N VAL C 112 -13.21 24.83 2.81
CA VAL C 112 -14.32 25.34 2.05
C VAL C 112 -14.65 24.37 0.92
N ALA C 113 -13.64 23.92 0.18
CA ALA C 113 -13.81 23.04 -0.98
C ALA C 113 -14.66 21.82 -0.70
N SER C 114 -14.43 21.15 0.42
CA SER C 114 -15.19 19.98 0.71
C SER C 114 -16.46 20.28 1.45
N SER C 115 -16.61 21.47 2.06
CA SER C 115 -17.91 21.83 2.64
C SER C 115 -18.88 21.89 1.47
N GLY C 116 -18.45 22.47 0.35
CA GLY C 116 -19.27 22.49 -0.82
C GLY C 116 -20.31 23.61 -0.88
N THR C 117 -20.29 24.60 0.03
CA THR C 117 -21.26 25.67 -0.04
C THR C 117 -20.61 26.97 0.37
N LEU C 118 -21.04 28.05 -0.30
CA LEU C 118 -20.65 29.41 0.07
C LEU C 118 -21.83 30.21 0.66
N GLU C 119 -22.91 29.52 1.08
CA GLU C 119 -24.08 30.11 1.72
C GLU C 119 -23.65 30.97 2.89
N PHE C 120 -23.95 32.25 2.79
CA PHE C 120 -23.56 33.19 3.82
C PHE C 120 -24.79 33.73 4.53
N ILE C 121 -24.70 33.83 5.83
CA ILE C 121 -25.75 34.39 6.62
C ILE C 121 -25.16 35.66 7.20
N THR C 122 -25.87 36.78 7.18
CA THR C 122 -25.30 38.01 7.74
C THR C 122 -25.75 38.10 9.18
N GLU C 123 -24.91 38.47 10.11
CA GLU C 123 -25.40 38.59 11.46
C GLU C 123 -25.22 40.01 11.92
N GLY C 124 -25.98 40.42 12.94
CA GLY C 124 -25.98 41.81 13.36
C GLY C 124 -24.85 42.19 14.28
N PHE C 125 -23.63 42.22 13.80
CA PHE C 125 -22.53 42.67 14.65
C PHE C 125 -22.69 44.18 14.86
N THR C 126 -22.48 44.65 16.09
CA THR C 126 -22.60 46.08 16.31
C THR C 126 -21.26 46.65 16.67
N TRP C 127 -20.64 47.43 15.79
CA TRP C 127 -19.33 47.96 16.11
C TRP C 127 -19.53 49.37 16.65
N THR C 128 -19.42 49.61 17.96
CA THR C 128 -19.65 50.98 18.43
C THR C 128 -18.38 51.78 18.59
N GLY C 129 -18.28 52.93 17.95
CA GLY C 129 -17.10 53.76 18.17
C GLY C 129 -16.12 53.78 17.02
N VAL C 130 -16.40 53.02 15.94
CA VAL C 130 -15.52 52.95 14.79
C VAL C 130 -16.30 53.23 13.53
N THR C 131 -15.62 53.52 12.44
CA THR C 131 -16.24 53.73 11.14
C THR C 131 -16.28 52.39 10.40
N GLN C 132 -17.42 52.02 9.80
CA GLN C 132 -17.56 50.74 9.10
C GLN C 132 -17.47 50.85 7.59
N ASN C 133 -17.49 49.71 6.91
CA ASN C 133 -17.57 49.64 5.46
C ASN C 133 -16.43 50.29 4.71
N GLY C 134 -15.24 50.35 5.32
CA GLY C 134 -14.08 50.91 4.63
C GLY C 134 -13.79 50.11 3.36
N GLY C 135 -13.23 50.76 2.35
CA GLY C 135 -12.94 50.08 1.11
C GLY C 135 -11.72 50.72 0.53
N SER C 136 -11.34 50.39 -0.67
CA SER C 136 -10.17 50.91 -1.26
C SER C 136 -10.33 50.94 -2.76
N ASN C 137 -9.52 51.77 -3.36
CA ASN C 137 -9.51 51.91 -4.77
C ASN C 137 -8.90 50.71 -5.43
N ALA C 138 -8.21 49.84 -4.70
CA ALA C 138 -7.66 48.63 -5.29
C ALA C 138 -8.72 47.54 -5.42
N CYS C 139 -9.87 47.73 -4.78
CA CYS C 139 -10.97 46.77 -4.82
C CYS C 139 -12.19 47.53 -5.32
N LYS C 140 -12.10 47.98 -6.56
CA LYS C 140 -13.12 48.84 -7.13
C LYS C 140 -14.46 48.15 -7.18
N ARG C 141 -15.48 48.67 -6.53
CA ARG C 141 -16.77 48.06 -6.75
C ARG C 141 -17.50 49.10 -7.58
N GLY C 142 -17.62 48.73 -8.84
CA GLY C 142 -18.21 49.61 -9.84
C GLY C 142 -17.32 50.84 -10.04
N PRO C 143 -17.87 52.04 -9.98
CA PRO C 143 -17.09 53.27 -10.12
C PRO C 143 -16.23 53.51 -8.88
N GLY C 144 -16.77 53.09 -7.73
CA GLY C 144 -16.21 53.41 -6.43
C GLY C 144 -15.13 52.47 -5.91
N SER C 145 -14.60 52.94 -4.79
CA SER C 145 -13.70 52.16 -4.01
C SER C 145 -14.59 51.12 -3.34
N GLY C 146 -14.09 49.92 -3.06
CA GLY C 146 -14.89 48.88 -2.39
C GLY C 146 -13.97 47.92 -1.65
N PHE C 147 -14.51 46.80 -1.20
CA PHE C 147 -13.74 45.85 -0.45
C PHE C 147 -14.40 44.50 -0.64
N PHE C 148 -13.91 43.45 -0.01
CA PHE C 148 -14.55 42.12 -0.11
C PHE C 148 -15.98 42.16 0.41
N SER C 149 -16.96 41.63 -0.32
CA SER C 149 -18.33 41.69 0.16
C SER C 149 -18.56 41.03 1.53
N ARG C 150 -17.79 39.98 1.84
CA ARG C 150 -18.05 39.32 3.10
C ARG C 150 -17.22 39.79 4.30
N LEU C 151 -16.43 40.86 4.20
CA LEU C 151 -15.62 41.31 5.32
C LEU C 151 -15.96 42.77 5.62
N ASN C 152 -15.64 43.34 6.77
CA ASN C 152 -16.04 44.72 7.10
C ASN C 152 -14.88 45.51 7.74
N TRP C 153 -14.22 46.41 6.99
CA TRP C 153 -13.00 47.10 7.42
C TRP C 153 -13.34 48.24 8.35
N LEU C 154 -12.92 48.16 9.60
CA LEU C 154 -13.26 49.19 10.53
C LEU C 154 -12.06 50.08 10.67
N THR C 155 -12.35 51.37 10.80
CA THR C 155 -11.36 52.41 11.02
C THR C 155 -11.83 53.27 12.19
N LYS C 156 -11.06 54.26 12.66
CA LYS C 156 -11.51 55.05 13.81
C LYS C 156 -12.68 55.98 13.50
N SER C 157 -13.37 56.41 14.56
CA SER C 157 -14.41 57.38 14.46
C SER C 157 -13.91 58.65 15.12
N GLY C 158 -13.74 59.71 14.32
CA GLY C 158 -13.23 60.96 14.83
C GLY C 158 -11.79 60.79 15.29
N SER C 159 -11.59 60.62 16.57
CA SER C 159 -10.25 60.57 17.11
C SER C 159 -9.98 59.35 17.96
N THR C 160 -10.85 58.35 17.81
CA THR C 160 -10.80 57.20 18.70
C THR C 160 -11.13 55.89 17.99
N TYR C 161 -10.43 54.84 18.38
CA TYR C 161 -10.77 53.48 18.01
C TYR C 161 -10.88 52.87 19.38
N PRO C 162 -12.06 52.55 19.88
CA PRO C 162 -12.25 51.98 21.20
C PRO C 162 -11.83 50.53 21.22
N VAL C 163 -11.88 49.86 22.37
CA VAL C 163 -11.55 48.46 22.35
C VAL C 163 -12.82 47.71 22.03
N LEU C 164 -12.91 47.18 20.83
CA LEU C 164 -14.05 46.42 20.41
C LEU C 164 -14.06 45.10 21.17
N ASN C 165 -15.23 44.69 21.62
CA ASN C 165 -15.39 43.47 22.38
C ASN C 165 -16.78 42.96 22.07
N VAL C 166 -17.00 42.22 20.99
CA VAL C 166 -18.33 41.76 20.62
C VAL C 166 -18.50 40.27 20.78
N THR C 167 -19.72 39.77 20.82
CA THR C 167 -19.92 38.35 20.95
C THR C 167 -21.05 37.88 20.06
N MET C 168 -20.97 36.67 19.55
CA MET C 168 -21.98 36.12 18.67
C MET C 168 -22.12 34.65 19.02
N PRO C 169 -23.19 34.25 19.68
CA PRO C 169 -23.48 32.89 20.13
C PRO C 169 -23.87 31.95 19.03
N ASN C 170 -23.33 30.74 19.04
CA ASN C 170 -23.81 29.78 18.06
C ASN C 170 -24.96 29.09 18.73
N ASN C 171 -26.16 29.48 18.34
CA ASN C 171 -27.33 28.89 18.94
C ASN C 171 -27.99 27.87 18.07
N ASP C 172 -27.60 27.81 16.80
CA ASP C 172 -28.19 26.88 15.87
C ASP C 172 -27.55 25.54 16.13
N ASN C 173 -27.98 24.55 15.39
CA ASN C 173 -27.50 23.20 15.61
C ASN C 173 -26.46 22.82 14.58
N PHE C 174 -25.71 23.76 14.03
CA PHE C 174 -24.69 23.40 13.07
C PHE C 174 -23.43 24.24 13.32
N ASP C 175 -22.32 23.85 12.70
CA ASP C 175 -21.11 24.63 12.81
C ASP C 175 -21.20 25.88 11.95
N LYS C 176 -20.55 26.95 12.41
CA LYS C 176 -20.55 28.20 11.69
C LYS C 176 -19.11 28.53 11.38
N LEU C 177 -18.76 28.76 10.13
CA LEU C 177 -17.40 29.14 9.76
C LEU C 177 -17.29 30.66 9.70
N TYR C 178 -16.40 31.33 10.44
CA TYR C 178 -16.23 32.77 10.34
C TYR C 178 -14.92 33.11 9.65
N ILE C 179 -14.90 33.96 8.62
CA ILE C 179 -13.68 34.41 7.97
C ILE C 179 -13.43 35.86 8.41
N TRP C 180 -12.35 36.15 9.10
CA TRP C 180 -12.00 37.49 9.54
C TRP C 180 -10.57 37.81 9.14
N GLY C 181 -9.99 38.95 9.51
CA GLY C 181 -8.64 39.24 9.09
C GLY C 181 -8.07 40.38 9.88
N ILE C 182 -6.87 40.81 9.50
CA ILE C 182 -6.17 41.88 10.17
C ILE C 182 -5.49 42.68 9.07
N HIS C 183 -5.33 44.02 9.24
CA HIS C 183 -4.75 44.88 8.22
C HIS C 183 -3.36 45.23 8.71
N HIS C 184 -2.33 45.04 7.87
CA HIS C 184 -0.96 45.37 8.19
C HIS C 184 -0.69 46.66 7.47
N PRO C 185 -0.51 47.79 8.14
CA PRO C 185 -0.25 49.10 7.53
C PRO C 185 1.13 49.23 6.94
N SER C 186 1.37 50.11 5.99
CA SER C 186 2.69 50.27 5.46
C SER C 186 3.57 51.10 6.32
N THR C 187 3.02 52.11 7.00
CA THR C 187 3.82 53.02 7.78
C THR C 187 3.24 53.21 9.16
N ASN C 188 4.02 53.63 10.13
CA ASN C 188 3.50 53.92 11.46
C ASN C 188 2.48 55.04 11.38
N GLN C 189 2.75 56.02 10.50
CA GLN C 189 1.81 57.09 10.21
C GLN C 189 0.47 56.51 9.78
N GLU C 190 0.45 55.58 8.81
CA GLU C 190 -0.77 54.92 8.39
C GLU C 190 -1.49 54.23 9.55
N GLN C 191 -0.73 53.54 10.40
CA GLN C 191 -1.30 52.83 11.54
C GLN C 191 -2.07 53.79 12.40
N THR C 192 -1.49 54.94 12.68
CA THR C 192 -2.16 55.88 13.55
C THR C 192 -3.28 56.62 12.83
N SER C 193 -3.11 56.95 11.56
CA SER C 193 -4.16 57.62 10.81
C SER C 193 -5.44 56.80 10.86
N LEU C 194 -5.35 55.49 10.69
CA LEU C 194 -6.53 54.66 10.64
C LEU C 194 -6.94 54.13 12.00
N TYR C 195 -6.06 53.64 12.84
CA TYR C 195 -6.50 52.96 14.05
C TYR C 195 -6.08 53.64 15.36
N VAL C 196 -5.44 54.83 15.27
CA VAL C 196 -5.04 55.67 16.41
C VAL C 196 -3.98 55.00 17.27
N GLN C 197 -4.28 53.89 17.96
CA GLN C 197 -3.29 53.16 18.72
C GLN C 197 -2.08 52.81 17.83
N ALA C 198 -0.84 52.88 18.31
CA ALA C 198 0.29 52.58 17.43
C ALA C 198 0.59 51.10 17.26
N SER C 199 -0.25 50.24 17.82
CA SER C 199 -0.09 48.81 17.70
C SER C 199 -1.45 48.19 17.87
N GLY C 200 -1.98 47.63 16.79
CA GLY C 200 -3.27 46.95 16.86
C GLY C 200 -3.11 45.58 17.49
N ARG C 201 -4.20 44.82 17.52
CA ARG C 201 -4.25 43.51 18.13
C ARG C 201 -5.64 42.99 17.84
N VAL C 202 -5.78 41.77 17.38
CA VAL C 202 -7.07 41.15 17.14
C VAL C 202 -7.03 39.83 17.89
N THR C 203 -7.97 39.54 18.76
CA THR C 203 -8.05 38.27 19.45
C THR C 203 -9.44 37.75 19.17
N VAL C 204 -9.57 36.60 18.52
CA VAL C 204 -10.86 35.98 18.22
C VAL C 204 -10.83 34.67 18.98
N SER C 205 -11.89 34.30 19.67
CA SER C 205 -11.88 33.13 20.52
C SER C 205 -13.24 32.54 20.69
N THR C 206 -13.25 31.32 21.19
CA THR C 206 -14.45 30.59 21.52
C THR C 206 -14.21 29.99 22.90
N ARG C 207 -15.02 29.06 23.37
CA ARG C 207 -14.69 28.43 24.64
C ARG C 207 -13.53 27.50 24.46
N ARG C 208 -13.41 26.92 23.27
CA ARG C 208 -12.36 25.95 22.97
C ARG C 208 -11.01 26.48 22.47
N SER C 209 -10.90 27.73 22.02
CA SER C 209 -9.66 28.18 21.41
C SER C 209 -9.54 29.69 21.41
N GLN C 210 -8.42 30.21 20.93
CA GLN C 210 -8.20 31.64 20.79
C GLN C 210 -7.12 31.90 19.76
N GLN C 211 -7.14 33.02 19.05
CA GLN C 211 -6.07 33.42 18.18
C GLN C 211 -5.86 34.87 18.49
N THR C 212 -4.63 35.30 18.69
CA THR C 212 -4.37 36.74 18.76
C THR C 212 -3.36 37.01 17.70
N ILE C 213 -3.65 37.94 16.80
CA ILE C 213 -2.72 38.30 15.78
C ILE C 213 -2.39 39.76 16.04
N ILE C 214 -1.13 40.17 15.88
CA ILE C 214 -0.79 41.57 15.99
C ILE C 214 -0.32 41.93 14.60
N PRO C 215 -0.66 43.09 14.03
CA PRO C 215 -0.29 43.51 12.69
C PRO C 215 1.20 43.68 12.52
N ASN C 216 1.67 43.97 11.31
CA ASN C 216 3.11 44.11 11.09
C ASN C 216 3.30 45.23 10.11
N ILE C 217 3.84 46.32 10.60
CA ILE C 217 3.96 47.51 9.78
C ILE C 217 5.21 47.44 8.94
N GLY C 218 5.15 47.86 7.70
CA GLY C 218 6.34 47.86 6.86
C GLY C 218 5.93 47.83 5.42
N SER C 219 6.80 48.21 4.50
CA SER C 219 6.39 48.23 3.12
C SER C 219 6.52 46.88 2.47
N ARG C 220 5.51 46.50 1.71
CA ARG C 220 5.62 45.32 0.89
C ARG C 220 5.62 45.79 -0.58
N PRO C 221 5.71 44.92 -1.58
CA PRO C 221 5.66 45.32 -2.96
C PRO C 221 4.29 45.89 -3.28
N TRP C 222 4.33 46.95 -4.08
CA TRP C 222 3.17 47.58 -4.66
C TRP C 222 2.35 46.52 -5.40
N VAL C 223 1.13 46.31 -4.92
CA VAL C 223 0.17 45.46 -5.58
C VAL C 223 -1.08 46.30 -5.58
N ARG C 224 -1.55 46.63 -6.79
CA ARG C 224 -2.68 47.51 -7.04
C ARG C 224 -2.64 48.82 -6.24
N GLY C 225 -1.48 49.48 -6.36
CA GLY C 225 -1.28 50.75 -5.71
C GLY C 225 -0.94 50.64 -4.24
N LEU C 226 -0.92 49.45 -3.65
CA LEU C 226 -0.73 49.37 -2.21
C LEU C 226 0.47 48.58 -1.75
N SER C 227 1.05 49.04 -0.65
CA SER C 227 2.12 48.33 0.02
C SER C 227 1.63 47.67 1.27
N SER C 228 0.38 47.89 1.63
CA SER C 228 -0.16 47.24 2.80
C SER C 228 -0.74 45.90 2.41
N ARG C 229 -1.20 45.10 3.37
CA ARG C 229 -1.72 43.77 3.10
C ARG C 229 -2.77 43.51 4.12
N ILE C 230 -3.70 42.60 3.88
CA ILE C 230 -4.51 42.10 4.97
C ILE C 230 -4.28 40.59 4.98
N SER C 231 -4.22 39.93 6.13
CA SER C 231 -4.09 38.49 6.16
C SER C 231 -5.43 37.95 6.61
N ILE C 232 -5.89 36.85 6.02
CA ILE C 232 -7.19 36.20 6.29
C ILE C 232 -7.02 35.06 7.29
N TYR C 233 -7.95 34.89 8.21
CA TYR C 233 -7.93 33.84 9.21
C TYR C 233 -9.35 33.26 9.27
N TRP C 234 -9.59 32.16 9.96
CA TRP C 234 -10.91 31.57 9.99
C TRP C 234 -11.13 31.00 11.36
N THR C 235 -12.36 30.89 11.83
CA THR C 235 -12.66 30.34 13.14
C THR C 235 -13.92 29.54 12.95
N ILE C 236 -14.01 28.30 13.41
CA ILE C 236 -15.27 27.62 13.30
C ILE C 236 -15.90 27.68 14.65
N VAL C 237 -17.18 27.96 14.77
CA VAL C 237 -17.83 28.02 16.08
C VAL C 237 -18.85 26.89 16.07
N LYS C 238 -18.74 26.01 17.04
CA LYS C 238 -19.58 24.83 17.11
C LYS C 238 -20.89 25.15 17.78
N PRO C 239 -21.97 24.36 17.65
CA PRO C 239 -23.26 24.63 18.29
C PRO C 239 -23.06 24.73 19.79
N GLY C 240 -23.68 25.71 20.37
CA GLY C 240 -23.57 25.93 21.79
C GLY C 240 -22.35 26.75 22.16
N ASP C 241 -21.41 27.02 21.25
CA ASP C 241 -20.24 27.78 21.64
C ASP C 241 -20.51 29.27 21.40
N VAL C 242 -19.52 30.15 21.50
CA VAL C 242 -19.76 31.55 21.36
C VAL C 242 -18.52 32.20 20.80
N LEU C 243 -18.65 33.09 19.85
CA LEU C 243 -17.50 33.79 19.29
C LEU C 243 -17.31 35.08 20.09
N VAL C 244 -16.08 35.45 20.46
CA VAL C 244 -15.87 36.76 21.03
C VAL C 244 -14.77 37.41 20.22
N ILE C 245 -15.03 38.56 19.57
CA ILE C 245 -14.01 39.23 18.78
C ILE C 245 -13.62 40.41 19.62
N ASN C 246 -12.34 40.56 19.88
CA ASN C 246 -11.86 41.63 20.70
C ASN C 246 -10.70 42.29 20.01
N SER C 247 -10.75 43.58 19.75
CA SER C 247 -9.67 44.20 19.07
C SER C 247 -9.60 45.62 19.48
N ASN C 248 -8.41 46.12 19.23
CA ASN C 248 -8.00 47.43 19.63
C ASN C 248 -7.37 48.13 18.44
N GLY C 249 -7.59 47.59 17.23
CA GLY C 249 -7.10 48.19 16.01
C GLY C 249 -6.75 47.14 14.97
N ASN C 250 -6.82 47.57 13.72
CA ASN C 250 -6.43 46.79 12.54
C ASN C 250 -7.35 45.63 12.21
N LEU C 251 -8.49 45.46 12.88
CA LEU C 251 -9.41 44.37 12.58
C LEU C 251 -10.20 44.59 11.28
N ILE C 252 -10.24 43.54 10.47
CA ILE C 252 -11.13 43.42 9.32
C ILE C 252 -12.21 42.48 9.89
N ALA C 253 -13.39 43.00 10.22
CA ALA C 253 -14.43 42.23 10.92
C ALA C 253 -15.25 41.31 10.01
N PRO C 254 -15.80 40.21 10.48
CA PRO C 254 -16.64 39.31 9.67
C PRO C 254 -18.02 39.93 9.49
N ARG C 255 -18.81 39.61 8.45
CA ARG C 255 -20.19 40.14 8.40
C ARG C 255 -21.23 39.11 8.79
N GLY C 256 -20.82 37.91 9.17
CA GLY C 256 -21.72 36.83 9.55
C GLY C 256 -20.97 35.54 9.33
N TYR C 257 -21.68 34.47 9.03
CA TYR C 257 -21.03 33.18 8.92
C TYR C 257 -21.36 32.44 7.67
N PHE C 258 -20.40 31.67 7.17
CA PHE C 258 -20.63 30.75 6.08
C PHE C 258 -21.10 29.50 6.76
N LYS C 259 -22.07 28.79 6.24
CA LYS C 259 -22.41 27.59 6.94
C LYS C 259 -21.71 26.43 6.34
N MET C 260 -21.24 25.54 7.21
CA MET C 260 -20.46 24.41 6.76
C MET C 260 -21.30 23.18 6.57
N ARG C 261 -21.04 22.39 5.53
CA ARG C 261 -21.64 21.08 5.50
C ARG C 261 -20.63 19.95 5.25
N THR C 262 -21.14 18.73 5.13
CA THR C 262 -20.33 17.54 5.02
C THR C 262 -20.81 16.80 3.84
N GLY C 263 -19.99 16.61 2.82
CA GLY C 263 -20.51 15.98 1.62
C GLY C 263 -19.40 15.43 0.77
N LYS C 264 -19.64 15.33 -0.54
CA LYS C 264 -18.67 14.73 -1.41
C LYS C 264 -17.99 15.77 -2.25
N SER C 265 -18.03 17.01 -1.82
CA SER C 265 -17.56 18.10 -2.65
C SER C 265 -16.08 18.23 -2.50
N SER C 266 -15.47 18.69 -3.57
CA SER C 266 -14.05 18.89 -3.60
C SER C 266 -13.75 19.94 -4.66
N ILE C 267 -12.49 20.27 -4.90
CA ILE C 267 -12.12 21.30 -5.85
C ILE C 267 -11.16 20.68 -6.83
N MET C 268 -11.02 21.16 -8.07
CA MET C 268 -10.09 20.54 -9.02
C MET C 268 -9.52 21.62 -9.89
N ARG C 269 -8.24 21.66 -10.16
CA ARG C 269 -7.72 22.71 -11.01
C ARG C 269 -7.65 22.07 -12.38
N SER C 270 -8.30 22.66 -13.37
CA SER C 270 -8.36 22.11 -14.70
C SER C 270 -8.76 23.22 -15.67
N ASP C 271 -8.19 23.20 -16.86
CA ASP C 271 -8.65 24.12 -17.90
C ASP C 271 -9.48 23.38 -18.95
N ALA C 272 -9.89 22.15 -18.66
CA ALA C 272 -10.72 21.43 -19.60
C ALA C 272 -12.11 22.07 -19.66
N PRO C 273 -12.73 22.09 -20.84
CA PRO C 273 -14.05 22.60 -21.14
C PRO C 273 -15.09 21.84 -20.43
N ILE C 274 -16.14 22.47 -19.92
CA ILE C 274 -17.23 21.68 -19.39
C ILE C 274 -18.21 21.46 -20.56
N ASP C 275 -18.86 20.31 -20.58
CA ASP C 275 -19.69 19.91 -21.69
C ASP C 275 -20.89 19.19 -21.16
N THR C 276 -21.89 18.97 -21.99
CA THR C 276 -23.07 18.33 -21.48
C THR C 276 -23.04 16.90 -21.91
N CYS C 277 -22.74 16.03 -20.96
CA CYS C 277 -22.67 14.58 -21.17
C CYS C 277 -22.63 13.98 -19.81
N ILE C 278 -22.93 12.70 -19.63
CA ILE C 278 -22.95 12.18 -18.28
C ILE C 278 -21.75 11.30 -18.17
N SER C 279 -20.95 11.46 -17.10
CA SER C 279 -19.76 10.71 -16.86
C SER C 279 -19.43 10.71 -15.36
N GLU C 280 -19.29 9.57 -14.69
CA GLU C 280 -18.97 9.58 -13.27
C GLU C 280 -17.55 9.97 -12.89
N CYS C 281 -16.56 9.66 -13.72
CA CYS C 281 -15.18 9.90 -13.38
C CYS C 281 -14.65 11.18 -14.02
N ILE C 282 -14.06 12.09 -13.23
CA ILE C 282 -13.51 13.33 -13.75
C ILE C 282 -12.05 13.36 -13.39
N THR C 283 -11.28 13.79 -14.35
CA THR C 283 -9.83 13.88 -14.32
C THR C 283 -9.56 15.30 -14.76
N PRO C 284 -8.54 16.03 -14.35
CA PRO C 284 -8.32 17.38 -14.83
C PRO C 284 -8.12 17.41 -16.32
N ASN C 285 -7.84 16.27 -16.97
CA ASN C 285 -7.78 16.19 -18.43
C ASN C 285 -9.15 15.99 -19.05
N GLY C 286 -10.25 15.94 -18.33
CA GLY C 286 -11.52 15.66 -18.94
C GLY C 286 -12.08 14.37 -18.37
N SER C 287 -13.33 14.06 -18.61
CA SER C 287 -13.90 12.84 -18.09
C SER C 287 -13.38 11.61 -18.82
N ILE C 288 -13.32 10.49 -18.11
CA ILE C 288 -12.84 9.23 -18.68
C ILE C 288 -13.81 8.13 -18.29
N PRO C 289 -14.03 7.11 -19.12
CA PRO C 289 -14.94 6.02 -18.82
C PRO C 289 -14.40 5.00 -17.84
N ASN C 290 -15.22 4.68 -16.85
CA ASN C 290 -14.79 3.78 -15.80
C ASN C 290 -15.19 2.35 -16.05
N ASP C 291 -15.25 2.01 -17.32
CA ASP C 291 -15.57 0.68 -17.74
C ASP C 291 -14.33 -0.20 -17.49
N LYS C 292 -13.09 0.31 -17.66
CA LYS C 292 -11.89 -0.48 -17.42
C LYS C 292 -11.48 -0.43 -15.96
N PRO C 293 -10.69 -1.35 -15.37
CA PRO C 293 -10.32 -1.30 -13.97
C PRO C 293 -9.20 -0.35 -13.60
N PHE C 294 -8.33 0.00 -14.53
CA PHE C 294 -7.19 0.83 -14.20
C PHE C 294 -7.09 1.97 -15.20
N GLN C 295 -6.48 3.11 -14.90
CA GLN C 295 -6.37 4.16 -15.90
C GLN C 295 -5.01 4.76 -15.80
N ASN C 296 -4.63 5.39 -16.88
CA ASN C 296 -3.32 6.01 -16.98
C ASN C 296 -3.49 7.48 -17.39
N VAL C 297 -4.71 8.05 -17.32
CA VAL C 297 -4.90 9.41 -17.75
C VAL C 297 -4.33 10.39 -16.72
N ASN C 298 -4.68 10.32 -15.46
CA ASN C 298 -4.16 11.26 -14.46
C ASN C 298 -4.41 10.75 -13.02
N LYS C 299 -3.44 11.00 -12.11
CA LYS C 299 -3.50 10.54 -10.72
C LYS C 299 -4.47 11.35 -9.93
N ILE C 300 -4.91 12.47 -10.45
CA ILE C 300 -5.87 13.32 -9.79
C ILE C 300 -7.24 12.93 -10.32
N THR C 301 -8.18 12.47 -9.52
CA THR C 301 -9.46 12.10 -10.06
C THR C 301 -10.54 12.47 -9.09
N TYR C 302 -11.81 12.55 -9.52
CA TYR C 302 -12.97 12.81 -8.64
C TYR C 302 -14.09 11.94 -9.15
N GLY C 303 -14.74 11.16 -8.30
CA GLY C 303 -15.87 10.35 -8.76
C GLY C 303 -15.56 8.85 -8.87
N ALA C 304 -16.41 8.03 -9.51
CA ALA C 304 -16.13 6.60 -9.65
C ALA C 304 -15.12 6.35 -10.74
N CYS C 305 -13.84 6.33 -10.42
CA CYS C 305 -12.79 6.23 -11.41
C CYS C 305 -11.93 4.98 -11.34
N PRO C 306 -11.27 4.59 -12.44
CA PRO C 306 -10.40 3.45 -12.41
C PRO C 306 -9.17 3.78 -11.55
N LYS C 307 -8.45 2.78 -11.03
CA LYS C 307 -7.29 3.04 -10.22
C LYS C 307 -6.17 3.46 -11.14
N TYR C 308 -5.55 4.58 -10.86
CA TYR C 308 -4.41 5.05 -11.64
C TYR C 308 -3.22 4.10 -11.50
N VAL C 309 -2.56 3.87 -12.60
CA VAL C 309 -1.51 2.90 -12.66
C VAL C 309 -0.43 3.54 -13.49
N LYS C 310 0.83 3.12 -13.31
CA LYS C 310 1.92 3.66 -14.07
C LYS C 310 1.84 3.12 -15.48
N GLN C 311 1.46 1.85 -15.71
CA GLN C 311 1.41 1.26 -17.04
C GLN C 311 0.43 1.88 -18.01
N ASN C 312 0.79 2.03 -19.26
CA ASN C 312 -0.22 2.52 -20.18
C ASN C 312 -0.97 1.40 -20.88
N THR C 313 -0.48 0.16 -20.92
CA THR C 313 -1.32 -0.92 -21.42
C THR C 313 -1.20 -2.23 -20.63
N LEU C 314 -2.31 -2.89 -20.30
CA LEU C 314 -2.30 -4.19 -19.65
C LEU C 314 -3.44 -4.99 -20.26
N LYS C 315 -3.09 -5.98 -21.07
CA LYS C 315 -4.04 -6.80 -21.79
C LYS C 315 -4.35 -8.10 -21.10
N LEU C 316 -5.64 -8.34 -20.85
CA LEU C 316 -6.04 -9.56 -20.23
C LEU C 316 -6.42 -10.52 -21.34
N ALA C 317 -5.73 -11.66 -21.53
CA ALA C 317 -6.14 -12.66 -22.51
C ALA C 317 -7.55 -13.11 -22.21
N THR C 318 -8.34 -13.16 -23.26
CA THR C 318 -9.66 -13.71 -23.19
C THR C 318 -9.80 -14.87 -24.17
N GLY C 319 -8.72 -15.56 -24.53
CA GLY C 319 -8.83 -16.66 -25.46
C GLY C 319 -7.61 -17.53 -25.33
N MET C 320 -7.63 -18.70 -25.98
CA MET C 320 -6.58 -19.69 -25.86
C MET C 320 -5.32 -19.28 -26.52
N ARG C 321 -4.29 -20.09 -26.49
CA ARG C 321 -3.08 -19.75 -27.20
C ARG C 321 -3.38 -19.79 -28.69
N ASN C 322 -2.73 -18.96 -29.48
CA ASN C 322 -2.97 -18.94 -30.93
C ASN C 322 -1.90 -19.76 -31.61
N VAL C 323 -2.20 -20.93 -32.13
CA VAL C 323 -1.21 -21.77 -32.80
C VAL C 323 -1.69 -21.90 -34.25
N PRO C 324 -1.51 -20.92 -35.14
CA PRO C 324 -2.03 -20.95 -36.52
C PRO C 324 -1.44 -22.03 -37.42
N GLU C 325 -1.96 -22.51 -38.56
CA GLU C 325 -1.27 -23.59 -39.26
C GLU C 325 -0.37 -23.14 -40.39
N LYS C 326 -0.59 -22.01 -41.05
CA LYS C 326 0.18 -21.67 -42.26
C LYS C 326 1.71 -21.45 -42.06
N GLN C 327 2.50 -20.77 -42.91
CA GLN C 327 3.85 -20.40 -42.47
C GLN C 327 3.73 -19.05 -41.70
N THR C 328 4.77 -18.21 -41.69
CA THR C 328 4.59 -16.84 -41.26
C THR C 328 4.25 -16.11 -42.57
N GLY D 1 0.03 -25.73 -22.54
CA GLY D 1 0.21 -25.27 -21.16
C GLY D 1 0.35 -26.48 -20.26
N LEU D 2 -0.28 -26.52 -19.09
CA LEU D 2 -0.09 -27.61 -18.19
C LEU D 2 -0.50 -28.96 -18.73
N PHE D 3 -1.43 -29.07 -19.64
CA PHE D 3 -1.86 -30.39 -20.04
C PHE D 3 -1.20 -30.89 -21.30
N GLY D 4 -0.62 -29.97 -22.07
CA GLY D 4 0.12 -30.37 -23.26
C GLY D 4 -0.76 -30.76 -24.43
N ALA D 5 -2.02 -30.34 -24.50
CA ALA D 5 -2.82 -30.60 -25.68
C ALA D 5 -2.59 -29.44 -26.64
N ILE D 6 -3.09 -28.24 -26.34
CA ILE D 6 -2.92 -27.06 -27.17
C ILE D 6 -1.45 -26.77 -27.22
N ALA D 7 -0.97 -26.58 -28.45
CA ALA D 7 0.42 -26.29 -28.75
C ALA D 7 1.26 -27.39 -28.13
N GLY D 8 0.73 -28.59 -28.16
CA GLY D 8 1.34 -29.74 -27.54
C GLY D 8 1.06 -30.90 -28.46
N PHE D 9 0.30 -31.91 -27.99
CA PHE D 9 0.06 -33.06 -28.84
C PHE D 9 -0.83 -32.76 -30.00
N ILE D 10 -1.59 -31.68 -29.93
CA ILE D 10 -2.38 -31.25 -31.07
C ILE D 10 -1.45 -30.23 -31.67
N GLU D 11 -0.93 -30.51 -32.83
CA GLU D 11 0.12 -29.68 -33.38
C GLU D 11 -0.17 -28.22 -33.63
N ASN D 12 -1.41 -27.88 -33.96
CA ASN D 12 -1.79 -26.51 -34.21
C ASN D 12 -3.28 -26.39 -34.31
N GLY D 13 -3.75 -25.16 -34.29
CA GLY D 13 -5.16 -24.88 -34.40
C GLY D 13 -5.63 -24.86 -35.84
N TRP D 14 -6.92 -24.72 -36.02
CA TRP D 14 -7.50 -24.68 -37.31
C TRP D 14 -8.09 -23.31 -37.47
N GLU D 15 -7.51 -22.48 -38.35
CA GLU D 15 -8.07 -21.16 -38.64
C GLU D 15 -9.40 -21.34 -39.34
N GLY D 16 -9.53 -22.48 -40.00
CA GLY D 16 -10.76 -22.85 -40.66
C GLY D 16 -11.94 -22.98 -39.72
N MET D 17 -11.78 -23.28 -38.44
CA MET D 17 -12.93 -23.53 -37.65
C MET D 17 -13.47 -22.19 -37.17
N ILE D 18 -14.66 -21.80 -37.63
CA ILE D 18 -15.18 -20.49 -37.27
C ILE D 18 -16.45 -20.55 -36.47
N ASP D 19 -16.94 -21.74 -36.20
CA ASP D 19 -18.20 -21.91 -35.52
C ASP D 19 -18.06 -22.31 -34.05
N GLY D 20 -16.87 -22.32 -33.48
CA GLY D 20 -16.70 -22.64 -32.07
C GLY D 20 -15.22 -22.68 -31.74
N TRP D 21 -14.84 -23.00 -30.50
CA TRP D 21 -13.44 -22.98 -30.15
C TRP D 21 -12.78 -24.34 -30.22
N TYR D 22 -13.49 -25.42 -30.00
CA TYR D 22 -12.90 -26.74 -30.05
C TYR D 22 -13.82 -27.52 -30.98
N GLY D 23 -13.37 -28.60 -31.60
CA GLY D 23 -14.24 -29.31 -32.47
C GLY D 23 -13.59 -30.49 -33.13
N PHE D 24 -14.35 -31.08 -34.04
CA PHE D 24 -13.98 -32.30 -34.71
C PHE D 24 -13.81 -32.15 -36.19
N ARG D 25 -12.86 -32.87 -36.70
CA ARG D 25 -12.76 -33.05 -38.12
C ARG D 25 -12.72 -34.57 -38.34
N HIS D 26 -13.39 -35.13 -39.32
CA HIS D 26 -13.37 -36.57 -39.52
C HIS D 26 -13.30 -36.92 -40.97
N GLN D 27 -13.12 -38.20 -41.25
CA GLN D 27 -13.15 -38.76 -42.58
C GLN D 27 -13.69 -40.15 -42.39
N ASN D 28 -14.70 -40.49 -43.16
CA ASN D 28 -15.34 -41.77 -42.99
C ASN D 28 -15.85 -42.30 -44.30
N SER D 29 -16.70 -43.33 -44.23
CA SER D 29 -17.27 -43.99 -45.39
C SER D 29 -18.00 -43.02 -46.29
N GLU D 30 -18.60 -41.98 -45.71
CA GLU D 30 -19.35 -41.03 -46.49
C GLU D 30 -18.59 -39.76 -46.87
N GLY D 31 -17.28 -39.56 -46.65
CA GLY D 31 -16.58 -38.34 -47.06
C GLY D 31 -15.80 -37.69 -45.93
N THR D 32 -15.57 -36.37 -45.90
CA THR D 32 -14.82 -35.75 -44.81
C THR D 32 -15.65 -34.64 -44.22
N GLY D 33 -15.41 -34.15 -42.99
CA GLY D 33 -16.23 -33.05 -42.46
C GLY D 33 -15.63 -32.34 -41.24
N GLN D 34 -16.11 -31.16 -40.83
CA GLN D 34 -15.65 -30.46 -39.65
C GLN D 34 -16.89 -30.05 -38.85
N ALA D 35 -16.82 -29.80 -37.55
CA ALA D 35 -17.96 -29.42 -36.73
C ALA D 35 -17.49 -28.94 -35.37
N ALA D 36 -17.85 -27.74 -34.91
CA ALA D 36 -17.40 -27.25 -33.62
C ALA D 36 -18.10 -28.00 -32.53
N ASP D 37 -17.45 -28.20 -31.38
CA ASP D 37 -18.09 -28.82 -30.23
C ASP D 37 -18.61 -27.65 -29.42
N LEU D 38 -19.91 -27.55 -29.17
CA LEU D 38 -20.37 -26.37 -28.45
C LEU D 38 -20.35 -26.50 -26.94
N LYS D 39 -20.29 -27.69 -26.36
CA LYS D 39 -20.22 -27.79 -24.90
C LYS D 39 -18.88 -27.35 -24.37
N SER D 40 -17.76 -27.77 -24.96
CA SER D 40 -16.48 -27.34 -24.47
C SER D 40 -16.29 -25.89 -24.86
N THR D 41 -16.71 -25.43 -26.05
CA THR D 41 -16.62 -24.03 -26.35
C THR D 41 -17.34 -23.18 -25.31
N GLN D 42 -18.53 -23.57 -24.89
CA GLN D 42 -19.23 -22.80 -23.89
C GLN D 42 -18.51 -22.86 -22.55
N ALA D 43 -18.03 -24.02 -22.13
CA ALA D 43 -17.28 -24.14 -20.88
C ALA D 43 -16.10 -23.20 -20.82
N ALA D 44 -15.28 -23.18 -21.87
CA ALA D 44 -14.16 -22.26 -21.92
C ALA D 44 -14.66 -20.83 -21.90
N ILE D 45 -15.70 -20.47 -22.65
CA ILE D 45 -16.17 -19.08 -22.69
C ILE D 45 -16.76 -18.61 -21.37
N ASP D 46 -17.59 -19.43 -20.74
CA ASP D 46 -18.15 -19.08 -19.47
C ASP D 46 -17.12 -18.81 -18.41
N GLN D 47 -16.05 -19.63 -18.32
CA GLN D 47 -15.00 -19.41 -17.36
C GLN D 47 -14.29 -18.12 -17.61
N ILE D 48 -13.83 -17.90 -18.83
CA ILE D 48 -13.15 -16.66 -19.19
C ILE D 48 -14.06 -15.46 -18.91
N ASN D 49 -15.37 -15.52 -19.15
CA ASN D 49 -16.22 -14.39 -18.81
C ASN D 49 -16.40 -14.20 -17.34
N GLY D 50 -16.34 -15.26 -16.55
CA GLY D 50 -16.50 -15.17 -15.13
C GLY D 50 -15.31 -14.40 -14.62
N LYS D 51 -14.16 -14.85 -15.07
CA LYS D 51 -12.90 -14.25 -14.76
C LYS D 51 -12.93 -12.79 -15.12
N LEU D 52 -13.44 -12.51 -16.30
CA LEU D 52 -13.51 -11.15 -16.82
C LEU D 52 -14.42 -10.25 -16.00
N ASN D 53 -15.56 -10.73 -15.55
CA ASN D 53 -16.47 -9.88 -14.82
C ASN D 53 -15.94 -9.53 -13.47
N ARG D 54 -15.25 -10.45 -12.81
CA ARG D 54 -14.75 -10.25 -11.47
C ARG D 54 -13.76 -9.08 -11.53
N VAL D 55 -12.98 -8.97 -12.62
CA VAL D 55 -11.99 -7.92 -12.80
C VAL D 55 -12.65 -6.60 -13.10
N ILE D 56 -13.88 -6.56 -13.59
CA ILE D 56 -14.51 -5.28 -13.87
C ILE D 56 -15.50 -4.83 -12.77
N GLU D 57 -15.58 -5.66 -11.70
CA GLU D 57 -16.38 -5.46 -10.47
C GLU D 57 -15.92 -4.13 -9.82
N LYS D 58 -16.92 -3.26 -9.66
CA LYS D 58 -16.88 -1.90 -9.07
C LYS D 58 -15.58 -1.11 -8.87
N THR D 59 -15.50 -0.02 -9.62
CA THR D 59 -14.51 1.00 -9.37
C THR D 59 -14.95 1.62 -8.06
N ASN D 60 -14.10 1.80 -7.09
CA ASN D 60 -14.52 2.44 -5.87
C ASN D 60 -14.47 3.94 -6.16
N GLU D 61 -15.34 4.75 -5.56
CA GLU D 61 -15.32 6.17 -5.86
C GLU D 61 -14.66 6.97 -4.78
N LYS D 62 -14.00 8.02 -5.15
CA LYS D 62 -13.29 8.82 -4.18
C LYS D 62 -13.62 10.26 -4.47
N PHE D 63 -13.84 11.05 -3.43
CA PHE D 63 -14.15 12.45 -3.59
C PHE D 63 -12.98 13.32 -3.13
N HIS D 64 -13.11 14.16 -2.09
CA HIS D 64 -12.02 15.03 -1.66
C HIS D 64 -10.81 14.20 -1.25
N GLN D 65 -9.59 14.46 -1.74
CA GLN D 65 -8.46 13.60 -1.40
C GLN D 65 -7.27 14.42 -0.98
N ILE D 66 -6.03 14.22 -1.37
CA ILE D 66 -4.98 15.14 -1.01
C ILE D 66 -4.62 15.84 -2.30
N GLU D 67 -3.87 16.92 -2.22
CA GLU D 67 -3.34 17.59 -3.40
C GLU D 67 -2.25 16.77 -4.01
N LYS D 68 -2.13 16.73 -5.32
CA LYS D 68 -1.09 15.88 -5.89
C LYS D 68 -0.21 16.63 -6.89
N GLU D 69 -0.29 17.95 -6.89
CA GLU D 69 0.44 18.82 -7.77
C GLU D 69 0.65 20.09 -6.95
N PHE D 70 1.81 20.73 -7.03
CA PHE D 70 2.16 21.87 -6.19
C PHE D 70 2.97 22.84 -7.04
N SER D 71 2.84 24.14 -6.92
CA SER D 71 3.70 25.06 -7.61
C SER D 71 4.82 25.70 -6.80
N GLU D 72 4.78 25.72 -5.47
CA GLU D 72 5.87 26.33 -4.74
C GLU D 72 6.65 25.23 -4.03
N VAL D 73 7.78 25.50 -3.38
CA VAL D 73 8.57 24.45 -2.73
C VAL D 73 8.39 24.59 -1.24
N GLU D 74 7.86 23.56 -0.59
CA GLU D 74 7.52 23.75 0.80
C GLU D 74 8.31 22.92 1.78
N GLY D 75 8.93 21.81 1.37
CA GLY D 75 9.70 21.01 2.33
C GLY D 75 8.93 19.87 2.98
N ARG D 76 9.08 19.71 4.29
CA ARG D 76 8.62 18.55 5.00
C ARG D 76 7.22 18.04 4.72
N ILE D 77 6.18 18.84 4.89
CA ILE D 77 4.83 18.33 4.65
C ILE D 77 4.59 18.01 3.18
N GLN D 78 5.13 18.79 2.24
CA GLN D 78 4.88 18.54 0.85
C GLN D 78 5.65 17.31 0.38
N ASP D 79 6.80 17.04 1.01
CA ASP D 79 7.58 15.87 0.70
C ASP D 79 6.80 14.62 1.07
N LEU D 80 6.01 14.68 2.14
CA LEU D 80 5.21 13.55 2.59
C LEU D 80 4.01 13.38 1.70
N GLU D 81 3.35 14.47 1.28
CA GLU D 81 2.19 14.35 0.39
C GLU D 81 2.58 13.67 -0.90
N LYS D 82 3.73 14.06 -1.45
CA LYS D 82 4.22 13.43 -2.66
C LYS D 82 4.58 11.97 -2.40
N TYR D 83 5.25 11.63 -1.28
CA TYR D 83 5.62 10.26 -0.98
C TYR D 83 4.43 9.31 -0.75
N VAL D 84 3.38 9.75 -0.05
CA VAL D 84 2.23 8.91 0.13
C VAL D 84 1.65 8.53 -1.25
N GLU D 85 1.50 9.51 -2.16
CA GLU D 85 0.94 9.21 -3.45
C GLU D 85 1.85 8.32 -4.29
N ASP D 86 3.14 8.57 -4.29
CA ASP D 86 4.01 7.76 -5.12
C ASP D 86 4.08 6.37 -4.59
N THR D 87 4.11 6.17 -3.27
CA THR D 87 4.12 4.79 -2.85
C THR D 87 2.73 4.17 -3.07
N LYS D 88 1.65 4.96 -3.15
CA LYS D 88 0.36 4.36 -3.47
C LYS D 88 0.35 3.88 -4.93
N ILE D 89 0.84 4.72 -5.85
CA ILE D 89 0.83 4.38 -7.26
C ILE D 89 1.67 3.16 -7.54
N ASP D 90 2.85 3.08 -6.97
CA ASP D 90 3.67 1.90 -7.21
C ASP D 90 2.98 0.62 -6.70
N LEU D 91 2.26 0.68 -5.55
CA LEU D 91 1.62 -0.49 -5.03
C LEU D 91 0.48 -0.89 -5.93
N TRP D 92 -0.33 0.08 -6.37
CA TRP D 92 -1.37 -0.32 -7.29
C TRP D 92 -0.85 -0.77 -8.65
N SER D 93 0.30 -0.27 -9.11
CA SER D 93 0.83 -0.69 -10.41
C SER D 93 1.35 -2.11 -10.36
N TYR D 94 1.93 -2.48 -9.20
CA TYR D 94 2.39 -3.81 -8.97
C TYR D 94 1.21 -4.72 -9.01
N ASN D 95 0.14 -4.38 -8.28
CA ASN D 95 -1.03 -5.24 -8.26
C ASN D 95 -1.57 -5.44 -9.66
N ALA D 96 -1.64 -4.40 -10.51
CA ALA D 96 -2.19 -4.61 -11.84
C ALA D 96 -1.35 -5.58 -12.66
N GLU D 97 -0.03 -5.34 -12.62
CA GLU D 97 0.92 -6.14 -13.37
C GLU D 97 0.96 -7.60 -12.93
N LEU D 98 0.83 -7.93 -11.64
CA LEU D 98 0.76 -9.32 -11.21
C LEU D 98 -0.60 -9.90 -11.51
N LEU D 99 -1.68 -9.10 -11.39
CA LEU D 99 -3.02 -9.60 -11.63
C LEU D 99 -3.10 -10.08 -13.05
N VAL D 100 -2.76 -9.29 -14.10
CA VAL D 100 -2.90 -9.81 -15.46
C VAL D 100 -1.94 -10.97 -15.69
N ALA D 101 -0.74 -10.95 -15.08
CA ALA D 101 0.15 -12.09 -15.28
C ALA D 101 -0.44 -13.40 -14.76
N LEU D 102 -1.02 -13.44 -13.56
CA LEU D 102 -1.59 -14.66 -13.03
C LEU D 102 -2.75 -15.06 -13.90
N GLU D 103 -3.68 -14.13 -14.11
CA GLU D 103 -4.86 -14.38 -14.91
C GLU D 103 -4.55 -15.02 -16.25
N ASN D 104 -3.52 -14.47 -16.92
CA ASN D 104 -3.18 -14.89 -18.28
C ASN D 104 -2.64 -16.29 -18.31
N GLN D 105 -1.82 -16.59 -17.32
CA GLN D 105 -1.24 -17.89 -17.20
C GLN D 105 -2.35 -18.89 -17.00
N HIS D 106 -3.30 -18.53 -16.14
CA HIS D 106 -4.41 -19.39 -15.83
C HIS D 106 -5.29 -19.59 -17.04
N THR D 107 -5.51 -18.56 -17.87
CA THR D 107 -6.39 -18.69 -19.02
C THR D 107 -5.76 -19.65 -20.00
N ILE D 108 -4.46 -19.53 -20.28
CA ILE D 108 -3.85 -20.49 -21.18
C ILE D 108 -3.92 -21.89 -20.60
N ASP D 109 -3.79 -22.12 -19.29
CA ASP D 109 -3.89 -23.49 -18.78
C ASP D 109 -5.33 -24.00 -18.79
N LEU D 110 -6.28 -23.15 -18.45
CA LEU D 110 -7.71 -23.46 -18.47
C LEU D 110 -8.19 -23.90 -19.84
N THR D 111 -7.82 -23.19 -20.90
CA THR D 111 -8.23 -23.58 -22.24
C THR D 111 -7.49 -24.85 -22.69
N ASP D 112 -6.22 -25.02 -22.27
CA ASP D 112 -5.47 -26.25 -22.54
C ASP D 112 -6.20 -27.45 -21.90
N SER D 113 -6.71 -27.20 -20.69
CA SER D 113 -7.49 -28.16 -19.94
C SER D 113 -8.70 -28.58 -20.71
N GLU D 114 -9.58 -27.64 -21.11
CA GLU D 114 -10.80 -27.98 -21.84
C GLU D 114 -10.52 -28.77 -23.09
N MET D 115 -9.45 -28.47 -23.84
CA MET D 115 -9.13 -29.22 -25.03
C MET D 115 -8.87 -30.64 -24.65
N ASN D 116 -7.95 -30.80 -23.69
CA ASN D 116 -7.61 -32.12 -23.22
C ASN D 116 -8.81 -32.83 -22.65
N LYS D 117 -9.70 -32.20 -21.93
CA LYS D 117 -10.89 -32.85 -21.40
C LYS D 117 -11.77 -33.37 -22.53
N LEU D 118 -11.92 -32.64 -23.63
CA LEU D 118 -12.75 -33.09 -24.75
C LEU D 118 -12.12 -34.31 -25.36
N PHE D 119 -10.80 -34.30 -25.43
CA PHE D 119 -10.10 -35.42 -25.97
C PHE D 119 -10.39 -36.61 -25.10
N GLU D 120 -10.22 -36.51 -23.80
CA GLU D 120 -10.46 -37.61 -22.86
C GLU D 120 -11.85 -38.15 -22.90
N LYS D 121 -12.79 -37.24 -23.06
CA LYS D 121 -14.18 -37.59 -23.10
C LYS D 121 -14.40 -38.42 -24.34
N THR D 122 -13.90 -38.00 -25.51
CA THR D 122 -14.09 -38.79 -26.73
C THR D 122 -13.39 -40.13 -26.61
N ARG D 123 -12.20 -40.20 -26.03
CA ARG D 123 -11.47 -41.44 -25.81
C ARG D 123 -12.34 -42.44 -25.05
N ARG D 124 -12.83 -42.02 -23.90
CA ARG D 124 -13.65 -42.84 -23.04
C ARG D 124 -14.86 -43.40 -23.72
N GLN D 125 -15.48 -42.61 -24.58
CA GLN D 125 -16.66 -43.02 -25.30
C GLN D 125 -16.38 -44.11 -26.34
N LEU D 126 -15.29 -43.95 -27.10
CA LEU D 126 -14.94 -44.89 -28.12
C LEU D 126 -14.53 -46.25 -27.58
N ARG D 127 -14.18 -46.38 -26.29
CA ARG D 127 -13.84 -47.68 -25.72
C ARG D 127 -12.83 -48.52 -26.49
N GLU D 128 -13.03 -49.83 -26.67
CA GLU D 128 -12.08 -50.67 -27.39
C GLU D 128 -12.10 -50.54 -28.89
N ASN D 129 -12.88 -49.62 -29.45
CA ASN D 129 -13.07 -49.57 -30.89
C ASN D 129 -12.17 -48.60 -31.59
N ALA D 130 -11.35 -47.84 -30.88
CA ALA D 130 -10.49 -46.93 -31.58
C ALA D 130 -9.15 -46.86 -30.90
N GLU D 131 -8.17 -46.35 -31.62
CA GLU D 131 -6.85 -46.18 -31.07
C GLU D 131 -6.39 -44.76 -31.25
N GLU D 132 -5.69 -44.26 -30.26
CA GLU D 132 -5.19 -42.92 -30.33
C GLU D 132 -3.95 -42.85 -31.20
N MET D 133 -4.02 -42.19 -32.35
CA MET D 133 -2.84 -42.00 -33.18
C MET D 133 -1.84 -41.01 -32.56
N GLY D 134 -2.10 -40.48 -31.36
CA GLY D 134 -1.12 -39.64 -30.70
C GLY D 134 -0.97 -38.21 -31.20
N ASN D 135 -1.84 -37.73 -32.06
CA ASN D 135 -1.79 -36.38 -32.55
C ASN D 135 -3.17 -35.81 -32.34
N GLY D 136 -3.93 -36.31 -31.35
CA GLY D 136 -5.29 -35.84 -31.18
C GLY D 136 -6.25 -36.47 -32.17
N CYS D 137 -5.88 -37.44 -33.01
CA CYS D 137 -6.82 -38.14 -33.88
C CYS D 137 -6.99 -39.59 -33.49
N PHE D 138 -8.23 -40.03 -33.37
CA PHE D 138 -8.49 -41.43 -33.13
C PHE D 138 -8.71 -42.16 -34.45
N LYS D 139 -8.07 -43.30 -34.60
CA LYS D 139 -8.32 -44.20 -35.69
C LYS D 139 -9.48 -45.06 -35.25
N ILE D 140 -10.66 -44.91 -35.82
CA ILE D 140 -11.80 -45.75 -35.45
C ILE D 140 -11.75 -47.02 -36.28
N TYR D 141 -11.81 -48.21 -35.68
CA TYR D 141 -11.63 -49.48 -36.40
C TYR D 141 -12.91 -50.19 -36.78
N HIS D 142 -13.84 -49.54 -37.45
CA HIS D 142 -15.07 -50.18 -37.89
C HIS D 142 -15.75 -49.22 -38.85
N LYS D 143 -16.74 -49.65 -39.64
CA LYS D 143 -17.34 -48.73 -40.61
C LYS D 143 -18.09 -47.64 -39.85
N CYS D 144 -17.73 -46.38 -40.06
CA CYS D 144 -18.42 -45.36 -39.31
C CYS D 144 -18.91 -44.27 -40.25
N ASP D 145 -20.18 -44.38 -40.64
CA ASP D 145 -20.78 -43.41 -41.54
C ASP D 145 -21.02 -42.12 -40.82
N ASN D 146 -21.61 -41.14 -41.49
CA ASN D 146 -21.84 -39.84 -40.92
C ASN D 146 -22.69 -39.84 -39.69
N ALA D 147 -23.65 -40.74 -39.58
CA ALA D 147 -24.50 -40.74 -38.40
C ALA D 147 -23.73 -41.32 -37.25
N CYS D 148 -22.82 -42.26 -37.53
CA CYS D 148 -21.92 -42.79 -36.52
C CYS D 148 -21.07 -41.63 -36.02
N ILE D 149 -20.33 -40.90 -36.88
CA ILE D 149 -19.54 -39.74 -36.46
C ILE D 149 -20.42 -38.79 -35.66
N GLU D 150 -21.65 -38.51 -36.08
CA GLU D 150 -22.55 -37.64 -35.34
C GLU D 150 -22.83 -38.20 -33.96
N SER D 151 -23.03 -39.50 -33.76
CA SER D 151 -23.31 -40.01 -32.43
C SER D 151 -22.12 -39.87 -31.50
N ILE D 152 -20.87 -39.92 -32.00
CA ILE D 152 -19.68 -39.71 -31.17
C ILE D 152 -19.69 -38.27 -30.73
N ARG D 153 -19.93 -37.36 -31.67
CA ARG D 153 -19.97 -35.94 -31.39
C ARG D 153 -21.04 -35.59 -30.39
N ASN D 154 -22.30 -35.98 -30.61
CA ASN D 154 -23.35 -35.65 -29.66
C ASN D 154 -23.43 -36.62 -28.50
N GLY D 155 -22.45 -37.50 -28.33
CA GLY D 155 -22.35 -38.29 -27.11
C GLY D 155 -23.30 -39.45 -26.93
N THR D 156 -23.86 -39.99 -28.00
CA THR D 156 -24.73 -41.12 -27.85
C THR D 156 -24.12 -42.39 -28.45
N TYR D 157 -22.83 -42.38 -28.82
CA TYR D 157 -22.24 -43.50 -29.51
C TYR D 157 -22.28 -44.76 -28.66
N ASP D 158 -22.89 -45.87 -29.12
CA ASP D 158 -22.88 -47.11 -28.36
C ASP D 158 -21.77 -48.00 -28.85
N HIS D 159 -20.75 -48.15 -28.01
CA HIS D 159 -19.58 -48.89 -28.43
C HIS D 159 -19.88 -50.35 -28.68
N ASP D 160 -20.87 -50.88 -27.97
CA ASP D 160 -21.17 -52.29 -28.09
C ASP D 160 -21.58 -52.70 -29.48
N VAL D 161 -22.41 -51.82 -30.07
CA VAL D 161 -22.85 -51.97 -31.43
C VAL D 161 -21.69 -52.29 -32.36
N TYR D 162 -20.47 -51.84 -32.09
CA TYR D 162 -19.38 -52.11 -33.02
C TYR D 162 -18.23 -52.83 -32.39
N ARG D 163 -18.37 -53.33 -31.17
CA ARG D 163 -17.22 -53.90 -30.51
C ARG D 163 -16.59 -55.09 -31.22
N ASP D 164 -17.37 -56.05 -31.72
CA ASP D 164 -16.80 -57.21 -32.39
C ASP D 164 -16.17 -56.85 -33.72
N GLU D 165 -16.81 -55.96 -34.50
CA GLU D 165 -16.24 -55.53 -35.76
C GLU D 165 -14.93 -54.86 -35.48
N ALA D 166 -14.93 -53.93 -34.53
CA ALA D 166 -13.73 -53.24 -34.16
C ALA D 166 -12.65 -54.16 -33.65
N LEU D 167 -12.94 -55.06 -32.71
CA LEU D 167 -11.91 -55.91 -32.15
C LEU D 167 -11.28 -56.83 -33.17
N ASN D 168 -12.05 -57.25 -34.16
CA ASN D 168 -11.52 -58.06 -35.22
C ASN D 168 -10.50 -57.31 -36.08
N ASN D 169 -10.94 -56.14 -36.57
CA ASN D 169 -10.16 -55.22 -37.38
C ASN D 169 -8.87 -54.80 -36.68
N ARG D 170 -8.97 -54.64 -35.37
CA ARG D 170 -7.91 -54.07 -34.58
C ARG D 170 -6.88 -55.08 -34.19
N PHE D 171 -7.32 -56.20 -33.65
CA PHE D 171 -6.36 -57.18 -33.20
C PHE D 171 -6.12 -58.25 -34.24
N GLN D 172 -7.05 -59.21 -34.37
CA GLN D 172 -6.90 -60.39 -35.20
C GLN D 172 -5.85 -60.35 -36.30
N ILE D 173 -6.01 -59.42 -37.27
CA ILE D 173 -5.15 -59.26 -38.44
C ILE D 173 -4.20 -60.41 -38.79
N LYS D 174 -2.99 -60.50 -38.23
CA LYS D 174 -2.10 -61.59 -38.59
C LYS D 174 -0.98 -61.72 -37.58
N GLY D 175 -1.27 -61.25 -36.36
CA GLY D 175 -0.31 -61.28 -35.29
C GLY D 175 -1.06 -60.99 -34.01
N GLN E 1 5.44 -59.27 -43.16
CA GLN E 1 5.54 -57.83 -43.01
C GLN E 1 6.99 -57.86 -42.51
N ASP E 2 7.34 -57.21 -41.40
CA ASP E 2 8.65 -57.42 -40.78
C ASP E 2 8.61 -58.88 -40.32
N LEU E 3 9.66 -59.66 -40.59
CA LEU E 3 9.65 -61.08 -40.25
C LEU E 3 10.68 -61.32 -39.16
N PRO E 4 10.22 -61.52 -37.90
CA PRO E 4 11.05 -61.75 -36.72
C PRO E 4 12.13 -62.81 -36.80
N GLY E 5 11.93 -63.87 -37.59
CA GLY E 5 12.93 -64.93 -37.69
C GLY E 5 13.02 -65.81 -36.45
N ASN E 6 13.49 -65.29 -35.31
CA ASN E 6 13.69 -66.14 -34.14
C ASN E 6 13.43 -65.55 -32.74
N ASP E 7 14.04 -64.41 -32.34
CA ASP E 7 13.88 -63.96 -30.95
C ASP E 7 12.45 -63.56 -30.57
N ASN E 8 12.15 -63.90 -29.31
CA ASN E 8 10.87 -63.67 -28.61
C ASN E 8 11.25 -63.01 -27.30
N SER E 9 11.08 -61.69 -27.12
CA SER E 9 11.49 -61.13 -25.85
C SER E 9 10.78 -59.82 -25.58
N THR E 10 11.09 -59.18 -24.45
CA THR E 10 10.50 -57.92 -24.08
C THR E 10 11.60 -56.94 -23.70
N ALA E 11 11.25 -55.68 -23.43
CA ALA E 11 12.20 -54.68 -22.98
C ALA E 11 11.52 -53.89 -21.89
N THR E 12 12.22 -53.12 -21.11
CA THR E 12 11.58 -52.25 -20.16
C THR E 12 12.16 -50.87 -20.37
N LEU E 13 11.33 -49.85 -20.38
CA LEU E 13 11.78 -48.50 -20.53
C LEU E 13 11.18 -47.80 -19.33
N CYS E 14 11.93 -47.07 -18.53
CA CYS E 14 11.36 -46.37 -17.41
C CYS E 14 11.64 -44.90 -17.52
N LEU E 15 10.66 -44.04 -17.29
CA LEU E 15 10.95 -42.63 -17.29
C LEU E 15 11.23 -42.16 -15.88
N GLY E 16 12.05 -41.12 -15.69
CA GLY E 16 12.31 -40.62 -14.36
C GLY E 16 12.84 -39.21 -14.43
N HIS E 17 13.18 -38.68 -13.27
CA HIS E 17 13.65 -37.31 -13.22
C HIS E 17 14.86 -37.26 -12.31
N HIS E 18 15.72 -36.25 -12.35
CA HIS E 18 16.87 -36.17 -11.48
C HIS E 18 16.51 -35.93 -10.01
N ALA E 19 17.49 -35.98 -9.14
CA ALA E 19 17.34 -35.66 -7.75
C ALA E 19 18.74 -35.26 -7.30
N VAL E 20 18.88 -34.41 -6.30
CA VAL E 20 20.21 -34.00 -5.85
C VAL E 20 20.32 -34.45 -4.43
N PRO E 21 21.49 -34.73 -3.90
CA PRO E 21 21.62 -35.19 -2.53
C PRO E 21 21.24 -34.09 -1.54
N ASN E 22 21.70 -32.87 -1.84
CA ASN E 22 21.51 -31.68 -1.03
C ASN E 22 20.12 -31.08 -1.12
N GLY E 23 19.70 -30.27 -2.10
CA GLY E 23 18.31 -29.79 -2.07
C GLY E 23 18.12 -28.58 -1.18
N THR E 24 17.05 -27.81 -1.30
CA THR E 24 16.85 -26.58 -0.52
C THR E 24 15.39 -26.49 -0.16
N LEU E 25 15.08 -26.04 1.04
CA LEU E 25 13.69 -25.99 1.41
C LEU E 25 13.11 -24.67 0.91
N VAL E 26 11.89 -24.61 0.36
CA VAL E 26 11.24 -23.38 -0.04
C VAL E 26 9.80 -23.32 0.48
N LYS E 27 9.15 -22.14 0.53
CA LYS E 27 7.80 -22.03 1.05
C LYS E 27 6.86 -22.22 -0.11
N THR E 28 5.63 -22.60 0.10
CA THR E 28 4.67 -22.88 -0.95
C THR E 28 3.32 -22.35 -0.50
N ILE E 29 2.28 -22.44 -1.32
CA ILE E 29 0.94 -22.07 -0.94
C ILE E 29 0.46 -23.08 0.10
N THR E 30 0.69 -24.36 -0.14
CA THR E 30 0.24 -25.40 0.76
C THR E 30 1.23 -25.92 1.76
N ASP E 31 2.54 -25.70 1.67
CA ASP E 31 3.51 -26.19 2.68
C ASP E 31 4.48 -25.07 2.89
N ASP E 32 5.22 -24.98 3.96
CA ASP E 32 6.16 -23.89 4.06
C ASP E 32 7.59 -24.36 4.14
N GLN E 33 7.83 -25.64 4.16
CA GLN E 33 9.15 -26.13 3.85
C GLN E 33 8.96 -27.32 2.95
N ILE E 34 9.18 -27.18 1.67
CA ILE E 34 9.09 -28.31 0.78
C ILE E 34 10.47 -28.32 0.16
N GLU E 35 11.12 -29.44 -0.09
CA GLU E 35 12.50 -29.42 -0.57
C GLU E 35 12.54 -29.48 -2.08
N VAL E 36 13.32 -28.62 -2.71
CA VAL E 36 13.40 -28.62 -4.15
C VAL E 36 14.86 -28.81 -4.53
N THR E 37 15.09 -29.26 -5.76
CA THR E 37 16.35 -29.40 -6.41
C THR E 37 17.21 -28.16 -6.26
N ASN E 38 16.67 -26.94 -6.36
CA ASN E 38 17.51 -25.74 -6.36
C ASN E 38 16.66 -24.52 -6.13
N ALA E 39 17.15 -23.43 -5.56
CA ALA E 39 16.35 -22.25 -5.34
C ALA E 39 17.25 -21.05 -5.54
N THR E 40 16.78 -19.82 -5.52
CA THR E 40 17.61 -18.64 -5.64
C THR E 40 17.11 -17.59 -4.64
N GLU E 41 18.00 -16.77 -4.08
CA GLU E 41 17.64 -15.84 -3.03
C GLU E 41 17.14 -14.55 -3.59
N LEU E 42 16.02 -14.05 -3.09
CA LEU E 42 15.49 -12.82 -3.62
C LEU E 42 15.72 -11.65 -2.70
N VAL E 43 16.22 -11.83 -1.47
CA VAL E 43 16.38 -10.72 -0.54
C VAL E 43 17.88 -10.39 -0.39
N GLN E 44 18.32 -9.23 -0.83
CA GLN E 44 19.70 -8.81 -0.67
C GLN E 44 19.88 -8.38 0.78
N SER E 45 20.79 -8.97 1.52
CA SER E 45 20.78 -8.75 2.95
C SER E 45 22.10 -8.33 3.55
N SER E 46 22.95 -7.72 2.76
CA SER E 46 24.26 -7.40 3.25
C SER E 46 24.87 -6.31 2.38
N SER E 47 25.48 -5.32 3.03
CA SER E 47 26.07 -4.22 2.32
C SER E 47 27.55 -4.46 2.18
N THR E 48 28.17 -3.74 1.25
CA THR E 48 29.61 -3.78 1.13
C THR E 48 30.22 -2.99 2.28
N GLY E 49 29.44 -2.11 2.91
CA GLY E 49 29.92 -1.31 4.01
C GLY E 49 30.58 -0.04 3.54
N LYS E 50 30.58 0.24 2.25
CA LYS E 50 31.19 1.44 1.75
C LYS E 50 30.30 2.06 0.71
N ILE E 51 30.23 3.36 0.64
CA ILE E 51 29.40 4.06 -0.31
C ILE E 51 30.25 4.24 -1.54
N CYS E 52 29.90 3.59 -2.64
CA CYS E 52 30.63 3.76 -3.86
C CYS E 52 30.45 5.14 -4.43
N ASN E 53 31.51 5.76 -4.89
CA ASN E 53 31.47 7.14 -5.40
C ASN E 53 31.08 7.28 -6.86
N ASN E 54 30.35 6.31 -7.40
CA ASN E 54 30.01 6.27 -8.79
C ASN E 54 28.81 5.38 -8.92
N PRO E 55 27.80 5.59 -9.77
CA PRO E 55 27.68 6.70 -10.67
C PRO E 55 27.13 8.01 -10.12
N HIS E 56 26.72 8.13 -8.85
CA HIS E 56 26.11 9.41 -8.46
C HIS E 56 27.18 10.33 -7.91
N ARG E 57 26.93 11.64 -7.80
CA ARG E 57 27.93 12.54 -7.27
C ARG E 57 27.80 12.57 -5.77
N ILE E 58 28.62 11.86 -5.02
CA ILE E 58 28.48 11.85 -3.57
C ILE E 58 29.29 13.02 -3.02
N LEU E 59 28.72 13.90 -2.19
CA LEU E 59 29.48 14.99 -1.61
C LEU E 59 29.66 14.68 -0.14
N ASP E 60 30.87 14.42 0.37
CA ASP E 60 31.02 14.04 1.77
C ASP E 60 31.01 15.32 2.55
N GLY E 61 30.12 15.45 3.53
CA GLY E 61 30.00 16.69 4.28
C GLY E 61 31.10 16.90 5.29
N ILE E 62 31.94 15.88 5.49
CA ILE E 62 32.97 15.84 6.53
C ILE E 62 32.39 16.33 7.87
N ASP E 63 32.87 17.39 8.50
CA ASP E 63 32.31 17.81 9.76
C ASP E 63 31.38 19.03 9.66
N CYS E 64 30.74 19.17 8.50
CA CYS E 64 29.73 20.20 8.29
C CYS E 64 28.39 19.56 8.02
N THR E 65 27.31 20.10 8.56
CA THR E 65 26.00 19.64 8.14
C THR E 65 25.65 20.48 6.93
N LEU E 66 24.66 20.13 6.12
CA LEU E 66 24.33 20.93 4.94
C LEU E 66 23.90 22.33 5.33
N ILE E 67 23.09 22.58 6.38
CA ILE E 67 22.67 23.96 6.73
C ILE E 67 23.91 24.82 7.10
N ASP E 68 24.89 24.30 7.85
CA ASP E 68 26.10 25.06 8.13
C ASP E 68 26.88 25.33 6.87
N ALA E 69 26.92 24.39 5.93
CA ALA E 69 27.57 24.63 4.66
C ALA E 69 26.87 25.75 3.89
N LEU E 70 25.52 25.77 3.97
CA LEU E 70 24.71 26.77 3.31
C LEU E 70 24.97 28.15 3.93
N LEU E 71 24.86 28.26 5.26
CA LEU E 71 25.03 29.54 5.95
C LEU E 71 26.46 30.06 5.83
N GLY E 72 27.42 29.15 5.80
CA GLY E 72 28.79 29.56 5.61
C GLY E 72 29.53 29.71 6.91
N ASP E 73 29.30 28.75 7.82
CA ASP E 73 30.11 28.62 9.01
C ASP E 73 31.56 28.59 8.52
N PRO E 74 32.52 29.35 9.07
CA PRO E 74 33.91 29.38 8.65
C PRO E 74 34.45 28.02 8.29
N HIS E 75 34.28 27.03 9.17
CA HIS E 75 34.91 25.74 8.94
C HIS E 75 34.28 24.99 7.81
N CYS E 76 33.17 25.45 7.26
CA CYS E 76 32.53 24.81 6.14
C CYS E 76 32.75 25.60 4.88
N ASP E 77 33.69 26.56 4.86
CA ASP E 77 33.88 27.38 3.68
C ASP E 77 34.32 26.59 2.44
N VAL E 78 34.78 25.37 2.68
CA VAL E 78 35.15 24.40 1.66
C VAL E 78 34.03 24.21 0.66
N PHE E 79 32.78 24.20 1.15
CA PHE E 79 31.64 23.82 0.33
C PHE E 79 31.02 24.91 -0.53
N GLN E 80 31.59 26.09 -0.66
CA GLN E 80 30.89 27.15 -1.37
C GLN E 80 30.67 26.79 -2.82
N ASN E 81 29.47 27.03 -3.35
CA ASN E 81 29.15 26.72 -4.72
C ASN E 81 29.32 25.23 -5.07
N GLU E 82 29.34 24.36 -4.07
CA GLU E 82 29.46 22.94 -4.33
C GLU E 82 28.14 22.34 -4.84
N THR E 83 28.14 21.13 -5.40
CA THR E 83 26.93 20.49 -5.90
C THR E 83 26.96 19.00 -5.59
N TRP E 84 25.84 18.28 -5.69
CA TRP E 84 25.80 16.88 -5.32
C TRP E 84 24.57 16.17 -5.83
N ASP E 85 24.70 14.86 -5.95
CA ASP E 85 23.56 14.01 -6.15
C ASP E 85 23.11 13.53 -4.79
N LEU E 86 24.05 13.40 -3.86
CA LEU E 86 23.74 12.92 -2.55
C LEU E 86 24.70 13.56 -1.61
N PHE E 87 24.26 14.42 -0.71
CA PHE E 87 25.14 15.01 0.27
C PHE E 87 25.15 14.02 1.42
N VAL E 88 26.30 13.54 1.89
CA VAL E 88 26.32 12.60 3.02
C VAL E 88 26.61 13.39 4.28
N GLU E 89 25.77 13.38 5.31
CA GLU E 89 26.00 14.11 6.54
C GLU E 89 26.56 13.17 7.62
N ARG E 90 27.63 13.58 8.33
CA ARG E 90 28.29 12.63 9.22
C ARG E 90 27.91 12.81 10.66
N SER E 91 27.95 11.77 11.48
CA SER E 91 27.54 11.94 12.87
C SER E 91 28.42 12.92 13.63
N LYS E 92 29.62 13.09 13.12
CA LYS E 92 30.65 13.91 13.73
C LYS E 92 30.57 15.38 13.45
N ALA E 93 29.67 15.80 12.56
CA ALA E 93 29.63 17.19 12.12
C ALA E 93 29.38 18.10 13.29
N PHE E 94 29.92 19.30 13.30
CA PHE E 94 29.73 20.17 14.42
C PHE E 94 29.58 21.57 13.89
N SER E 95 28.90 22.42 14.62
CA SER E 95 28.78 23.81 14.23
C SER E 95 29.75 24.57 15.11
N ASN E 96 30.23 25.68 14.62
CA ASN E 96 31.27 26.39 15.32
C ASN E 96 31.29 27.85 14.93
N CYS E 97 30.12 28.48 14.91
CA CYS E 97 30.03 29.90 14.64
C CYS E 97 28.95 30.46 15.55
N TYR E 98 28.33 31.60 15.24
CA TYR E 98 27.33 32.22 16.09
C TYR E 98 26.18 31.29 16.35
N PRO E 99 25.70 31.10 17.59
CA PRO E 99 24.59 30.21 17.87
C PRO E 99 23.32 30.58 17.11
N TYR E 100 22.77 29.67 16.32
CA TYR E 100 21.58 29.95 15.54
C TYR E 100 20.57 28.83 15.70
N ASP E 101 19.31 29.08 15.36
CA ASP E 101 18.33 28.03 15.31
C ASP E 101 17.57 28.29 14.04
N VAL E 102 16.95 27.26 13.49
CA VAL E 102 16.22 27.46 12.26
C VAL E 102 14.83 26.96 12.57
N PRO E 103 13.79 27.78 12.58
CA PRO E 103 12.43 27.39 12.86
C PRO E 103 12.01 26.17 12.08
N ASP E 104 12.05 26.06 10.75
CA ASP E 104 11.67 24.77 10.20
C ASP E 104 12.90 24.18 9.55
N TYR E 105 13.87 23.84 10.42
CA TYR E 105 15.13 23.27 10.00
C TYR E 105 14.90 22.15 9.02
N ALA E 106 13.97 21.29 9.39
CA ALA E 106 13.63 20.14 8.59
C ALA E 106 13.23 20.50 7.17
N SER E 107 12.46 21.57 6.93
CA SER E 107 12.16 21.86 5.57
C SER E 107 13.31 22.55 4.91
N LEU E 108 14.07 23.42 5.59
CA LEU E 108 15.17 24.12 4.93
C LEU E 108 16.23 23.09 4.49
N ARG E 109 16.58 22.13 5.36
CA ARG E 109 17.47 21.07 4.98
C ARG E 109 16.91 20.34 3.79
N SER E 110 15.61 20.01 3.73
CA SER E 110 15.04 19.27 2.59
C SER E 110 15.18 20.02 1.28
N LEU E 111 14.71 21.27 1.34
CA LEU E 111 14.65 22.24 0.26
C LEU E 111 15.98 22.34 -0.45
N VAL E 112 17.03 22.62 0.32
CA VAL E 112 18.38 22.75 -0.18
C VAL E 112 18.85 21.38 -0.66
N ALA E 113 18.62 20.33 0.13
CA ALA E 113 19.09 18.99 -0.18
C ALA E 113 18.71 18.51 -1.55
N SER E 114 17.45 18.71 -1.92
CA SER E 114 17.04 18.28 -3.23
C SER E 114 17.29 19.27 -4.34
N SER E 115 17.55 20.56 -4.03
CA SER E 115 17.97 21.49 -5.07
C SER E 115 19.28 21.00 -5.58
N GLY E 116 20.17 20.56 -4.68
CA GLY E 116 21.41 19.97 -5.10
C GLY E 116 22.53 20.96 -5.42
N THR E 117 22.37 22.24 -5.10
CA THR E 117 23.44 23.20 -5.37
C THR E 117 23.50 24.26 -4.29
N LEU E 118 24.72 24.69 -3.98
CA LEU E 118 24.94 25.78 -3.06
C LEU E 118 25.51 27.02 -3.79
N GLU E 119 25.37 27.05 -5.13
CA GLU E 119 25.82 28.17 -5.97
C GLU E 119 25.23 29.45 -5.47
N PHE E 120 26.09 30.36 -5.07
CA PHE E 120 25.65 31.62 -4.52
C PHE E 120 26.03 32.76 -5.43
N ILE E 121 25.11 33.69 -5.61
CA ILE E 121 25.35 34.87 -6.41
C ILE E 121 25.30 36.00 -5.42
N THR E 122 26.22 36.94 -5.45
CA THR E 122 26.17 38.04 -4.52
C THR E 122 25.43 39.16 -5.18
N GLU E 123 24.53 39.87 -4.51
CA GLU E 123 23.87 40.97 -5.16
C GLU E 123 24.19 42.24 -4.43
N GLY E 124 24.05 43.37 -5.10
CA GLY E 124 24.45 44.64 -4.52
C GLY E 124 23.44 45.29 -3.59
N PHE E 125 23.20 44.71 -2.44
CA PHE E 125 22.30 45.34 -1.52
C PHE E 125 22.97 46.57 -0.97
N THR E 126 22.27 47.68 -0.82
CA THR E 126 22.89 48.88 -0.29
C THR E 126 22.25 49.21 1.04
N TRP E 127 22.95 49.03 2.15
CA TRP E 127 22.35 49.31 3.45
C TRP E 127 22.78 50.72 3.83
N THR E 128 21.92 51.74 3.75
CA THR E 128 22.38 53.08 4.11
C THR E 128 22.05 53.46 5.53
N GLY E 129 23.03 53.84 6.34
CA GLY E 129 22.74 54.31 7.68
C GLY E 129 23.07 53.31 8.76
N VAL E 130 23.58 52.13 8.42
CA VAL E 130 23.93 51.10 9.39
C VAL E 130 25.35 50.64 9.17
N THR E 131 25.94 49.97 10.15
CA THR E 131 27.26 49.39 10.02
C THR E 131 27.15 47.96 9.50
N GLN E 132 27.94 47.55 8.50
CA GLN E 132 27.86 46.22 7.91
C GLN E 132 28.93 45.28 8.39
N ASN E 133 28.85 44.03 8.00
CA ASN E 133 29.88 43.03 8.23
C ASN E 133 30.18 42.72 9.66
N GLY E 134 29.20 42.89 10.54
CA GLY E 134 29.39 42.56 11.94
C GLY E 134 29.76 41.09 12.10
N GLY E 135 30.53 40.74 13.13
CA GLY E 135 30.93 39.37 13.31
C GLY E 135 31.05 39.15 14.79
N SER E 136 31.54 38.02 15.23
CA SER E 136 31.63 37.72 16.62
C SER E 136 32.78 36.79 16.83
N ASN E 137 33.23 36.79 18.06
CA ASN E 137 34.30 35.93 18.45
C ASN E 137 33.88 34.51 18.55
N ALA E 138 32.57 34.21 18.52
CA ALA E 138 32.10 32.84 18.52
C ALA E 138 32.15 32.24 17.13
N CYS E 139 32.39 33.07 16.11
CA CYS E 139 32.46 32.61 14.74
C CYS E 139 33.79 33.07 14.21
N LYS E 140 34.86 32.55 14.79
CA LYS E 140 36.19 33.02 14.48
C LYS E 140 36.54 32.80 13.00
N ARG E 141 36.86 33.84 12.26
CA ARG E 141 37.33 33.55 10.93
C ARG E 141 38.79 33.91 11.02
N GLY E 142 39.57 32.83 11.03
CA GLY E 142 41.01 32.93 11.20
C GLY E 142 41.34 33.47 12.60
N PRO E 143 42.18 34.50 12.71
CA PRO E 143 42.52 35.08 14.00
C PRO E 143 41.33 35.88 14.55
N GLY E 144 40.56 36.49 13.62
CA GLY E 144 39.54 37.45 13.95
C GLY E 144 38.18 36.90 14.27
N SER E 145 37.35 37.83 14.68
CA SER E 145 35.95 37.59 14.88
C SER E 145 35.39 37.50 13.48
N GLY E 146 34.32 36.73 13.25
CA GLY E 146 33.73 36.62 11.92
C GLY E 146 32.27 36.23 12.03
N PHE E 147 31.66 35.89 10.91
CA PHE E 147 30.26 35.51 10.92
C PHE E 147 30.05 34.57 9.75
N PHE E 148 28.83 34.14 9.49
CA PHE E 148 28.54 33.29 8.35
C PHE E 148 28.90 33.98 7.05
N SER E 149 29.60 33.36 6.11
CA SER E 149 29.97 34.04 4.90
C SER E 149 28.78 34.52 4.07
N ARG E 150 27.64 33.83 4.12
CA ARG E 150 26.55 34.25 3.29
C ARG E 150 25.53 35.17 3.93
N LEU E 151 25.77 35.68 5.13
CA LEU E 151 24.81 36.56 5.79
C LEU E 151 25.49 37.86 6.18
N ASN E 152 24.83 38.98 6.46
CA ASN E 152 25.47 40.26 6.73
C ASN E 152 24.85 40.97 7.90
N TRP E 153 25.49 40.95 9.07
CA TRP E 153 24.95 41.47 10.34
C TRP E 153 25.03 42.97 10.42
N LEU E 154 23.93 43.64 10.45
CA LEU E 154 23.95 45.07 10.44
C LEU E 154 23.69 45.53 11.84
N THR E 155 24.37 46.60 12.20
CA THR E 155 24.27 47.25 13.50
C THR E 155 24.13 48.73 13.25
N LYS E 156 23.92 49.57 14.26
CA LYS E 156 23.75 51.01 14.05
C LYS E 156 25.00 51.74 13.57
N SER E 157 24.81 52.92 12.94
CA SER E 157 25.93 53.76 12.61
C SER E 157 25.81 54.98 13.46
N GLY E 158 26.80 55.16 14.31
CA GLY E 158 26.82 56.27 15.24
C GLY E 158 25.70 56.13 16.23
N SER E 159 24.63 56.85 16.04
CA SER E 159 23.57 56.76 17.01
C SER E 159 22.22 56.46 16.44
N THR E 160 22.23 55.86 15.25
CA THR E 160 20.98 55.60 14.58
C THR E 160 20.99 54.33 13.78
N TYR E 161 19.84 53.65 13.77
CA TYR E 161 19.62 52.55 12.90
C TYR E 161 18.37 53.04 12.20
N PRO E 162 18.43 53.44 10.93
CA PRO E 162 17.30 53.94 10.17
C PRO E 162 16.33 52.82 9.82
N VAL E 163 15.19 53.11 9.19
CA VAL E 163 14.36 52.04 8.77
C VAL E 163 14.83 51.58 7.41
N LEU E 164 15.44 50.43 7.36
CA LEU E 164 15.91 49.90 6.12
C LEU E 164 14.72 49.47 5.28
N ASN E 165 14.75 49.78 4.00
CA ASN E 165 13.69 49.42 3.09
C ASN E 165 14.35 49.17 1.75
N VAL E 166 14.83 47.95 1.42
CA VAL E 166 15.53 47.70 0.18
C VAL E 166 14.73 46.81 -0.74
N THR E 167 15.06 46.74 -2.02
CA THR E 167 14.34 45.87 -2.91
C THR E 167 15.28 45.20 -3.87
N MET E 168 14.98 43.98 -4.28
CA MET E 168 15.83 43.24 -5.19
C MET E 168 14.91 42.46 -6.11
N PRO E 169 14.78 42.86 -7.37
CA PRO E 169 13.93 42.26 -8.38
C PRO E 169 14.41 40.95 -8.92
N ASN E 170 13.53 39.96 -9.07
CA ASN E 170 13.97 38.75 -9.70
C ASN E 170 13.70 38.97 -11.16
N ASN E 171 14.76 39.29 -11.88
CA ASN E 171 14.63 39.53 -13.29
C ASN E 171 15.05 38.37 -14.14
N ASP E 172 15.71 37.38 -13.55
CA ASP E 172 16.17 36.23 -14.28
C ASP E 172 15.01 35.32 -14.47
N ASN E 173 15.25 34.22 -15.14
CA ASN E 173 14.19 33.31 -15.46
C ASN E 173 14.21 32.12 -14.52
N PHE E 174 14.71 32.26 -13.31
CA PHE E 174 14.70 31.12 -12.40
C PHE E 174 14.33 31.59 -11.00
N ASP E 175 14.03 30.66 -10.11
CA ASP E 175 13.74 30.99 -8.73
C ASP E 175 15.03 31.32 -8.00
N LYS E 176 14.92 32.26 -7.07
CA LYS E 176 16.05 32.68 -6.26
C LYS E 176 15.74 32.37 -4.81
N LEU E 177 16.57 31.61 -4.09
CA LEU E 177 16.35 31.31 -2.68
C LEU E 177 17.13 32.30 -1.84
N TYR E 178 16.52 33.06 -0.94
CA TYR E 178 17.23 33.99 -0.07
C TYR E 178 17.23 33.50 1.36
N ILE E 179 18.38 33.38 2.02
CA ILE E 179 18.47 32.99 3.43
C ILE E 179 18.79 34.25 4.25
N TRP E 180 17.91 34.66 5.16
CA TRP E 180 18.10 35.84 5.99
C TRP E 180 17.85 35.46 7.43
N GLY E 181 17.87 36.37 8.38
CA GLY E 181 17.63 36.01 9.76
C GLY E 181 17.39 37.22 10.63
N ILE E 182 17.26 36.99 11.92
CA ILE E 182 17.00 38.02 12.88
C ILE E 182 17.87 37.71 14.10
N HIS E 183 18.35 38.73 14.83
CA HIS E 183 19.20 38.53 16.00
C HIS E 183 18.35 38.79 17.21
N HIS E 184 18.33 37.84 18.16
CA HIS E 184 17.62 37.98 19.43
C HIS E 184 18.66 38.36 20.47
N PRO E 185 18.67 39.58 21.01
CA PRO E 185 19.63 40.02 22.00
C PRO E 185 19.43 39.41 23.37
N SER E 186 20.43 39.34 24.23
CA SER E 186 20.23 38.77 25.54
C SER E 186 19.60 39.75 26.49
N THR E 187 19.90 41.03 26.35
CA THR E 187 19.43 42.03 27.31
C THR E 187 18.84 43.23 26.59
N ASN E 188 17.98 44.00 27.23
CA ASN E 188 17.44 45.19 26.61
C ASN E 188 18.58 46.15 26.33
N GLN E 189 19.57 46.21 27.23
CA GLN E 189 20.73 47.03 27.01
C GLN E 189 21.44 46.61 25.73
N GLU E 190 21.64 45.31 25.46
CA GLU E 190 22.24 44.85 24.23
C GLU E 190 21.41 45.31 23.03
N GLN E 191 20.07 45.22 23.14
CA GLN E 191 19.19 45.59 22.04
C GLN E 191 19.44 47.02 21.65
N THR E 192 19.56 47.89 22.64
CA THR E 192 19.72 49.28 22.34
C THR E 192 21.16 49.58 21.93
N SER E 193 22.17 48.94 22.52
CA SER E 193 23.55 49.14 22.13
C SER E 193 23.75 48.88 20.65
N LEU E 194 23.13 47.81 20.15
CA LEU E 194 23.31 47.48 18.76
C LEU E 194 22.29 48.11 17.83
N TYR E 195 21.00 48.12 18.14
CA TYR E 195 20.02 48.54 17.17
C TYR E 195 19.25 49.79 17.55
N VAL E 196 19.59 50.44 18.65
CA VAL E 196 19.02 51.70 19.15
C VAL E 196 17.56 51.55 19.52
N GLN E 197 16.65 51.27 18.57
CA GLN E 197 15.25 51.04 18.86
C GLN E 197 15.12 49.94 19.91
N ALA E 198 14.21 50.02 20.89
CA ALA E 198 14.11 48.96 21.88
C ALA E 198 13.33 47.74 21.44
N SER E 199 12.90 47.71 20.19
CA SER E 199 12.20 46.59 19.64
C SER E 199 12.44 46.56 18.15
N GLY E 200 13.15 45.55 17.68
CA GLY E 200 13.40 45.42 16.26
C GLY E 200 12.19 44.82 15.56
N ARG E 201 12.32 44.57 14.27
CA ARG E 201 11.26 44.05 13.44
C ARG E 201 11.88 43.81 12.11
N VAL E 202 11.66 42.66 11.50
CA VAL E 202 12.14 42.35 10.16
C VAL E 202 10.91 41.93 9.37
N THR E 203 10.61 42.54 8.24
CA THR E 203 9.53 42.10 7.38
C THR E 203 10.14 41.84 6.02
N VAL E 204 10.08 40.63 5.50
CA VAL E 204 10.62 40.28 4.19
C VAL E 204 9.39 39.86 3.40
N SER E 205 9.25 40.32 2.16
CA SER E 205 8.05 40.06 1.40
C SER E 205 8.30 40.07 -0.09
N THR E 206 7.34 39.51 -0.81
CA THR E 206 7.32 39.50 -2.26
C THR E 206 5.92 39.92 -2.66
N ARG E 207 5.51 39.79 -3.90
CA ARG E 207 4.14 40.10 -4.22
C ARG E 207 3.23 39.04 -3.65
N ARG E 208 3.70 37.81 -3.56
CA ARG E 208 2.91 36.68 -3.10
C ARG E 208 2.87 36.43 -1.58
N SER E 209 3.76 37.01 -0.77
CA SER E 209 3.82 36.61 0.63
C SER E 209 4.53 37.65 1.47
N GLN E 210 4.59 37.43 2.78
CA GLN E 210 5.30 38.30 3.69
C GLN E 210 5.61 37.57 4.97
N GLN E 211 6.70 37.88 5.66
CA GLN E 211 7.01 37.34 6.96
C GLN E 211 7.43 38.53 7.77
N THR E 212 6.89 38.71 8.98
CA THR E 212 7.44 39.70 9.87
C THR E 212 7.82 38.94 11.12
N ILE E 213 9.08 39.08 11.53
CA ILE E 213 9.52 38.43 12.74
C ILE E 213 9.91 39.57 13.66
N ILE E 214 9.62 39.45 14.94
CA ILE E 214 10.08 40.43 15.90
C ILE E 214 11.02 39.65 16.81
N PRO E 215 12.17 40.19 17.22
CA PRO E 215 13.15 39.52 18.05
C PRO E 215 12.64 39.18 19.42
N ASN E 216 13.39 38.45 20.24
CA ASN E 216 12.92 38.08 21.56
C ASN E 216 14.08 38.18 22.49
N ILE E 217 14.04 39.16 23.36
CA ILE E 217 15.15 39.44 24.25
C ILE E 217 15.10 38.53 25.46
N GLY E 218 16.22 37.99 25.90
CA GLY E 218 16.23 37.19 27.09
C GLY E 218 17.43 36.30 27.06
N SER E 219 17.84 35.75 28.21
CA SER E 219 19.03 34.94 28.19
C SER E 219 18.75 33.51 27.80
N ARG E 220 19.59 32.97 26.92
CA ARG E 220 19.54 31.57 26.62
C ARG E 220 20.80 30.92 27.19
N PRO E 221 21.04 29.60 27.06
CA PRO E 221 22.25 28.98 27.54
C PRO E 221 23.44 29.47 26.77
N TRP E 222 24.51 29.69 27.50
CA TRP E 222 25.81 30.03 26.96
C TRP E 222 26.21 28.97 25.94
N VAL E 223 26.36 29.41 24.70
CA VAL E 223 26.87 28.61 23.61
C VAL E 223 27.91 29.49 22.98
N ARG E 224 29.16 29.03 23.03
CA ARG E 224 30.35 29.76 22.57
C ARG E 224 30.42 31.20 23.06
N GLY E 225 30.27 31.32 24.38
CA GLY E 225 30.34 32.60 25.02
C GLY E 225 29.08 33.43 24.92
N LEU E 226 28.05 32.98 24.22
CA LEU E 226 26.90 33.83 24.01
C LEU E 226 25.58 33.30 24.53
N SER E 227 24.76 34.23 24.99
CA SER E 227 23.39 33.91 25.38
C SER E 227 22.41 34.39 24.33
N SER E 228 22.86 35.08 23.31
CA SER E 228 21.97 35.53 22.27
C SER E 228 21.87 34.44 21.22
N ARG E 229 21.00 34.62 20.23
CA ARG E 229 20.78 33.62 19.20
C ARG E 229 20.42 34.35 17.94
N ILE E 230 20.60 33.77 16.77
CA ILE E 230 19.98 34.34 15.60
C ILE E 230 19.08 33.24 15.04
N SER E 231 17.92 33.52 14.49
CA SER E 231 17.11 32.47 13.90
C SER E 231 17.16 32.70 12.41
N ILE E 232 17.27 31.63 11.61
CA ILE E 232 17.38 31.64 10.16
C ILE E 232 16.01 31.47 9.51
N TYR E 233 15.72 32.17 8.43
CA TYR E 233 14.48 32.10 7.68
C TYR E 233 14.84 32.05 6.20
N TRP E 234 13.91 31.77 5.30
CA TRP E 234 14.22 31.68 3.89
C TRP E 234 13.07 32.23 3.10
N THR E 235 13.29 32.78 1.92
CA THR E 235 12.24 33.32 1.08
C THR E 235 12.57 32.92 -0.33
N ILE E 236 11.67 32.36 -1.10
CA ILE E 236 12.03 32.08 -2.48
C ILE E 236 11.41 33.19 -3.28
N VAL E 237 12.10 33.79 -4.24
CA VAL E 237 11.53 34.83 -5.07
C VAL E 237 11.48 34.27 -6.49
N LYS E 238 10.28 34.26 -7.07
CA LYS E 238 10.04 33.65 -8.36
C LYS E 238 10.37 34.63 -9.45
N PRO E 239 10.60 34.24 -10.72
CA PRO E 239 10.92 35.14 -11.80
C PRO E 239 9.80 36.15 -11.92
N GLY E 240 10.22 37.39 -12.09
CA GLY E 240 9.27 38.46 -12.24
C GLY E 240 8.81 39.01 -10.91
N ASP E 241 9.13 38.37 -9.77
CA ASP E 241 8.66 38.91 -8.52
C ASP E 241 9.70 39.87 -7.96
N VAL E 242 9.59 40.35 -6.72
CA VAL E 242 10.52 41.31 -6.19
C VAL E 242 10.63 41.11 -4.70
N LEU E 243 11.84 41.14 -4.16
CA LEU E 243 12.02 40.99 -2.73
C LEU E 243 12.03 42.37 -2.11
N VAL E 244 11.36 42.61 -0.99
CA VAL E 244 11.49 43.88 -0.29
C VAL E 244 11.85 43.54 1.14
N ILE E 245 13.01 43.97 1.64
CA ILE E 245 13.43 43.69 3.00
C ILE E 245 13.25 45.00 3.73
N ASN E 246 12.51 44.99 4.81
CA ASN E 246 12.24 46.19 5.55
C ASN E 246 12.46 45.92 7.00
N SER E 247 13.33 46.67 7.63
CA SER E 247 13.61 46.41 9.01
C SER E 247 14.02 47.68 9.68
N ASN E 248 13.86 47.59 10.97
CA ASN E 248 14.03 48.69 11.87
C ASN E 248 14.92 48.27 13.03
N GLY E 249 15.61 47.13 12.87
CA GLY E 249 16.50 46.62 13.89
C GLY E 249 16.55 45.10 13.90
N ASN E 250 17.68 44.56 14.32
CA ASN E 250 17.94 43.15 14.52
C ASN E 250 18.05 42.32 13.27
N LEU E 251 18.09 42.90 12.06
CA LEU E 251 18.16 42.14 10.82
C LEU E 251 19.56 41.61 10.56
N ILE E 252 19.63 40.33 10.19
CA ILE E 252 20.82 39.69 9.67
C ILE E 252 20.49 39.66 8.18
N ALA E 253 21.10 40.50 7.35
CA ALA E 253 20.72 40.66 5.95
C ALA E 253 21.28 39.62 5.02
N PRO E 254 20.67 39.27 3.89
CA PRO E 254 21.20 38.28 2.94
C PRO E 254 22.32 38.92 2.11
N ARG E 255 23.29 38.19 1.55
CA ARG E 255 24.26 38.85 0.67
C ARG E 255 23.98 38.61 -0.82
N GLY E 256 22.88 37.93 -1.14
CA GLY E 256 22.52 37.61 -2.49
C GLY E 256 21.67 36.37 -2.45
N TYR E 257 21.69 35.58 -3.52
CA TYR E 257 20.79 34.44 -3.58
C TYR E 257 21.46 33.16 -3.90
N PHE E 258 20.95 32.06 -3.36
CA PHE E 258 21.36 30.73 -3.78
C PHE E 258 20.51 30.42 -4.95
N LYS E 259 20.99 29.79 -5.97
CA LYS E 259 20.03 29.47 -7.01
C LYS E 259 19.51 28.09 -6.86
N MET E 260 18.23 27.93 -7.10
CA MET E 260 17.61 26.64 -6.90
C MET E 260 17.52 25.83 -8.15
N ARG E 261 17.71 24.52 -8.09
CA ARG E 261 17.36 23.72 -9.24
C ARG E 261 16.47 22.53 -8.90
N THR E 262 16.17 21.70 -9.89
CA THR E 262 15.26 20.59 -9.76
C THR E 262 15.99 19.39 -10.25
N GLY E 263 16.21 18.39 -9.42
CA GLY E 263 17.00 17.25 -9.88
C GLY E 263 16.77 16.05 -9.01
N LYS E 264 17.75 15.16 -8.97
CA LYS E 264 17.58 13.92 -8.24
C LYS E 264 18.39 13.94 -6.96
N SER E 265 18.71 15.14 -6.48
CA SER E 265 19.62 15.26 -5.37
C SER E 265 18.87 15.10 -4.10
N SER E 266 19.56 14.59 -3.10
CA SER E 266 18.98 14.38 -1.81
C SER E 266 20.12 14.35 -0.79
N ILE E 267 19.83 14.12 0.47
CA ILE E 267 20.84 14.12 1.51
C ILE E 267 20.76 12.80 2.24
N MET E 268 21.81 12.30 2.88
CA MET E 268 21.72 11.02 3.59
C MET E 268 22.61 11.07 4.80
N ARG E 269 22.20 10.63 5.97
CA ARG E 269 23.06 10.67 7.11
C ARG E 269 23.67 9.28 7.17
N SER E 270 25.00 9.18 7.15
CA SER E 270 25.70 7.92 7.11
C SER E 270 27.12 8.15 7.55
N ASP E 271 27.70 7.21 8.28
CA ASP E 271 29.11 7.29 8.58
C ASP E 271 29.89 6.27 7.78
N ALA E 272 29.27 5.69 6.77
CA ALA E 272 29.97 4.74 5.94
C ALA E 272 31.03 5.45 5.11
N PRO E 273 32.16 4.81 4.86
CA PRO E 273 33.29 5.28 4.06
C PRO E 273 32.91 5.45 2.64
N ILE E 274 33.38 6.48 1.96
CA ILE E 274 33.15 6.51 0.54
C ILE E 274 34.35 5.83 -0.12
N ASP E 275 34.11 5.16 -1.23
CA ASP E 275 35.09 4.32 -1.85
C ASP E 275 34.94 4.44 -3.34
N THR E 276 35.89 3.96 -4.10
CA THR E 276 35.80 4.12 -5.52
C THR E 276 35.35 2.80 -6.09
N CYS E 277 34.09 2.74 -6.47
CA CYS E 277 33.49 1.57 -7.08
C CYS E 277 32.20 2.03 -7.66
N ILE E 278 31.57 1.32 -8.58
CA ILE E 278 30.37 1.86 -9.17
C ILE E 278 29.24 1.02 -8.61
N SER E 279 28.18 1.67 -8.16
CA SER E 279 27.01 1.02 -7.56
C SER E 279 25.82 1.96 -7.64
N GLU E 280 24.70 1.57 -8.23
CA GLU E 280 23.54 2.43 -8.27
C GLU E 280 22.77 2.64 -6.98
N CYS E 281 22.70 1.65 -6.10
CA CYS E 281 21.90 1.73 -4.90
C CYS E 281 22.74 2.10 -3.68
N ILE E 282 22.38 3.15 -2.95
CA ILE E 282 23.08 3.54 -1.75
C ILE E 282 22.14 3.45 -0.57
N THR E 283 22.67 2.93 0.51
CA THR E 283 21.99 2.68 1.76
C THR E 283 22.88 3.34 2.79
N PRO E 284 22.45 3.91 3.90
CA PRO E 284 23.36 4.49 4.85
C PRO E 284 24.35 3.48 5.38
N ASN E 285 24.09 2.17 5.22
CA ASN E 285 25.04 1.10 5.56
C ASN E 285 26.05 0.86 4.47
N GLY E 286 26.04 1.54 3.35
CA GLY E 286 26.97 1.26 2.27
C GLY E 286 26.17 0.85 1.06
N SER E 287 26.78 0.75 -0.10
CA SER E 287 26.08 0.38 -1.29
C SER E 287 25.75 -1.09 -1.29
N ILE E 288 24.65 -1.45 -1.97
CA ILE E 288 24.19 -2.82 -2.04
C ILE E 288 23.83 -3.12 -3.48
N PRO E 289 24.01 -4.34 -3.97
CA PRO E 289 23.68 -4.71 -5.34
C PRO E 289 22.20 -4.92 -5.60
N ASN E 290 21.74 -4.31 -6.67
CA ASN E 290 20.32 -4.34 -7.01
C ASN E 290 19.99 -5.42 -8.00
N ASP E 291 20.74 -6.49 -7.92
CA ASP E 291 20.52 -7.64 -8.75
C ASP E 291 19.29 -8.35 -8.19
N LYS E 292 19.06 -8.41 -6.86
CA LYS E 292 17.90 -9.12 -6.33
C LYS E 292 16.68 -8.20 -6.30
N PRO E 293 15.41 -8.62 -6.25
CA PRO E 293 14.27 -7.73 -6.20
C PRO E 293 13.93 -7.07 -4.87
N PHE E 294 14.35 -7.62 -3.73
CA PHE E 294 13.98 -7.08 -2.44
C PHE E 294 15.23 -6.95 -1.59
N GLN E 295 15.29 -6.09 -0.59
CA GLN E 295 16.46 -6.04 0.26
C GLN E 295 16.04 -5.86 1.68
N ASN E 296 16.92 -6.24 2.56
CA ASN E 296 16.67 -6.16 3.98
C ASN E 296 17.78 -5.35 4.65
N VAL E 297 18.61 -4.62 3.87
CA VAL E 297 19.70 -3.90 4.50
C VAL E 297 19.19 -2.66 5.24
N ASN E 298 18.43 -1.77 4.60
CA ASN E 298 17.95 -0.58 5.27
C ASN E 298 16.80 0.06 4.49
N LYS E 299 15.80 0.61 5.20
CA LYS E 299 14.61 1.23 4.60
C LYS E 299 14.95 2.57 3.97
N ILE E 300 16.11 3.13 4.30
CA ILE E 300 16.54 4.38 3.75
C ILE E 300 17.40 4.08 2.54
N THR E 301 17.05 4.51 1.35
CA THR E 301 17.87 4.18 0.22
C THR E 301 17.89 5.35 -0.73
N TYR E 302 18.87 5.43 -1.66
CA TYR E 302 18.95 6.44 -2.71
C TYR E 302 19.43 5.74 -3.97
N GLY E 303 18.77 5.92 -5.12
CA GLY E 303 19.22 5.29 -6.35
C GLY E 303 18.38 4.09 -6.79
N ALA E 304 18.84 3.25 -7.76
CA ALA E 304 18.07 2.08 -8.20
C ALA E 304 18.21 0.95 -7.20
N CYS E 305 17.35 0.85 -6.21
CA CYS E 305 17.48 -0.12 -5.14
C CYS E 305 16.39 -1.15 -5.04
N PRO E 306 16.64 -2.32 -4.44
CA PRO E 306 15.61 -3.31 -4.28
C PRO E 306 14.57 -2.79 -3.28
N LYS E 307 13.34 -3.31 -3.29
CA LYS E 307 12.33 -2.87 -2.37
C LYS E 307 12.64 -3.44 -1.02
N TYR E 308 12.69 -2.59 0.00
CA TYR E 308 12.94 -3.05 1.37
C TYR E 308 11.79 -3.89 1.85
N VAL E 309 12.13 -4.96 2.54
CA VAL E 309 11.17 -5.92 2.97
C VAL E 309 11.53 -6.27 4.40
N LYS E 310 10.57 -6.74 5.19
CA LYS E 310 10.85 -7.11 6.58
C LYS E 310 11.63 -8.41 6.55
N GLN E 311 11.33 -9.34 5.65
CA GLN E 311 11.99 -10.64 5.62
C GLN E 311 13.48 -10.64 5.33
N ASN E 312 14.28 -11.45 5.98
CA ASN E 312 15.67 -11.48 5.60
C ASN E 312 15.96 -12.56 4.58
N THR E 313 15.11 -13.57 4.39
CA THR E 313 15.34 -14.50 3.28
C THR E 313 14.04 -14.92 2.58
N LEU E 314 14.02 -14.91 1.24
CA LEU E 314 12.91 -15.40 0.45
C LEU E 314 13.47 -16.11 -0.76
N LYS E 315 13.36 -17.44 -0.78
CA LYS E 315 13.94 -18.27 -1.81
C LYS E 315 12.96 -18.66 -2.85
N LEU E 316 13.29 -18.38 -4.08
CA LEU E 316 12.44 -18.75 -5.18
C LEU E 316 12.92 -20.09 -5.73
N ALA E 317 12.13 -21.15 -5.66
CA ALA E 317 12.51 -22.44 -6.26
C ALA E 317 12.75 -22.24 -7.74
N THR E 318 13.84 -22.82 -8.18
CA THR E 318 14.19 -22.84 -9.57
C THR E 318 14.38 -24.28 -10.02
N GLY E 319 13.75 -25.26 -9.38
CA GLY E 319 13.89 -26.64 -9.81
C GLY E 319 12.76 -27.44 -9.25
N MET E 320 12.63 -28.69 -9.70
CA MET E 320 11.53 -29.56 -9.31
C MET E 320 11.61 -30.01 -7.87
N ARG E 321 10.65 -30.78 -7.41
CA ARG E 321 10.74 -31.32 -6.07
C ARG E 321 11.94 -32.25 -6.00
N ASN E 322 12.61 -32.33 -4.84
CA ASN E 322 13.74 -33.22 -4.70
C ASN E 322 13.28 -34.51 -4.06
N VAL E 323 13.19 -35.63 -4.76
CA VAL E 323 12.76 -36.89 -4.18
C VAL E 323 13.97 -37.83 -4.31
N PRO E 324 15.01 -37.76 -3.49
CA PRO E 324 16.21 -38.57 -3.61
C PRO E 324 16.07 -40.06 -3.45
N GLU E 325 17.15 -40.70 -3.84
CA GLU E 325 17.23 -42.14 -3.78
C GLU E 325 17.35 -42.62 -2.35
N LYS E 326 18.33 -42.12 -1.59
CA LYS E 326 18.48 -42.63 -0.26
C LYS E 326 17.76 -41.78 0.79
N GLN E 327 18.24 -40.55 1.03
CA GLN E 327 17.86 -39.66 2.13
C GLN E 327 18.46 -38.30 1.78
N THR E 328 18.10 -37.39 2.69
CA THR E 328 18.48 -36.01 2.76
C THR E 328 18.48 -35.79 4.30
N GLY F 1 2.91 -33.14 -7.50
CA GLY F 1 2.06 -31.95 -7.39
C GLY F 1 0.72 -32.23 -8.08
N LEU F 2 0.21 -31.34 -8.93
CA LEU F 2 -1.09 -31.56 -9.51
C LEU F 2 -1.19 -32.80 -10.37
N PHE F 3 -0.12 -33.27 -10.98
CA PHE F 3 -0.30 -34.37 -11.91
C PHE F 3 0.03 -35.70 -11.30
N GLY F 4 0.75 -35.68 -10.19
CA GLY F 4 1.02 -36.92 -9.49
C GLY F 4 2.07 -37.79 -10.15
N ALA F 5 2.95 -37.25 -10.99
CA ALA F 5 4.03 -38.05 -11.51
C ALA F 5 5.20 -37.93 -10.54
N ILE F 6 5.85 -36.75 -10.43
CA ILE F 6 6.97 -36.51 -9.52
C ILE F 6 6.41 -36.65 -8.11
N ALA F 7 7.14 -37.42 -7.32
CA ALA F 7 6.80 -37.76 -5.96
C ALA F 7 5.39 -38.31 -5.94
N GLY F 8 5.07 -39.08 -6.96
CA GLY F 8 3.75 -39.63 -7.17
C GLY F 8 3.96 -40.99 -7.78
N PHE F 9 3.48 -41.23 -9.00
CA PHE F 9 3.61 -42.55 -9.57
C PHE F 9 5.03 -42.90 -9.91
N ILE F 10 5.90 -41.93 -10.02
CA ILE F 10 7.31 -42.18 -10.21
C ILE F 10 7.79 -42.08 -8.79
N GLU F 11 8.19 -43.19 -8.21
CA GLU F 11 8.50 -43.22 -6.79
C GLU F 11 9.58 -42.28 -6.27
N ASN F 12 10.62 -41.97 -7.07
CA ASN F 12 11.66 -41.07 -6.65
C ASN F 12 12.53 -40.72 -7.82
N GLY F 13 13.39 -39.76 -7.62
CA GLY F 13 14.28 -39.28 -8.65
C GLY F 13 15.53 -40.11 -8.70
N TRP F 14 16.37 -39.81 -9.67
CA TRP F 14 17.59 -40.53 -9.86
C TRP F 14 18.68 -39.54 -9.65
N GLU F 15 19.44 -39.68 -8.56
CA GLU F 15 20.57 -38.79 -8.30
C GLU F 15 21.64 -39.07 -9.34
N GLY F 16 21.59 -40.30 -9.85
CA GLY F 16 22.48 -40.71 -10.91
C GLY F 16 22.35 -39.90 -12.19
N MET F 17 21.20 -39.31 -12.49
CA MET F 17 21.08 -38.68 -13.78
C MET F 17 21.68 -37.30 -13.70
N ILE F 18 22.78 -37.03 -14.40
CA ILE F 18 23.45 -35.76 -14.24
C ILE F 18 23.47 -34.98 -15.53
N ASP F 19 22.92 -35.54 -16.60
CA ASP F 19 22.98 -34.91 -17.90
C ASP F 19 21.67 -34.26 -18.32
N GLY F 20 20.66 -34.15 -17.46
CA GLY F 20 19.41 -33.48 -17.82
C GLY F 20 18.44 -33.63 -16.68
N TRP F 21 17.21 -33.13 -16.80
CA TRP F 21 16.29 -33.19 -15.68
C TRP F 21 15.33 -34.36 -15.76
N TYR F 22 14.99 -34.79 -16.96
CA TYR F 22 14.06 -35.90 -17.10
C TYR F 22 14.77 -36.85 -18.03
N GLY F 23 14.42 -38.13 -18.05
CA GLY F 23 15.12 -39.03 -18.93
C GLY F 23 14.67 -40.45 -18.79
N PHE F 24 15.37 -41.31 -19.50
CA PHE F 24 15.05 -42.72 -19.62
C PHE F 24 16.13 -43.67 -19.05
N ARG F 25 15.68 -44.82 -18.49
CA ARG F 25 16.50 -45.94 -17.99
C ARG F 25 15.87 -47.18 -18.58
N HIS F 26 16.63 -48.09 -19.22
CA HIS F 26 16.04 -49.24 -19.93
C HIS F 26 16.77 -50.53 -19.65
N GLN F 27 16.13 -51.68 -19.89
CA GLN F 27 16.73 -52.98 -19.74
C GLN F 27 16.21 -53.79 -20.90
N ASN F 28 17.07 -54.20 -21.81
CA ASN F 28 16.72 -55.02 -22.97
C ASN F 28 17.73 -56.15 -23.12
N SER F 29 17.53 -56.98 -24.15
CA SER F 29 18.42 -58.11 -24.43
C SER F 29 19.87 -57.75 -24.75
N GLU F 30 20.21 -56.47 -24.84
CA GLU F 30 21.59 -56.07 -25.06
C GLU F 30 22.15 -55.51 -23.77
N GLY F 31 21.31 -55.00 -22.88
CA GLY F 31 21.82 -54.47 -21.65
C GLY F 31 20.88 -53.53 -20.95
N THR F 32 21.49 -52.51 -20.39
CA THR F 32 20.77 -51.54 -19.60
C THR F 32 21.38 -50.19 -19.89
N GLY F 33 20.68 -49.07 -19.70
CA GLY F 33 21.30 -47.78 -19.94
C GLY F 33 20.40 -46.65 -19.52
N GLN F 34 20.99 -45.48 -19.43
CA GLN F 34 20.29 -44.29 -18.98
C GLN F 34 20.57 -43.20 -20.01
N ALA F 35 19.72 -42.18 -20.14
CA ALA F 35 19.90 -41.11 -21.10
C ALA F 35 18.97 -39.96 -20.77
N ALA F 36 19.43 -38.72 -20.59
CA ALA F 36 18.52 -37.62 -20.28
C ALA F 36 17.72 -37.25 -21.49
N ASP F 37 16.48 -36.80 -21.32
CA ASP F 37 15.67 -36.29 -22.43
C ASP F 37 15.93 -34.81 -22.48
N LEU F 38 16.46 -34.27 -23.57
CA LEU F 38 16.77 -32.86 -23.54
C LEU F 38 15.63 -31.96 -23.93
N LYS F 39 14.58 -32.43 -24.61
CA LYS F 39 13.46 -31.55 -24.92
C LYS F 39 12.65 -31.18 -23.70
N SER F 40 12.31 -32.13 -22.83
CA SER F 40 11.56 -31.81 -21.67
C SER F 40 12.47 -31.09 -20.69
N THR F 41 13.74 -31.46 -20.58
CA THR F 41 14.63 -30.68 -19.76
C THR F 41 14.67 -29.21 -20.17
N GLN F 42 14.76 -28.93 -21.48
CA GLN F 42 14.78 -27.56 -21.92
C GLN F 42 13.44 -26.87 -21.66
N ALA F 43 12.31 -27.54 -21.91
CA ALA F 43 11.01 -26.96 -21.63
C ALA F 43 10.88 -26.54 -20.19
N ALA F 44 11.22 -27.41 -19.25
CA ALA F 44 11.19 -27.03 -17.85
C ALA F 44 12.13 -25.86 -17.56
N ILE F 45 13.36 -25.89 -18.08
CA ILE F 45 14.32 -24.83 -17.80
C ILE F 45 13.90 -23.49 -18.35
N ASP F 46 13.42 -23.46 -19.58
CA ASP F 46 13.00 -22.22 -20.19
C ASP F 46 11.87 -21.56 -19.45
N GLN F 47 10.89 -22.34 -18.99
CA GLN F 47 9.79 -21.77 -18.20
C GLN F 47 10.28 -21.16 -16.90
N ILE F 48 11.05 -21.93 -16.13
CA ILE F 48 11.59 -21.46 -14.87
C ILE F 48 12.45 -20.24 -15.13
N ASN F 49 13.21 -20.14 -16.21
CA ASN F 49 13.96 -18.93 -16.46
C ASN F 49 13.10 -17.74 -16.84
N GLY F 50 11.97 -17.99 -17.50
CA GLY F 50 11.10 -16.93 -17.90
C GLY F 50 10.53 -16.31 -16.65
N LYS F 51 10.05 -17.20 -15.80
CA LYS F 51 9.52 -16.86 -14.50
C LYS F 51 10.56 -16.05 -13.74
N LEU F 52 11.79 -16.51 -13.75
CA LEU F 52 12.87 -15.88 -13.04
C LEU F 52 13.19 -14.50 -13.54
N ASN F 53 13.18 -14.29 -14.85
CA ASN F 53 13.55 -12.98 -15.36
C ASN F 53 12.49 -11.95 -15.06
N ARG F 54 11.22 -12.32 -15.09
CA ARG F 54 10.15 -11.39 -14.86
C ARG F 54 10.29 -10.86 -13.45
N VAL F 55 10.74 -11.67 -12.48
CA VAL F 55 10.91 -11.26 -11.10
C VAL F 55 12.11 -10.37 -10.93
N ILE F 56 13.09 -10.41 -11.82
CA ILE F 56 14.25 -9.53 -11.66
C ILE F 56 14.17 -8.26 -12.54
N GLU F 57 13.03 -8.12 -13.26
CA GLU F 57 12.67 -6.98 -14.11
C GLU F 57 12.65 -5.70 -13.22
N LYS F 58 13.48 -4.74 -13.68
CA LYS F 58 13.72 -3.39 -13.11
C LYS F 58 13.34 -2.99 -11.67
N THR F 59 14.39 -2.74 -10.90
CA THR F 59 14.23 -2.08 -9.63
C THR F 59 13.84 -0.66 -10.01
N ASN F 60 12.82 -0.09 -9.43
CA ASN F 60 12.49 1.29 -9.74
C ASN F 60 13.42 2.14 -8.89
N GLU F 61 13.84 3.32 -9.38
CA GLU F 61 14.76 4.12 -8.60
C GLU F 61 14.09 5.26 -7.91
N LYS F 62 14.56 5.62 -6.75
CA LYS F 62 13.93 6.67 -5.99
C LYS F 62 15.02 7.54 -5.48
N PHE F 63 14.79 8.86 -5.52
CA PHE F 63 15.77 9.82 -5.06
C PHE F 63 15.33 10.47 -3.76
N HIS F 64 15.06 11.78 -3.69
CA HIS F 64 14.65 12.44 -2.46
C HIS F 64 13.34 11.84 -1.94
N GLN F 65 13.23 11.42 -0.68
CA GLN F 65 12.00 10.77 -0.23
C GLN F 65 11.51 11.38 1.08
N ILE F 66 11.06 10.67 2.11
CA ILE F 66 10.78 11.32 3.37
C ILE F 66 11.87 10.88 4.33
N GLU F 67 11.99 11.55 5.46
CA GLU F 67 12.92 11.11 6.49
C GLU F 67 12.40 9.87 7.18
N LYS F 68 13.25 8.94 7.55
CA LYS F 68 12.72 7.72 8.15
C LYS F 68 13.37 7.37 9.48
N GLU F 69 14.07 8.33 10.05
CA GLU F 69 14.77 8.19 11.29
C GLU F 69 14.75 9.59 11.90
N PHE F 70 14.56 9.72 13.21
CA PHE F 70 14.37 11.01 13.87
C PHE F 70 15.06 10.95 15.21
N SER F 71 15.68 12.01 15.70
CA SER F 71 16.24 11.98 17.04
C SER F 71 15.43 12.72 18.12
N GLU F 72 14.51 13.63 17.77
CA GLU F 72 13.77 14.30 18.82
C GLU F 72 12.34 13.81 18.77
N VAL F 73 11.45 14.16 19.71
CA VAL F 73 10.07 13.67 19.71
C VAL F 73 9.19 14.80 19.28
N GLU F 74 8.47 14.62 18.18
CA GLU F 74 7.74 15.76 17.66
C GLU F 74 6.24 15.67 17.71
N GLY F 75 5.65 14.46 17.79
CA GLY F 75 4.20 14.37 17.81
C GLY F 75 3.54 14.15 16.44
N ARG F 76 2.46 14.87 16.18
CA ARG F 76 1.59 14.62 15.08
C ARG F 76 2.22 14.39 13.71
N ILE F 77 3.01 15.33 13.19
CA ILE F 77 3.58 15.13 11.87
C ILE F 77 4.60 13.97 11.84
N GLN F 78 5.39 13.79 12.90
CA GLN F 78 6.37 12.72 12.88
C GLN F 78 5.68 11.37 13.05
N ASP F 79 4.55 11.32 13.75
CA ASP F 79 3.80 10.09 13.89
C ASP F 79 3.29 9.61 12.53
N LEU F 80 2.91 10.55 11.64
CA LEU F 80 2.43 10.24 10.30
C LEU F 80 3.57 9.82 9.40
N GLU F 81 4.74 10.46 9.48
CA GLU F 81 5.87 10.05 8.68
C GLU F 81 6.25 8.62 8.96
N LYS F 82 6.28 8.25 10.25
CA LYS F 82 6.58 6.90 10.64
C LYS F 82 5.49 5.96 10.15
N TYR F 83 4.19 6.31 10.29
CA TYR F 83 3.10 5.44 9.86
C TYR F 83 3.03 5.20 8.36
N VAL F 84 3.30 6.23 7.54
CA VAL F 84 3.31 6.01 6.09
C VAL F 84 4.37 4.98 5.73
N GLU F 85 5.58 5.10 6.29
CA GLU F 85 6.60 4.14 5.98
C GLU F 85 6.29 2.75 6.51
N ASP F 86 5.77 2.63 7.75
CA ASP F 86 5.55 1.30 8.26
C ASP F 86 4.43 0.63 7.51
N THR F 87 3.38 1.37 7.11
CA THR F 87 2.37 0.65 6.37
C THR F 87 2.91 0.38 4.96
N LYS F 88 3.90 1.15 4.44
CA LYS F 88 4.45 0.81 3.14
C LYS F 88 5.23 -0.49 3.24
N ILE F 89 6.11 -0.63 4.24
CA ILE F 89 6.95 -1.80 4.39
C ILE F 89 6.09 -3.05 4.56
N ASP F 90 5.05 -3.01 5.39
CA ASP F 90 4.23 -4.19 5.57
C ASP F 90 3.57 -4.58 4.26
N LEU F 91 3.16 -3.64 3.42
CA LEU F 91 2.48 -3.97 2.19
C LEU F 91 3.48 -4.57 1.25
N TRP F 92 4.71 -4.03 1.17
CA TRP F 92 5.67 -4.66 0.27
C TRP F 92 6.14 -5.99 0.80
N SER F 93 6.17 -6.22 2.11
CA SER F 93 6.60 -7.50 2.64
C SER F 93 5.59 -8.58 2.38
N TYR F 94 4.29 -8.21 2.44
CA TYR F 94 3.21 -9.10 2.12
C TYR F 94 3.36 -9.52 0.68
N ASN F 95 3.54 -8.54 -0.21
CA ASN F 95 3.68 -8.86 -1.62
C ASN F 95 4.83 -9.81 -1.87
N ALA F 96 5.98 -9.63 -1.24
CA ALA F 96 7.10 -10.53 -1.49
C ALA F 96 6.77 -11.96 -1.02
N GLU F 97 6.24 -12.08 0.18
CA GLU F 97 5.90 -13.36 0.75
C GLU F 97 4.83 -14.11 -0.07
N LEU F 98 3.80 -13.45 -0.61
CA LEU F 98 2.81 -14.13 -1.44
C LEU F 98 3.41 -14.42 -2.80
N LEU F 99 4.25 -13.52 -3.34
CA LEU F 99 4.81 -13.74 -4.64
C LEU F 99 5.63 -15.02 -4.63
N VAL F 100 6.63 -15.23 -3.73
CA VAL F 100 7.38 -16.48 -3.80
C VAL F 100 6.48 -17.68 -3.51
N ALA F 101 5.48 -17.53 -2.63
CA ALA F 101 4.59 -18.66 -2.36
C ALA F 101 3.83 -19.12 -3.60
N LEU F 102 3.27 -18.20 -4.39
CA LEU F 102 2.55 -18.59 -5.61
C LEU F 102 3.53 -19.19 -6.59
N GLU F 103 4.61 -18.45 -6.88
CA GLU F 103 5.64 -18.89 -7.77
C GLU F 103 6.11 -20.30 -7.50
N ASN F 104 6.39 -20.60 -6.24
CA ASN F 104 6.95 -21.88 -5.86
C ASN F 104 5.98 -23.02 -6.09
N GLN F 105 4.74 -22.76 -5.75
CA GLN F 105 3.71 -23.74 -5.92
C GLN F 105 3.61 -24.07 -7.40
N HIS F 106 3.65 -23.02 -8.22
CA HIS F 106 3.54 -23.16 -9.64
C HIS F 106 4.72 -23.90 -10.21
N THR F 107 5.92 -23.65 -9.71
CA THR F 107 7.09 -24.32 -10.23
C THR F 107 7.01 -25.82 -9.94
N ILE F 108 6.65 -26.23 -8.74
CA ILE F 108 6.49 -27.64 -8.48
C ILE F 108 5.41 -28.23 -9.37
N ASP F 109 4.30 -27.55 -9.68
CA ASP F 109 3.30 -28.16 -10.54
C ASP F 109 3.74 -28.20 -11.97
N LEU F 110 4.39 -27.14 -12.46
CA LEU F 110 4.93 -27.04 -13.81
C LEU F 110 5.93 -28.16 -14.10
N THR F 111 6.87 -28.44 -13.18
CA THR F 111 7.82 -29.54 -13.42
C THR F 111 7.13 -30.92 -13.32
N ASP F 112 6.13 -31.05 -12.43
CA ASP F 112 5.32 -32.27 -12.33
C ASP F 112 4.63 -32.52 -13.69
N SER F 113 4.14 -31.42 -14.27
CA SER F 113 3.51 -31.39 -15.57
C SER F 113 4.44 -31.93 -16.62
N GLU F 114 5.63 -31.34 -16.78
CA GLU F 114 6.56 -31.79 -17.81
C GLU F 114 6.91 -33.26 -17.71
N MET F 115 7.06 -33.77 -16.48
CA MET F 115 7.37 -35.19 -16.29
C MET F 115 6.25 -36.00 -16.86
N ASN F 116 5.05 -35.70 -16.36
CA ASN F 116 3.88 -36.40 -16.84
C ASN F 116 3.71 -36.25 -18.35
N LYS F 117 3.97 -35.09 -18.96
CA LYS F 117 3.82 -34.94 -20.41
C LYS F 117 4.80 -35.86 -21.12
N LEU F 118 6.04 -36.04 -20.65
CA LEU F 118 7.01 -36.91 -21.30
C LEU F 118 6.52 -38.32 -21.23
N PHE F 119 5.92 -38.67 -20.08
CA PHE F 119 5.38 -39.99 -19.92
C PHE F 119 4.30 -40.21 -20.97
N GLU F 120 3.33 -39.30 -21.05
CA GLU F 120 2.25 -39.41 -22.01
C GLU F 120 2.70 -39.49 -23.44
N LYS F 121 3.74 -38.73 -23.74
CA LYS F 121 4.26 -38.68 -25.08
C LYS F 121 4.81 -40.04 -25.39
N THR F 122 5.59 -40.65 -24.50
CA THR F 122 6.17 -41.97 -24.76
C THR F 122 5.07 -42.99 -24.86
N ARG F 123 4.04 -42.90 -24.02
CA ARG F 123 2.90 -43.82 -24.07
C ARG F 123 2.27 -43.84 -25.46
N ARG F 124 1.91 -42.64 -25.94
CA ARG F 124 1.27 -42.48 -27.22
C ARG F 124 2.06 -43.06 -28.37
N GLN F 125 3.37 -42.95 -28.29
CA GLN F 125 4.28 -43.43 -29.31
C GLN F 125 4.32 -44.96 -29.38
N LEU F 126 4.39 -45.59 -28.20
CA LEU F 126 4.47 -47.03 -28.13
C LEU F 126 3.20 -47.73 -28.55
N ARG F 127 2.07 -47.05 -28.62
CA ARG F 127 0.83 -47.65 -29.12
C ARG F 127 0.44 -48.99 -28.50
N GLU F 128 0.00 -50.00 -29.25
CA GLU F 128 -0.38 -51.29 -28.70
C GLU F 128 0.76 -52.20 -28.33
N ASN F 129 2.02 -51.74 -28.42
CA ASN F 129 3.16 -52.63 -28.23
C ASN F 129 3.69 -52.63 -26.81
N ALA F 130 3.17 -51.81 -25.92
CA ALA F 130 3.71 -51.82 -24.59
C ALA F 130 2.60 -51.63 -23.59
N GLU F 131 2.89 -51.99 -22.37
CA GLU F 131 1.95 -51.79 -21.29
C GLU F 131 2.56 -51.00 -20.14
N GLU F 132 1.76 -50.14 -19.55
CA GLU F 132 2.24 -49.35 -18.45
C GLU F 132 2.30 -50.15 -17.18
N MET F 133 3.48 -50.43 -16.64
CA MET F 133 3.59 -51.12 -15.38
C MET F 133 3.16 -50.25 -14.21
N GLY F 134 2.66 -49.04 -14.41
CA GLY F 134 2.16 -48.22 -13.32
C GLY F 134 3.18 -47.53 -12.40
N ASN F 135 4.46 -47.58 -12.69
CA ASN F 135 5.44 -46.91 -11.88
C ASN F 135 6.29 -46.09 -12.83
N GLY F 136 5.71 -45.62 -13.92
CA GLY F 136 6.50 -44.87 -14.86
C GLY F 136 7.35 -45.74 -15.78
N CYS F 137 7.25 -47.08 -15.73
CA CYS F 137 7.97 -47.94 -16.66
C CYS F 137 7.05 -48.66 -17.62
N PHE F 138 7.36 -48.64 -18.90
CA PHE F 138 6.61 -49.41 -19.85
C PHE F 138 7.29 -50.74 -20.04
N LYS F 139 6.50 -51.78 -20.06
CA LYS F 139 6.95 -53.09 -20.47
C LYS F 139 6.78 -53.15 -21.97
N ILE F 140 7.85 -53.17 -22.75
CA ILE F 140 7.72 -53.24 -24.20
C ILE F 140 7.61 -54.72 -24.58
N TYR F 141 6.61 -55.16 -25.34
CA TYR F 141 6.42 -56.58 -25.66
C TYR F 141 6.96 -57.05 -27.00
N HIS F 142 8.23 -56.83 -27.29
CA HIS F 142 8.81 -57.27 -28.54
C HIS F 142 10.30 -57.09 -28.43
N LYS F 143 11.13 -57.69 -29.27
CA LYS F 143 12.57 -57.54 -29.11
C LYS F 143 12.95 -56.08 -29.38
N CYS F 144 13.56 -55.40 -28.42
CA CYS F 144 13.89 -54.03 -28.68
C CYS F 144 15.35 -53.78 -28.35
N ASP F 145 16.19 -53.83 -29.38
CA ASP F 145 17.62 -53.60 -29.20
C ASP F 145 17.87 -52.13 -28.93
N ASN F 146 19.13 -51.76 -28.78
CA ASN F 146 19.49 -50.41 -28.43
C ASN F 146 19.06 -49.39 -29.47
N ALA F 147 18.97 -49.74 -30.76
CA ALA F 147 18.55 -48.77 -31.74
C ALA F 147 17.06 -48.58 -31.64
N CYS F 148 16.37 -49.65 -31.26
CA CYS F 148 14.95 -49.54 -31.00
C CYS F 148 14.75 -48.57 -29.84
N ILE F 149 15.37 -48.79 -28.67
CA ILE F 149 15.27 -47.87 -27.54
C ILE F 149 15.62 -46.47 -28.01
N GLU F 150 16.66 -46.27 -28.79
CA GLU F 150 17.00 -44.95 -29.29
C GLU F 150 15.88 -44.37 -30.13
N SER F 151 15.18 -45.13 -30.97
CA SER F 151 14.12 -44.55 -31.75
C SER F 151 12.95 -44.10 -30.91
N ILE F 152 12.69 -44.75 -29.77
CA ILE F 152 11.62 -44.31 -28.86
C ILE F 152 12.03 -42.98 -28.27
N ARG F 153 13.29 -42.90 -27.83
CA ARG F 153 13.82 -41.71 -27.22
C ARG F 153 13.81 -40.55 -28.18
N ASN F 154 14.36 -40.70 -29.40
CA ASN F 154 14.37 -39.60 -30.33
C ASN F 154 13.10 -39.49 -31.13
N GLY F 155 12.07 -40.21 -30.78
CA GLY F 155 10.75 -39.99 -31.34
C GLY F 155 10.50 -40.48 -32.75
N THR F 156 11.27 -41.43 -33.23
CA THR F 156 11.03 -41.93 -34.56
C THR F 156 10.53 -43.38 -34.53
N TYR F 157 10.16 -43.91 -33.36
CA TYR F 157 9.76 -45.31 -33.26
C TYR F 157 8.54 -45.63 -34.09
N ASP F 158 8.62 -46.59 -35.02
CA ASP F 158 7.45 -46.96 -35.81
C ASP F 158 6.79 -48.17 -35.22
N HIS F 159 5.63 -47.96 -34.62
CA HIS F 159 4.96 -49.02 -33.92
C HIS F 159 4.56 -50.12 -34.82
N ASP F 160 4.27 -49.82 -36.08
CA ASP F 160 3.77 -50.83 -36.98
C ASP F 160 4.75 -51.94 -37.20
N VAL F 161 6.02 -51.53 -37.32
CA VAL F 161 7.13 -52.44 -37.49
C VAL F 161 7.07 -53.55 -36.46
N TYR F 162 6.52 -53.33 -35.26
CA TYR F 162 6.49 -54.39 -34.25
C TYR F 162 5.12 -54.76 -33.78
N ARG F 163 4.06 -54.26 -34.41
CA ARG F 163 2.74 -54.49 -33.88
C ARG F 163 2.34 -55.96 -33.77
N ASP F 164 2.59 -56.79 -34.78
CA ASP F 164 2.18 -58.19 -34.73
C ASP F 164 2.99 -58.95 -33.72
N GLU F 165 4.31 -58.70 -33.66
CA GLU F 165 5.15 -59.38 -32.68
C GLU F 165 4.63 -59.02 -31.29
N ALA F 166 4.43 -57.74 -31.05
CA ALA F 166 3.95 -57.26 -29.78
C ALA F 166 2.58 -57.81 -29.46
N LEU F 167 1.61 -57.76 -30.35
CA LEU F 167 0.27 -58.21 -30.03
C LEU F 167 0.20 -59.70 -29.73
N ASN F 168 1.08 -60.47 -30.36
CA ASN F 168 1.15 -61.90 -30.07
C ASN F 168 1.63 -62.17 -28.65
N ASN F 169 2.80 -61.58 -28.33
CA ASN F 169 3.46 -61.63 -27.02
C ASN F 169 2.54 -61.16 -25.90
N ARG F 170 1.75 -60.15 -26.20
CA ARG F 170 0.96 -59.46 -25.22
C ARG F 170 -0.34 -60.15 -24.94
N PHE F 171 -1.07 -60.49 -25.98
CA PHE F 171 -2.36 -61.09 -25.76
C PHE F 171 -2.28 -62.59 -25.85
N GLN F 172 -2.22 -63.15 -27.08
CA GLN F 172 -2.31 -64.59 -27.33
C GLN F 172 -2.02 -65.53 -26.18
N ILE F 173 -0.79 -65.48 -25.63
CA ILE F 173 -0.29 -66.34 -24.56
C ILE F 173 -1.09 -67.61 -24.25
N LYS F 174 -2.13 -67.58 -23.41
CA LYS F 174 -2.85 -68.80 -23.11
C LYS F 174 -4.20 -68.46 -22.46
N GLY F 175 -4.69 -67.27 -22.75
CA GLY F 175 -5.95 -66.80 -22.22
C GLY F 175 -6.32 -65.56 -23.01
#